data_5YKU
# 
_entry.id   5YKU 
# 
_audit_conform.dict_name       mmcif_pdbx.dic 
_audit_conform.dict_version    5.398 
_audit_conform.dict_location   http://mmcif.pdb.org/dictionaries/ascii/mmcif_pdbx.dic 
# 
loop_
_database_2.database_id 
_database_2.database_code 
_database_2.pdbx_database_accession 
_database_2.pdbx_DOI 
PDB   5YKU         pdb_00005yku 10.2210/pdb5yku/pdb 
WWPDB D_1300005454 ?            ?                   
# 
loop_
_pdbx_audit_revision_history.ordinal 
_pdbx_audit_revision_history.data_content_type 
_pdbx_audit_revision_history.major_revision 
_pdbx_audit_revision_history.minor_revision 
_pdbx_audit_revision_history.revision_date 
1 'Structure model' 1 0 2018-10-24 
2 'Structure model' 1 1 2019-02-27 
3 'Structure model' 1 2 2019-03-13 
4 'Structure model' 1 3 2024-11-06 
# 
_pdbx_audit_revision_details.ordinal             1 
_pdbx_audit_revision_details.revision_ordinal    1 
_pdbx_audit_revision_details.data_content_type   'Structure model' 
_pdbx_audit_revision_details.provider            repository 
_pdbx_audit_revision_details.type                'Initial release' 
_pdbx_audit_revision_details.description         ? 
_pdbx_audit_revision_details.details             ? 
# 
loop_
_pdbx_audit_revision_group.ordinal 
_pdbx_audit_revision_group.revision_ordinal 
_pdbx_audit_revision_group.data_content_type 
_pdbx_audit_revision_group.group 
1 2 'Structure model' 'Data collection'      
2 2 'Structure model' 'Database references'  
3 3 'Structure model' 'Data collection'      
4 3 'Structure model' 'Database references'  
5 4 'Structure model' 'Data collection'      
6 4 'Structure model' 'Database references'  
7 4 'Structure model' 'Derived calculations' 
8 4 'Structure model' 'Structure summary'    
# 
loop_
_pdbx_audit_revision_category.ordinal 
_pdbx_audit_revision_category.revision_ordinal 
_pdbx_audit_revision_category.data_content_type 
_pdbx_audit_revision_category.category 
1  2 'Structure model' citation                  
2  2 'Structure model' citation_author           
3  3 'Structure model' citation                  
4  3 'Structure model' citation_author           
5  4 'Structure model' chem_comp_atom            
6  4 'Structure model' chem_comp_bond            
7  4 'Structure model' database_2                
8  4 'Structure model' pdbx_entry_details        
9  4 'Structure model' pdbx_modification_feature 
10 4 'Structure model' pdbx_struct_conn_angle    
11 4 'Structure model' struct_conn               
# 
loop_
_pdbx_audit_revision_item.ordinal 
_pdbx_audit_revision_item.revision_ordinal 
_pdbx_audit_revision_item.data_content_type 
_pdbx_audit_revision_item.item 
1  2 'Structure model' '_citation.country'                           
2  2 'Structure model' '_citation.journal_abbrev'                    
3  2 'Structure model' '_citation.journal_id_CSD'                    
4  2 'Structure model' '_citation.journal_id_ISSN'                   
5  2 'Structure model' '_citation.journal_volume'                    
6  2 'Structure model' '_citation.pdbx_database_id_DOI'              
7  2 'Structure model' '_citation.title'                             
8  2 'Structure model' '_citation.year'                              
9  3 'Structure model' '_citation.page_first'                        
10 3 'Structure model' '_citation.page_last'                         
11 3 'Structure model' '_citation.pdbx_database_id_PubMed'           
12 3 'Structure model' '_citation.title'                             
13 3 'Structure model' '_citation_author.identifier_ORCID'           
14 4 'Structure model' '_database_2.pdbx_DOI'                        
15 4 'Structure model' '_database_2.pdbx_database_accession'         
16 4 'Structure model' '_pdbx_struct_conn_angle.ptnr1_auth_comp_id'  
17 4 'Structure model' '_pdbx_struct_conn_angle.ptnr1_auth_seq_id'   
18 4 'Structure model' '_pdbx_struct_conn_angle.ptnr1_label_asym_id' 
19 4 'Structure model' '_pdbx_struct_conn_angle.ptnr1_label_atom_id' 
20 4 'Structure model' '_pdbx_struct_conn_angle.ptnr1_label_comp_id' 
21 4 'Structure model' '_pdbx_struct_conn_angle.ptnr1_label_seq_id'  
22 4 'Structure model' '_pdbx_struct_conn_angle.ptnr2_auth_seq_id'   
23 4 'Structure model' '_pdbx_struct_conn_angle.ptnr2_label_asym_id' 
24 4 'Structure model' '_pdbx_struct_conn_angle.ptnr2_symmetry'      
25 4 'Structure model' '_pdbx_struct_conn_angle.ptnr3_auth_comp_id'  
26 4 'Structure model' '_pdbx_struct_conn_angle.ptnr3_auth_seq_id'   
27 4 'Structure model' '_pdbx_struct_conn_angle.ptnr3_label_asym_id' 
28 4 'Structure model' '_pdbx_struct_conn_angle.ptnr3_label_atom_id' 
29 4 'Structure model' '_pdbx_struct_conn_angle.ptnr3_label_comp_id' 
30 4 'Structure model' '_pdbx_struct_conn_angle.ptnr3_label_seq_id'  
31 4 'Structure model' '_pdbx_struct_conn_angle.ptnr3_symmetry'      
32 4 'Structure model' '_pdbx_struct_conn_angle.value'               
33 4 'Structure model' '_struct_conn.pdbx_dist_value'                
34 4 'Structure model' '_struct_conn.ptnr1_auth_comp_id'             
35 4 'Structure model' '_struct_conn.ptnr1_auth_seq_id'              
36 4 'Structure model' '_struct_conn.ptnr1_label_asym_id'            
37 4 'Structure model' '_struct_conn.ptnr1_label_atom_id'            
38 4 'Structure model' '_struct_conn.ptnr1_label_comp_id'            
39 4 'Structure model' '_struct_conn.ptnr1_label_seq_id'             
40 4 'Structure model' '_struct_conn.ptnr2_auth_comp_id'             
41 4 'Structure model' '_struct_conn.ptnr2_auth_seq_id'              
42 4 'Structure model' '_struct_conn.ptnr2_label_asym_id'            
43 4 'Structure model' '_struct_conn.ptnr2_label_atom_id'            
44 4 'Structure model' '_struct_conn.ptnr2_label_comp_id'            
45 4 'Structure model' '_struct_conn.ptnr2_symmetry'                 
# 
_pdbx_database_status.status_code                     REL 
_pdbx_database_status.status_code_sf                  REL 
_pdbx_database_status.status_code_mr                  ? 
_pdbx_database_status.entry_id                        5YKU 
_pdbx_database_status.recvd_initial_deposition_date   2017-10-16 
_pdbx_database_status.SG_entry                        N 
_pdbx_database_status.deposit_site                    PDBJ 
_pdbx_database_status.process_site                    PDBJ 
_pdbx_database_status.status_code_cs                  ? 
_pdbx_database_status.methods_development_category    ? 
_pdbx_database_status.pdb_format_compatible           Y 
_pdbx_database_status.status_code_nmr_data            ? 
# 
loop_
_audit_author.name 
_audit_author.pdbx_ordinal 
_audit_author.identifier_ORCID 
'Chen, N.C.'      1 ? 
'Yoshimura, M.'   2 ? 
'Lin, C.C.'       3 ? 
'Guan, H.H.'      4 ? 
'Chuankhayan, P.' 5 ? 
'Chen, C.J.'      6 ? 
# 
_citation.abstract                  ? 
_citation.abstract_id_CAS           ? 
_citation.book_id_ISBN              ? 
_citation.book_publisher            ? 
_citation.book_publisher_city       ? 
_citation.book_title                ? 
_citation.coordinate_linkage        ? 
_citation.country                   UK 
_citation.database_id_Medline       ? 
_citation.details                   ? 
_citation.id                        primary 
_citation.journal_abbrev            'Commun Biol' 
_citation.journal_id_ASTM           ? 
_citation.journal_id_CSD            ? 
_citation.journal_id_ISSN           2399-3642 
_citation.journal_full              ? 
_citation.journal_issue             ? 
_citation.journal_volume            2 
_citation.language                  ? 
_citation.page_first                72 
_citation.page_last                 72 
_citation.title                     
'The atomic structures of shrimp nodaviruses reveal new dimeric spike structures and particle polymorphism.' 
_citation.year                      2019 
_citation.database_id_CSD           ? 
_citation.pdbx_database_id_DOI      10.1038/s42003-019-0311-z 
_citation.pdbx_database_id_PubMed   30820467 
_citation.unpublished_flag          ? 
# 
loop_
_citation_author.citation_id 
_citation_author.name 
_citation_author.ordinal 
_citation_author.identifier_ORCID 
primary 'Chen, N.C.'      1  ?                   
primary 'Yoshimura, M.'   2  0000-0002-7466-2192 
primary 'Miyazaki, N.'    3  ?                   
primary 'Guan, H.H.'      4  ?                   
primary 'Chuankhayan, P.' 5  ?                   
primary 'Lin, C.C.'       6  ?                   
primary 'Chen, S.K.'      7  ?                   
primary 'Lin, P.J.'       8  ?                   
primary 'Huang, Y.C.'     9  ?                   
primary 'Iwasaki, K.'     10 ?                   
primary 'Nakagawa, A.'    11 0000-0002-1700-7861 
primary 'Chan, S.I.'      12 ?                   
primary 'Chen, C.J.'      13 0000-0002-5157-4288 
# 
loop_
_entity.id 
_entity.type 
_entity.src_method 
_entity.pdbx_description 
_entity.formula_weight 
_entity.pdbx_number_of_molecules 
_entity.pdbx_ec 
_entity.pdbx_mutation 
_entity.pdbx_fragment 
_entity.details 
1 polymer     man 'Capsid protein' 13880.379 1   ? ? ? ? 
2 non-polymer syn 'ZINC ION'       65.409    3   ? ? ? ? 
3 water       nat water            18.015    275 ? ? ? ? 
# 
_entity_poly.entity_id                      1 
_entity_poly.type                           'polypeptide(L)' 
_entity_poly.nstd_linkage                   no 
_entity_poly.nstd_monomer                   yes 
_entity_poly.pdbx_seq_one_letter_code       
;PTPVEVSQLTYNADTIGNWVPPTELKQTYTQDITGLKPNSKFIIVPY(MSE)DRVSSEVLQKCTITCNEVDAVGSISYFD
TSAIKCDGYISFQANSIGEATFTLVTDYQGAVDPKPYQYRIIRAIVGNN
;
_entity_poly.pdbx_seq_one_letter_code_can   
;PTPVEVSQLTYNADTIGNWVPPTELKQTYTQDITGLKPNSKFIIVPYMDRVSSEVLQKCTITCNEVDAVGSISYFDTSAI
KCDGYISFQANSIGEATFTLVTDYQGAVDPKPYQYRIIRAIVGNN
;
_entity_poly.pdbx_strand_id                 A 
_entity_poly.pdbx_target_identifier         ? 
# 
loop_
_pdbx_entity_nonpoly.entity_id 
_pdbx_entity_nonpoly.name 
_pdbx_entity_nonpoly.comp_id 
2 'ZINC ION' ZN  
3 water      HOH 
# 
loop_
_entity_poly_seq.entity_id 
_entity_poly_seq.num 
_entity_poly_seq.mon_id 
_entity_poly_seq.hetero 
1 1   PRO n 
1 2   THR n 
1 3   PRO n 
1 4   VAL n 
1 5   GLU n 
1 6   VAL n 
1 7   SER n 
1 8   GLN n 
1 9   LEU n 
1 10  THR n 
1 11  TYR n 
1 12  ASN n 
1 13  ALA n 
1 14  ASP n 
1 15  THR n 
1 16  ILE n 
1 17  GLY n 
1 18  ASN n 
1 19  TRP n 
1 20  VAL n 
1 21  PRO n 
1 22  PRO n 
1 23  THR n 
1 24  GLU n 
1 25  LEU n 
1 26  LYS n 
1 27  GLN n 
1 28  THR n 
1 29  TYR n 
1 30  THR n 
1 31  GLN n 
1 32  ASP n 
1 33  ILE n 
1 34  THR n 
1 35  GLY n 
1 36  LEU n 
1 37  LYS n 
1 38  PRO n 
1 39  ASN n 
1 40  SER n 
1 41  LYS n 
1 42  PHE n 
1 43  ILE n 
1 44  ILE n 
1 45  VAL n 
1 46  PRO n 
1 47  TYR n 
1 48  MSE n 
1 49  ASP n 
1 50  ARG n 
1 51  VAL n 
1 52  SER n 
1 53  SER n 
1 54  GLU n 
1 55  VAL n 
1 56  LEU n 
1 57  GLN n 
1 58  LYS n 
1 59  CYS n 
1 60  THR n 
1 61  ILE n 
1 62  THR n 
1 63  CYS n 
1 64  ASN n 
1 65  GLU n 
1 66  VAL n 
1 67  ASP n 
1 68  ALA n 
1 69  VAL n 
1 70  GLY n 
1 71  SER n 
1 72  ILE n 
1 73  SER n 
1 74  TYR n 
1 75  PHE n 
1 76  ASP n 
1 77  THR n 
1 78  SER n 
1 79  ALA n 
1 80  ILE n 
1 81  LYS n 
1 82  CYS n 
1 83  ASP n 
1 84  GLY n 
1 85  TYR n 
1 86  ILE n 
1 87  SER n 
1 88  PHE n 
1 89  GLN n 
1 90  ALA n 
1 91  ASN n 
1 92  SER n 
1 93  ILE n 
1 94  GLY n 
1 95  GLU n 
1 96  ALA n 
1 97  THR n 
1 98  PHE n 
1 99  THR n 
1 100 LEU n 
1 101 VAL n 
1 102 THR n 
1 103 ASP n 
1 104 TYR n 
1 105 GLN n 
1 106 GLY n 
1 107 ALA n 
1 108 VAL n 
1 109 ASP n 
1 110 PRO n 
1 111 LYS n 
1 112 PRO n 
1 113 TYR n 
1 114 GLN n 
1 115 TYR n 
1 116 ARG n 
1 117 ILE n 
1 118 ILE n 
1 119 ARG n 
1 120 ALA n 
1 121 ILE n 
1 122 VAL n 
1 123 GLY n 
1 124 ASN n 
1 125 ASN n 
# 
_entity_src_gen.entity_id                          1 
_entity_src_gen.pdbx_src_id                        1 
_entity_src_gen.pdbx_alt_source_flag               sample 
_entity_src_gen.pdbx_seq_type                      'Biological sequence' 
_entity_src_gen.pdbx_beg_seq_num                   1 
_entity_src_gen.pdbx_end_seq_num                   125 
_entity_src_gen.gene_src_common_name               MrNV 
_entity_src_gen.gene_src_genus                     ? 
_entity_src_gen.pdbx_gene_src_gene                 ? 
_entity_src_gen.gene_src_species                   ? 
_entity_src_gen.gene_src_strain                    ? 
_entity_src_gen.gene_src_tissue                    ? 
_entity_src_gen.gene_src_tissue_fraction           ? 
_entity_src_gen.gene_src_details                   ? 
_entity_src_gen.pdbx_gene_src_fragment             ? 
_entity_src_gen.pdbx_gene_src_scientific_name      'Macrobrachium rosenbergii nodavirus' 
_entity_src_gen.pdbx_gene_src_ncbi_taxonomy_id     222557 
_entity_src_gen.pdbx_gene_src_variant              ? 
_entity_src_gen.pdbx_gene_src_cell_line            ? 
_entity_src_gen.pdbx_gene_src_atcc                 ? 
_entity_src_gen.pdbx_gene_src_organ                ? 
_entity_src_gen.pdbx_gene_src_organelle            ? 
_entity_src_gen.pdbx_gene_src_cell                 ? 
_entity_src_gen.pdbx_gene_src_cellular_location    ? 
_entity_src_gen.host_org_common_name               ? 
_entity_src_gen.pdbx_host_org_scientific_name      'Escherichia coli' 
_entity_src_gen.pdbx_host_org_ncbi_taxonomy_id     562 
_entity_src_gen.host_org_genus                     ? 
_entity_src_gen.pdbx_host_org_gene                 ? 
_entity_src_gen.pdbx_host_org_organ                ? 
_entity_src_gen.host_org_species                   ? 
_entity_src_gen.pdbx_host_org_tissue               ? 
_entity_src_gen.pdbx_host_org_tissue_fraction      ? 
_entity_src_gen.pdbx_host_org_strain               ? 
_entity_src_gen.pdbx_host_org_variant              ? 
_entity_src_gen.pdbx_host_org_cell_line            ? 
_entity_src_gen.pdbx_host_org_atcc                 ? 
_entity_src_gen.pdbx_host_org_culture_collection   ? 
_entity_src_gen.pdbx_host_org_cell                 ? 
_entity_src_gen.pdbx_host_org_organelle            ? 
_entity_src_gen.pdbx_host_org_cellular_location    ? 
_entity_src_gen.pdbx_host_org_vector_type          ? 
_entity_src_gen.pdbx_host_org_vector               ? 
_entity_src_gen.host_org_details                   ? 
_entity_src_gen.expression_system_id               ? 
_entity_src_gen.plasmid_name                       ? 
_entity_src_gen.plasmid_details                    ? 
_entity_src_gen.pdbx_description                   ? 
# 
loop_
_chem_comp.id 
_chem_comp.type 
_chem_comp.mon_nstd_flag 
_chem_comp.name 
_chem_comp.pdbx_synonyms 
_chem_comp.formula 
_chem_comp.formula_weight 
ALA 'L-peptide linking' y ALANINE          ? 'C3 H7 N O2'     89.093  
ARG 'L-peptide linking' y ARGININE         ? 'C6 H15 N4 O2 1' 175.209 
ASN 'L-peptide linking' y ASPARAGINE       ? 'C4 H8 N2 O3'    132.118 
ASP 'L-peptide linking' y 'ASPARTIC ACID'  ? 'C4 H7 N O4'     133.103 
CYS 'L-peptide linking' y CYSTEINE         ? 'C3 H7 N O2 S'   121.158 
GLN 'L-peptide linking' y GLUTAMINE        ? 'C5 H10 N2 O3'   146.144 
GLU 'L-peptide linking' y 'GLUTAMIC ACID'  ? 'C5 H9 N O4'     147.129 
GLY 'peptide linking'   y GLYCINE          ? 'C2 H5 N O2'     75.067  
HOH non-polymer         . WATER            ? 'H2 O'           18.015  
ILE 'L-peptide linking' y ISOLEUCINE       ? 'C6 H13 N O2'    131.173 
LEU 'L-peptide linking' y LEUCINE          ? 'C6 H13 N O2'    131.173 
LYS 'L-peptide linking' y LYSINE           ? 'C6 H15 N2 O2 1' 147.195 
MSE 'L-peptide linking' n SELENOMETHIONINE ? 'C5 H11 N O2 Se' 196.106 
PHE 'L-peptide linking' y PHENYLALANINE    ? 'C9 H11 N O2'    165.189 
PRO 'L-peptide linking' y PROLINE          ? 'C5 H9 N O2'     115.130 
SER 'L-peptide linking' y SERINE           ? 'C3 H7 N O3'     105.093 
THR 'L-peptide linking' y THREONINE        ? 'C4 H9 N O3'     119.119 
TRP 'L-peptide linking' y TRYPTOPHAN       ? 'C11 H12 N2 O2'  204.225 
TYR 'L-peptide linking' y TYROSINE         ? 'C9 H11 N O3'    181.189 
VAL 'L-peptide linking' y VALINE           ? 'C5 H11 N O2'    117.146 
ZN  non-polymer         . 'ZINC ION'       ? 'Zn 2'           65.409  
# 
loop_
_pdbx_poly_seq_scheme.asym_id 
_pdbx_poly_seq_scheme.entity_id 
_pdbx_poly_seq_scheme.seq_id 
_pdbx_poly_seq_scheme.mon_id 
_pdbx_poly_seq_scheme.ndb_seq_num 
_pdbx_poly_seq_scheme.pdb_seq_num 
_pdbx_poly_seq_scheme.auth_seq_num 
_pdbx_poly_seq_scheme.pdb_mon_id 
_pdbx_poly_seq_scheme.auth_mon_id 
_pdbx_poly_seq_scheme.pdb_strand_id 
_pdbx_poly_seq_scheme.pdb_ins_code 
_pdbx_poly_seq_scheme.hetero 
A 1 1   PRO 1   2   ?   ?   ?   A . n 
A 1 2   THR 2   3   ?   ?   ?   A . n 
A 1 3   PRO 3   4   4   PRO PRO A . n 
A 1 4   VAL 4   5   5   VAL VAL A . n 
A 1 5   GLU 5   6   6   GLU GLU A . n 
A 1 6   VAL 6   7   7   VAL VAL A . n 
A 1 7   SER 7   8   8   SER SER A . n 
A 1 8   GLN 8   9   9   GLN GLN A . n 
A 1 9   LEU 9   10  10  LEU LEU A . n 
A 1 10  THR 10  11  11  THR THR A . n 
A 1 11  TYR 11  12  12  TYR TYR A . n 
A 1 12  ASN 12  13  13  ASN ASN A . n 
A 1 13  ALA 13  14  14  ALA ALA A . n 
A 1 14  ASP 14  15  15  ASP ASP A . n 
A 1 15  THR 15  16  16  THR THR A . n 
A 1 16  ILE 16  17  17  ILE ILE A . n 
A 1 17  GLY 17  18  18  GLY GLY A . n 
A 1 18  ASN 18  19  19  ASN ASN A . n 
A 1 19  TRP 19  20  20  TRP TRP A . n 
A 1 20  VAL 20  21  21  VAL VAL A . n 
A 1 21  PRO 21  22  22  PRO PRO A . n 
A 1 22  PRO 22  23  23  PRO PRO A . n 
A 1 23  THR 23  24  24  THR THR A . n 
A 1 24  GLU 24  25  25  GLU GLU A . n 
A 1 25  LEU 25  26  26  LEU LEU A . n 
A 1 26  LYS 26  27  27  LYS LYS A . n 
A 1 27  GLN 27  28  28  GLN GLN A . n 
A 1 28  THR 28  29  29  THR THR A . n 
A 1 29  TYR 29  30  30  TYR TYR A . n 
A 1 30  THR 30  31  31  THR THR A . n 
A 1 31  GLN 31  32  32  GLN GLN A . n 
A 1 32  ASP 32  33  33  ASP ASP A . n 
A 1 33  ILE 33  34  34  ILE ILE A . n 
A 1 34  THR 34  35  35  THR THR A . n 
A 1 35  GLY 35  36  36  GLY GLY A . n 
A 1 36  LEU 36  37  37  LEU LEU A . n 
A 1 37  LYS 37  38  38  LYS LYS A . n 
A 1 38  PRO 38  39  39  PRO PRO A . n 
A 1 39  ASN 39  40  40  ASN ASN A . n 
A 1 40  SER 40  41  41  SER SER A . n 
A 1 41  LYS 41  42  42  LYS LYS A . n 
A 1 42  PHE 42  43  43  PHE PHE A . n 
A 1 43  ILE 43  44  44  ILE ILE A . n 
A 1 44  ILE 44  45  45  ILE ILE A . n 
A 1 45  VAL 45  46  46  VAL VAL A . n 
A 1 46  PRO 46  47  47  PRO PRO A . n 
A 1 47  TYR 47  48  48  TYR TYR A . n 
A 1 48  MSE 48  49  49  MSE MSE A . n 
A 1 49  ASP 49  50  50  ASP ASP A . n 
A 1 50  ARG 50  51  51  ARG ARG A . n 
A 1 51  VAL 51  52  52  VAL VAL A . n 
A 1 52  SER 52  53  53  SER SER A . n 
A 1 53  SER 53  54  54  SER SER A . n 
A 1 54  GLU 54  55  55  GLU GLU A . n 
A 1 55  VAL 55  56  56  VAL VAL A . n 
A 1 56  LEU 56  57  57  LEU LEU A . n 
A 1 57  GLN 57  58  58  GLN GLN A . n 
A 1 58  LYS 58  59  59  LYS LYS A . n 
A 1 59  CYS 59  60  60  CYS CYS A . n 
A 1 60  THR 60  61  61  THR THR A . n 
A 1 61  ILE 61  62  62  ILE ILE A . n 
A 1 62  THR 62  63  63  THR THR A . n 
A 1 63  CYS 63  64  64  CYS CYS A . n 
A 1 64  ASN 64  65  65  ASN ASN A . n 
A 1 65  GLU 65  66  66  GLU GLU A . n 
A 1 66  VAL 66  67  67  VAL VAL A . n 
A 1 67  ASP 67  68  68  ASP ASP A . n 
A 1 68  ALA 68  69  69  ALA ALA A . n 
A 1 69  VAL 69  70  70  VAL VAL A . n 
A 1 70  GLY 70  71  71  GLY GLY A . n 
A 1 71  SER 71  72  72  SER SER A . n 
A 1 72  ILE 72  73  73  ILE ILE A . n 
A 1 73  SER 73  74  74  SER SER A . n 
A 1 74  TYR 74  75  75  TYR TYR A . n 
A 1 75  PHE 75  76  76  PHE PHE A . n 
A 1 76  ASP 76  77  77  ASP ASP A . n 
A 1 77  THR 77  78  78  THR THR A . n 
A 1 78  SER 78  79  79  SER SER A . n 
A 1 79  ALA 79  80  80  ALA ALA A . n 
A 1 80  ILE 80  81  81  ILE ILE A . n 
A 1 81  LYS 81  82  82  LYS LYS A . n 
A 1 82  CYS 82  83  83  CYS CYS A . n 
A 1 83  ASP 83  84  84  ASP ASP A . n 
A 1 84  GLY 84  85  85  GLY GLY A . n 
A 1 85  TYR 85  86  86  TYR TYR A . n 
A 1 86  ILE 86  87  87  ILE ILE A . n 
A 1 87  SER 87  88  88  SER SER A . n 
A 1 88  PHE 88  89  89  PHE PHE A . n 
A 1 89  GLN 89  90  90  GLN GLN A . n 
A 1 90  ALA 90  91  91  ALA ALA A . n 
A 1 91  ASN 91  92  92  ASN ASN A . n 
A 1 92  SER 92  93  93  SER SER A . n 
A 1 93  ILE 93  94  94  ILE ILE A . n 
A 1 94  GLY 94  95  95  GLY GLY A . n 
A 1 95  GLU 95  96  96  GLU GLU A . n 
A 1 96  ALA 96  97  97  ALA ALA A . n 
A 1 97  THR 97  98  98  THR THR A . n 
A 1 98  PHE 98  99  99  PHE PHE A . n 
A 1 99  THR 99  100 100 THR THR A . n 
A 1 100 LEU 100 101 101 LEU LEU A . n 
A 1 101 VAL 101 102 102 VAL VAL A . n 
A 1 102 THR 102 103 103 THR THR A . n 
A 1 103 ASP 103 104 104 ASP ASP A . n 
A 1 104 TYR 104 105 105 TYR TYR A . n 
A 1 105 GLN 105 106 106 GLN GLN A . n 
A 1 106 GLY 106 107 107 GLY GLY A . n 
A 1 107 ALA 107 108 108 ALA ALA A . n 
A 1 108 VAL 108 109 109 VAL VAL A . n 
A 1 109 ASP 109 110 110 ASP ASP A . n 
A 1 110 PRO 110 111 111 PRO PRO A . n 
A 1 111 LYS 111 112 112 LYS LYS A . n 
A 1 112 PRO 112 113 113 PRO PRO A . n 
A 1 113 TYR 113 114 114 TYR TYR A . n 
A 1 114 GLN 114 115 115 GLN GLN A . n 
A 1 115 TYR 115 116 116 TYR TYR A . n 
A 1 116 ARG 116 117 117 ARG ARG A . n 
A 1 117 ILE 117 118 118 ILE ILE A . n 
A 1 118 ILE 118 119 119 ILE ILE A . n 
A 1 119 ARG 119 120 120 ARG ARG A . n 
A 1 120 ALA 120 121 121 ALA ALA A . n 
A 1 121 ILE 121 122 122 ILE ILE A . n 
A 1 122 VAL 122 123 123 VAL VAL A . n 
A 1 123 GLY 123 124 124 GLY GLY A . n 
A 1 124 ASN 124 125 125 ASN ASN A . n 
A 1 125 ASN 125 126 126 ASN ASN A . n 
# 
loop_
_pdbx_entity_instance_feature.ordinal 
_pdbx_entity_instance_feature.comp_id 
_pdbx_entity_instance_feature.asym_id 
_pdbx_entity_instance_feature.seq_num 
_pdbx_entity_instance_feature.auth_comp_id 
_pdbx_entity_instance_feature.auth_asym_id 
_pdbx_entity_instance_feature.auth_seq_num 
_pdbx_entity_instance_feature.feature_type 
_pdbx_entity_instance_feature.details 
1 MSE ? ? MSE ? ? 'SUBJECT OF INVESTIGATION' ? 
2 ZN  ? ? ZN  ? ? 'SUBJECT OF INVESTIGATION' ? 
# 
loop_
_pdbx_nonpoly_scheme.asym_id 
_pdbx_nonpoly_scheme.entity_id 
_pdbx_nonpoly_scheme.mon_id 
_pdbx_nonpoly_scheme.ndb_seq_num 
_pdbx_nonpoly_scheme.pdb_seq_num 
_pdbx_nonpoly_scheme.auth_seq_num 
_pdbx_nonpoly_scheme.pdb_mon_id 
_pdbx_nonpoly_scheme.auth_mon_id 
_pdbx_nonpoly_scheme.pdb_strand_id 
_pdbx_nonpoly_scheme.pdb_ins_code 
B 2 ZN  1   201 1   ZN  ZN  A . 
C 2 ZN  1   202 2   ZN  ZN  A . 
D 2 ZN  1   203 3   ZN  ZN  A . 
E 3 HOH 1   301 11  HOH HOH A . 
E 3 HOH 2   302 165 HOH HOH A . 
E 3 HOH 3   303 79  HOH HOH A . 
E 3 HOH 4   304 130 HOH HOH A . 
E 3 HOH 5   305 37  HOH HOH A . 
E 3 HOH 6   306 189 HOH HOH A . 
E 3 HOH 7   307 209 HOH HOH A . 
E 3 HOH 8   308 65  HOH HOH A . 
E 3 HOH 9   309 199 HOH HOH A . 
E 3 HOH 10  310 103 HOH HOH A . 
E 3 HOH 11  311 183 HOH HOH A . 
E 3 HOH 12  312 39  HOH HOH A . 
E 3 HOH 13  313 196 HOH HOH A . 
E 3 HOH 14  314 106 HOH HOH A . 
E 3 HOH 15  315 13  HOH HOH A . 
E 3 HOH 16  316 44  HOH HOH A . 
E 3 HOH 17  317 102 HOH HOH A . 
E 3 HOH 18  318 16  HOH HOH A . 
E 3 HOH 19  319 3   HOH HOH A . 
E 3 HOH 20  320 93  HOH HOH A . 
E 3 HOH 21  321 145 HOH HOH A . 
E 3 HOH 22  322 83  HOH HOH A . 
E 3 HOH 23  323 2   HOH HOH A . 
E 3 HOH 24  324 116 HOH HOH A . 
E 3 HOH 25  325 179 HOH HOH A . 
E 3 HOH 26  326 61  HOH HOH A . 
E 3 HOH 27  327 124 HOH HOH A . 
E 3 HOH 28  328 151 HOH HOH A . 
E 3 HOH 29  329 90  HOH HOH A . 
E 3 HOH 30  330 202 HOH HOH A . 
E 3 HOH 31  331 81  HOH HOH A . 
E 3 HOH 32  332 78  HOH HOH A . 
E 3 HOH 33  333 96  HOH HOH A . 
E 3 HOH 34  334 98  HOH HOH A . 
E 3 HOH 35  335 45  HOH HOH A . 
E 3 HOH 36  336 35  HOH HOH A . 
E 3 HOH 37  337 38  HOH HOH A . 
E 3 HOH 38  338 46  HOH HOH A . 
E 3 HOH 39  339 147 HOH HOH A . 
E 3 HOH 40  340 32  HOH HOH A . 
E 3 HOH 41  341 30  HOH HOH A . 
E 3 HOH 42  342 75  HOH HOH A . 
E 3 HOH 43  343 108 HOH HOH A . 
E 3 HOH 44  344 127 HOH HOH A . 
E 3 HOH 45  345 172 HOH HOH A . 
E 3 HOH 46  346 95  HOH HOH A . 
E 3 HOH 47  347 235 HOH HOH A . 
E 3 HOH 48  348 58  HOH HOH A . 
E 3 HOH 49  349 43  HOH HOH A . 
E 3 HOH 50  350 74  HOH HOH A . 
E 3 HOH 51  351 168 HOH HOH A . 
E 3 HOH 52  352 97  HOH HOH A . 
E 3 HOH 53  353 9   HOH HOH A . 
E 3 HOH 54  354 36  HOH HOH A . 
E 3 HOH 55  355 25  HOH HOH A . 
E 3 HOH 56  356 113 HOH HOH A . 
E 3 HOH 57  357 268 HOH HOH A . 
E 3 HOH 58  358 63  HOH HOH A . 
E 3 HOH 59  359 159 HOH HOH A . 
E 3 HOH 60  360 27  HOH HOH A . 
E 3 HOH 61  361 8   HOH HOH A . 
E 3 HOH 62  362 197 HOH HOH A . 
E 3 HOH 63  363 129 HOH HOH A . 
E 3 HOH 64  364 10  HOH HOH A . 
E 3 HOH 65  365 114 HOH HOH A . 
E 3 HOH 66  366 5   HOH HOH A . 
E 3 HOH 67  367 94  HOH HOH A . 
E 3 HOH 68  368 7   HOH HOH A . 
E 3 HOH 69  369 33  HOH HOH A . 
E 3 HOH 70  370 88  HOH HOH A . 
E 3 HOH 71  371 15  HOH HOH A . 
E 3 HOH 72  372 86  HOH HOH A . 
E 3 HOH 73  373 59  HOH HOH A . 
E 3 HOH 74  374 42  HOH HOH A . 
E 3 HOH 75  375 62  HOH HOH A . 
E 3 HOH 76  376 213 HOH HOH A . 
E 3 HOH 77  377 186 HOH HOH A . 
E 3 HOH 78  378 72  HOH HOH A . 
E 3 HOH 79  379 57  HOH HOH A . 
E 3 HOH 80  380 41  HOH HOH A . 
E 3 HOH 81  381 229 HOH HOH A . 
E 3 HOH 82  382 17  HOH HOH A . 
E 3 HOH 83  383 162 HOH HOH A . 
E 3 HOH 84  384 20  HOH HOH A . 
E 3 HOH 85  385 220 HOH HOH A . 
E 3 HOH 86  386 82  HOH HOH A . 
E 3 HOH 87  387 18  HOH HOH A . 
E 3 HOH 88  388 143 HOH HOH A . 
E 3 HOH 89  389 260 HOH HOH A . 
E 3 HOH 90  390 6   HOH HOH A . 
E 3 HOH 91  391 263 HOH HOH A . 
E 3 HOH 92  392 19  HOH HOH A . 
E 3 HOH 93  393 156 HOH HOH A . 
E 3 HOH 94  394 28  HOH HOH A . 
E 3 HOH 95  395 175 HOH HOH A . 
E 3 HOH 96  396 225 HOH HOH A . 
E 3 HOH 97  397 40  HOH HOH A . 
E 3 HOH 98  398 14  HOH HOH A . 
E 3 HOH 99  399 99  HOH HOH A . 
E 3 HOH 100 400 51  HOH HOH A . 
E 3 HOH 101 401 52  HOH HOH A . 
E 3 HOH 102 402 167 HOH HOH A . 
E 3 HOH 103 403 68  HOH HOH A . 
E 3 HOH 104 404 53  HOH HOH A . 
E 3 HOH 105 405 166 HOH HOH A . 
E 3 HOH 106 406 245 HOH HOH A . 
E 3 HOH 107 407 66  HOH HOH A . 
E 3 HOH 108 408 22  HOH HOH A . 
E 3 HOH 109 409 119 HOH HOH A . 
E 3 HOH 110 410 110 HOH HOH A . 
E 3 HOH 111 411 73  HOH HOH A . 
E 3 HOH 112 412 29  HOH HOH A . 
E 3 HOH 113 413 60  HOH HOH A . 
E 3 HOH 114 414 77  HOH HOH A . 
E 3 HOH 115 415 50  HOH HOH A . 
E 3 HOH 116 416 267 HOH HOH A . 
E 3 HOH 117 417 187 HOH HOH A . 
E 3 HOH 118 418 192 HOH HOH A . 
E 3 HOH 119 419 154 HOH HOH A . 
E 3 HOH 120 420 76  HOH HOH A . 
E 3 HOH 121 421 122 HOH HOH A . 
E 3 HOH 122 422 233 HOH HOH A . 
E 3 HOH 123 423 21  HOH HOH A . 
E 3 HOH 124 424 23  HOH HOH A . 
E 3 HOH 125 425 215 HOH HOH A . 
E 3 HOH 126 426 4   HOH HOH A . 
E 3 HOH 127 427 125 HOH HOH A . 
E 3 HOH 128 428 48  HOH HOH A . 
E 3 HOH 129 429 12  HOH HOH A . 
E 3 HOH 130 430 126 HOH HOH A . 
E 3 HOH 131 431 188 HOH HOH A . 
E 3 HOH 132 432 214 HOH HOH A . 
E 3 HOH 133 433 55  HOH HOH A . 
E 3 HOH 134 434 205 HOH HOH A . 
E 3 HOH 135 435 31  HOH HOH A . 
E 3 HOH 136 436 89  HOH HOH A . 
E 3 HOH 137 437 54  HOH HOH A . 
E 3 HOH 138 438 140 HOH HOH A . 
E 3 HOH 139 439 70  HOH HOH A . 
E 3 HOH 140 440 204 HOH HOH A . 
E 3 HOH 141 441 24  HOH HOH A . 
E 3 HOH 142 442 47  HOH HOH A . 
E 3 HOH 143 443 237 HOH HOH A . 
E 3 HOH 144 444 71  HOH HOH A . 
E 3 HOH 145 445 26  HOH HOH A . 
E 3 HOH 146 446 173 HOH HOH A . 
E 3 HOH 147 447 142 HOH HOH A . 
E 3 HOH 148 448 84  HOH HOH A . 
E 3 HOH 149 449 133 HOH HOH A . 
E 3 HOH 150 450 221 HOH HOH A . 
E 3 HOH 151 451 148 HOH HOH A . 
E 3 HOH 152 452 228 HOH HOH A . 
E 3 HOH 153 453 49  HOH HOH A . 
E 3 HOH 154 454 128 HOH HOH A . 
E 3 HOH 155 455 252 HOH HOH A . 
E 3 HOH 156 456 134 HOH HOH A . 
E 3 HOH 157 457 253 HOH HOH A . 
E 3 HOH 158 458 115 HOH HOH A . 
E 3 HOH 159 459 241 HOH HOH A . 
E 3 HOH 160 460 210 HOH HOH A . 
E 3 HOH 161 461 218 HOH HOH A . 
E 3 HOH 162 462 164 HOH HOH A . 
E 3 HOH 163 463 261 HOH HOH A . 
E 3 HOH 164 464 191 HOH HOH A . 
E 3 HOH 165 465 155 HOH HOH A . 
E 3 HOH 166 466 238 HOH HOH A . 
E 3 HOH 167 467 123 HOH HOH A . 
E 3 HOH 168 468 109 HOH HOH A . 
E 3 HOH 169 469 219 HOH HOH A . 
E 3 HOH 170 470 136 HOH HOH A . 
E 3 HOH 171 471 153 HOH HOH A . 
E 3 HOH 172 472 243 HOH HOH A . 
E 3 HOH 173 473 163 HOH HOH A . 
E 3 HOH 174 474 157 HOH HOH A . 
E 3 HOH 175 475 180 HOH HOH A . 
E 3 HOH 176 476 262 HOH HOH A . 
E 3 HOH 177 477 144 HOH HOH A . 
E 3 HOH 178 478 178 HOH HOH A . 
E 3 HOH 179 479 131 HOH HOH A . 
E 3 HOH 180 480 246 HOH HOH A . 
E 3 HOH 181 481 198 HOH HOH A . 
E 3 HOH 182 482 161 HOH HOH A . 
E 3 HOH 183 483 177 HOH HOH A . 
E 3 HOH 184 484 264 HOH HOH A . 
E 3 HOH 185 485 239 HOH HOH A . 
E 3 HOH 186 486 256 HOH HOH A . 
E 3 HOH 187 487 269 HOH HOH A . 
E 3 HOH 188 488 174 HOH HOH A . 
E 3 HOH 189 489 67  HOH HOH A . 
E 3 HOH 190 490 195 HOH HOH A . 
E 3 HOH 191 491 194 HOH HOH A . 
E 3 HOH 192 492 137 HOH HOH A . 
E 3 HOH 193 493 251 HOH HOH A . 
E 3 HOH 194 494 1   HOH HOH A . 
E 3 HOH 195 495 132 HOH HOH A . 
E 3 HOH 196 496 222 HOH HOH A . 
E 3 HOH 197 497 207 HOH HOH A . 
E 3 HOH 198 498 201 HOH HOH A . 
E 3 HOH 199 499 135 HOH HOH A . 
E 3 HOH 200 500 236 HOH HOH A . 
E 3 HOH 201 501 181 HOH HOH A . 
E 3 HOH 202 502 85  HOH HOH A . 
E 3 HOH 203 503 203 HOH HOH A . 
E 3 HOH 204 504 249 HOH HOH A . 
E 3 HOH 205 505 242 HOH HOH A . 
E 3 HOH 206 506 160 HOH HOH A . 
E 3 HOH 207 507 149 HOH HOH A . 
E 3 HOH 208 508 182 HOH HOH A . 
E 3 HOH 209 509 117 HOH HOH A . 
E 3 HOH 210 510 257 HOH HOH A . 
E 3 HOH 211 511 111 HOH HOH A . 
E 3 HOH 212 512 212 HOH HOH A . 
E 3 HOH 213 513 226 HOH HOH A . 
E 3 HOH 214 514 230 HOH HOH A . 
E 3 HOH 215 515 258 HOH HOH A . 
E 3 HOH 216 516 248 HOH HOH A . 
E 3 HOH 217 517 234 HOH HOH A . 
E 3 HOH 218 518 107 HOH HOH A . 
E 3 HOH 219 519 211 HOH HOH A . 
E 3 HOH 220 520 200 HOH HOH A . 
E 3 HOH 221 521 216 HOH HOH A . 
E 3 HOH 222 522 64  HOH HOH A . 
E 3 HOH 223 523 121 HOH HOH A . 
E 3 HOH 224 524 265 HOH HOH A . 
E 3 HOH 225 525 92  HOH HOH A . 
E 3 HOH 226 526 232 HOH HOH A . 
E 3 HOH 227 527 120 HOH HOH A . 
E 3 HOH 228 528 150 HOH HOH A . 
E 3 HOH 229 529 206 HOH HOH A . 
E 3 HOH 230 530 231 HOH HOH A . 
E 3 HOH 231 531 80  HOH HOH A . 
E 3 HOH 232 532 193 HOH HOH A . 
E 3 HOH 233 533 255 HOH HOH A . 
E 3 HOH 234 534 185 HOH HOH A . 
E 3 HOH 235 535 100 HOH HOH A . 
E 3 HOH 236 536 56  HOH HOH A . 
E 3 HOH 237 537 34  HOH HOH A . 
E 3 HOH 238 538 104 HOH HOH A . 
E 3 HOH 239 539 273 HOH HOH A . 
E 3 HOH 240 540 139 HOH HOH A . 
E 3 HOH 241 541 118 HOH HOH A . 
E 3 HOH 242 542 101 HOH HOH A . 
E 3 HOH 243 543 223 HOH HOH A . 
E 3 HOH 244 544 259 HOH HOH A . 
E 3 HOH 245 545 87  HOH HOH A . 
E 3 HOH 246 546 224 HOH HOH A . 
E 3 HOH 247 547 141 HOH HOH A . 
E 3 HOH 248 548 184 HOH HOH A . 
E 3 HOH 249 549 91  HOH HOH A . 
E 3 HOH 250 550 176 HOH HOH A . 
E 3 HOH 251 551 275 HOH HOH A . 
E 3 HOH 252 552 227 HOH HOH A . 
E 3 HOH 253 553 270 HOH HOH A . 
E 3 HOH 254 554 171 HOH HOH A . 
E 3 HOH 255 555 266 HOH HOH A . 
E 3 HOH 256 556 69  HOH HOH A . 
E 3 HOH 257 557 152 HOH HOH A . 
E 3 HOH 258 558 146 HOH HOH A . 
E 3 HOH 259 559 274 HOH HOH A . 
E 3 HOH 260 560 138 HOH HOH A . 
E 3 HOH 261 561 271 HOH HOH A . 
E 3 HOH 262 562 244 HOH HOH A . 
E 3 HOH 263 563 170 HOH HOH A . 
E 3 HOH 264 564 169 HOH HOH A . 
E 3 HOH 265 565 272 HOH HOH A . 
E 3 HOH 266 566 208 HOH HOH A . 
E 3 HOH 267 567 112 HOH HOH A . 
E 3 HOH 268 568 247 HOH HOH A . 
E 3 HOH 269 569 254 HOH HOH A . 
E 3 HOH 270 570 105 HOH HOH A . 
E 3 HOH 271 571 217 HOH HOH A . 
E 3 HOH 272 572 158 HOH HOH A . 
E 3 HOH 273 573 190 HOH HOH A . 
E 3 HOH 274 574 240 HOH HOH A . 
E 3 HOH 275 575 250 HOH HOH A . 
# 
loop_
_software.citation_id 
_software.classification 
_software.compiler_name 
_software.compiler_version 
_software.contact_author 
_software.contact_author_email 
_software.date 
_software.description 
_software.dependencies 
_software.hardware 
_software.language 
_software.location 
_software.mods 
_software.name 
_software.os 
_software.os_version 
_software.type 
_software.version 
_software.pdbx_ordinal 
? refinement       ? ? ? ? ? ? ? ? ? ? ? REFMAC   ? ? ? 5.7.0032 1 
? 'data reduction' ? ? ? ? ? ? ? ? ? ? ? HKL-2000 ? ? ? .        2 
? 'data scaling'   ? ? ? ? ? ? ? ? ? ? ? HKL-2000 ? ? ? .        3 
? phasing          ? ? ? ? ? ? ? ? ? ? ? PHENIX   ? ? ? .        4 
# 
_cell.angle_alpha                  90.00 
_cell.angle_alpha_esd              ? 
_cell.angle_beta                   90.00 
_cell.angle_beta_esd               ? 
_cell.angle_gamma                  120.00 
_cell.angle_gamma_esd              ? 
_cell.entry_id                     5YKU 
_cell.details                      ? 
_cell.formula_units_Z              ? 
_cell.length_a                     72.874 
_cell.length_a_esd                 ? 
_cell.length_b                     72.874 
_cell.length_b_esd                 ? 
_cell.length_c                     47.041 
_cell.length_c_esd                 ? 
_cell.volume                       ? 
_cell.volume_esd                   ? 
_cell.Z_PDB                        6 
_cell.reciprocal_angle_alpha       ? 
_cell.reciprocal_angle_beta        ? 
_cell.reciprocal_angle_gamma       ? 
_cell.reciprocal_angle_alpha_esd   ? 
_cell.reciprocal_angle_beta_esd    ? 
_cell.reciprocal_angle_gamma_esd   ? 
_cell.reciprocal_length_a          ? 
_cell.reciprocal_length_b          ? 
_cell.reciprocal_length_c          ? 
_cell.reciprocal_length_a_esd      ? 
_cell.reciprocal_length_b_esd      ? 
_cell.reciprocal_length_c_esd      ? 
_cell.pdbx_unique_axis             ? 
# 
_symmetry.entry_id                         5YKU 
_symmetry.cell_setting                     ? 
_symmetry.Int_Tables_number                154 
_symmetry.space_group_name_Hall            ? 
_symmetry.space_group_name_H-M             'P 32 2 1' 
_symmetry.pdbx_full_space_group_name_H-M   ? 
# 
_exptl.absorpt_coefficient_mu     ? 
_exptl.absorpt_correction_T_max   ? 
_exptl.absorpt_correction_T_min   ? 
_exptl.absorpt_correction_type    ? 
_exptl.absorpt_process_details    ? 
_exptl.entry_id                   5YKU 
_exptl.crystals_number            1 
_exptl.details                    ? 
_exptl.method                     'X-RAY DIFFRACTION' 
_exptl.method_details             ? 
# 
_exptl_crystal.colour                      ? 
_exptl_crystal.density_diffrn              ? 
_exptl_crystal.density_Matthews            2.64 
_exptl_crystal.density_method              ? 
_exptl_crystal.density_percent_sol         53.33 
_exptl_crystal.description                 ? 
_exptl_crystal.F_000                       ? 
_exptl_crystal.id                          1 
_exptl_crystal.preparation                 ? 
_exptl_crystal.size_max                    ? 
_exptl_crystal.size_mid                    ? 
_exptl_crystal.size_min                    ? 
_exptl_crystal.size_rad                    ? 
_exptl_crystal.colour_lustre               ? 
_exptl_crystal.colour_modifier             ? 
_exptl_crystal.colour_primary              ? 
_exptl_crystal.density_meas                ? 
_exptl_crystal.density_meas_esd            ? 
_exptl_crystal.density_meas_gt             ? 
_exptl_crystal.density_meas_lt             ? 
_exptl_crystal.density_meas_temp           ? 
_exptl_crystal.density_meas_temp_esd       ? 
_exptl_crystal.density_meas_temp_gt        ? 
_exptl_crystal.density_meas_temp_lt        ? 
_exptl_crystal.pdbx_crystal_image_url      ? 
_exptl_crystal.pdbx_crystal_image_format   ? 
_exptl_crystal.pdbx_mosaicity              ? 
_exptl_crystal.pdbx_mosaicity_esd          ? 
# 
_exptl_crystal_grow.apparatus       ? 
_exptl_crystal_grow.atmosphere      ? 
_exptl_crystal_grow.crystal_id      1 
_exptl_crystal_grow.details         ? 
_exptl_crystal_grow.method          'VAPOR DIFFUSION, HANGING DROP' 
_exptl_crystal_grow.method_ref      ? 
_exptl_crystal_grow.pH              ? 
_exptl_crystal_grow.pressure        ? 
_exptl_crystal_grow.pressure_esd    ? 
_exptl_crystal_grow.seeding         ? 
_exptl_crystal_grow.seeding_ref     ? 
_exptl_crystal_grow.temp            291 
_exptl_crystal_grow.temp_details    ? 
_exptl_crystal_grow.temp_esd        ? 
_exptl_crystal_grow.time            ? 
_exptl_crystal_grow.pdbx_details    '10% PEG8000, MES pH 6.5, 0.2 M Zinc acetate' 
_exptl_crystal_grow.pdbx_pH_range   ? 
# 
_diffrn.ambient_environment    ? 
_diffrn.ambient_temp           100 
_diffrn.ambient_temp_details   ? 
_diffrn.ambient_temp_esd       ? 
_diffrn.crystal_id             1 
_diffrn.crystal_support        ? 
_diffrn.crystal_treatment      ? 
_diffrn.details                ? 
_diffrn.id                     1 
_diffrn.ambient_pressure       ? 
_diffrn.ambient_pressure_esd   ? 
_diffrn.ambient_pressure_gt    ? 
_diffrn.ambient_pressure_lt    ? 
_diffrn.ambient_temp_gt        ? 
_diffrn.ambient_temp_lt        ? 
# 
_diffrn_detector.details                      ? 
_diffrn_detector.detector                     CCD 
_diffrn_detector.diffrn_id                    1 
_diffrn_detector.type                         'ADSC QUANTUM 315r' 
_diffrn_detector.area_resol_mean              ? 
_diffrn_detector.dtime                        ? 
_diffrn_detector.pdbx_frames_total            ? 
_diffrn_detector.pdbx_collection_time_total   ? 
_diffrn_detector.pdbx_collection_date         2015-07-08 
# 
_diffrn_radiation.collimation                      ? 
_diffrn_radiation.diffrn_id                        1 
_diffrn_radiation.filter_edge                      ? 
_diffrn_radiation.inhomogeneity                    ? 
_diffrn_radiation.monochromator                    ? 
_diffrn_radiation.polarisn_norm                    ? 
_diffrn_radiation.polarisn_ratio                   ? 
_diffrn_radiation.probe                            ? 
_diffrn_radiation.type                             ? 
_diffrn_radiation.xray_symbol                      ? 
_diffrn_radiation.wavelength_id                    1 
_diffrn_radiation.pdbx_monochromatic_or_laue_m_l   M 
_diffrn_radiation.pdbx_wavelength_list             ? 
_diffrn_radiation.pdbx_wavelength                  ? 
_diffrn_radiation.pdbx_diffrn_protocol             'SINGLE WAVELENGTH' 
_diffrn_radiation.pdbx_analyzer                    ? 
_diffrn_radiation.pdbx_scattering_type             x-ray 
# 
_diffrn_radiation_wavelength.id           1 
_diffrn_radiation_wavelength.wavelength   0.97622 
_diffrn_radiation_wavelength.wt           1.0 
# 
_diffrn_source.current                     ? 
_diffrn_source.details                     ? 
_diffrn_source.diffrn_id                   1 
_diffrn_source.power                       ? 
_diffrn_source.size                        ? 
_diffrn_source.source                      SYNCHROTRON 
_diffrn_source.target                      ? 
_diffrn_source.type                        'NSRRC BEAMLINE BL13C1' 
_diffrn_source.voltage                     ? 
_diffrn_source.take-off_angle              ? 
_diffrn_source.pdbx_wavelength_list        0.97622 
_diffrn_source.pdbx_wavelength             ? 
_diffrn_source.pdbx_synchrotron_beamline   BL13C1 
_diffrn_source.pdbx_synchrotron_site       NSRRC 
# 
_reflns.B_iso_Wilson_estimate            ? 
_reflns.entry_id                         5YKU 
_reflns.data_reduction_details           ? 
_reflns.data_reduction_method            ? 
_reflns.d_resolution_high                1.39 
_reflns.d_resolution_low                 30 
_reflns.details                          ? 
_reflns.limit_h_max                      ? 
_reflns.limit_h_min                      ? 
_reflns.limit_k_max                      ? 
_reflns.limit_k_min                      ? 
_reflns.limit_l_max                      ? 
_reflns.limit_l_min                      ? 
_reflns.number_all                       ? 
_reflns.number_obs                       29388 
_reflns.observed_criterion               ? 
_reflns.observed_criterion_F_max         ? 
_reflns.observed_criterion_F_min         ? 
_reflns.observed_criterion_I_max         ? 
_reflns.observed_criterion_I_min         ? 
_reflns.observed_criterion_sigma_F       ? 
_reflns.observed_criterion_sigma_I       ? 
_reflns.percent_possible_obs             99.2 
_reflns.R_free_details                   ? 
_reflns.Rmerge_F_all                     ? 
_reflns.Rmerge_F_obs                     ? 
_reflns.Friedel_coverage                 ? 
_reflns.number_gt                        ? 
_reflns.threshold_expression             ? 
_reflns.pdbx_redundancy                  9.6 
_reflns.pdbx_Rmerge_I_obs                ? 
_reflns.pdbx_Rmerge_I_all                ? 
_reflns.pdbx_Rsym_value                  0.070 
_reflns.pdbx_netI_over_av_sigmaI         ? 
_reflns.pdbx_netI_over_sigmaI            23.9 
_reflns.pdbx_res_netI_over_av_sigmaI_2   ? 
_reflns.pdbx_res_netI_over_sigmaI_2      ? 
_reflns.pdbx_chi_squared                 ? 
_reflns.pdbx_scaling_rejects             ? 
_reflns.pdbx_d_res_high_opt              ? 
_reflns.pdbx_d_res_low_opt               ? 
_reflns.pdbx_d_res_opt_method            ? 
_reflns.phase_calculation_details        ? 
_reflns.pdbx_Rrim_I_all                  0.075 
_reflns.pdbx_Rpim_I_all                  0.025 
_reflns.pdbx_d_opt                       ? 
_reflns.pdbx_number_measured_all         ? 
_reflns.pdbx_diffrn_id                   1 
_reflns.pdbx_ordinal                     1 
_reflns.pdbx_CC_half                     ? 
_reflns.pdbx_R_split                     ? 
# 
_reflns_shell.d_res_high                  1.39 
_reflns_shell.d_res_low                   1.44 
_reflns_shell.meanI_over_sigI_all         ? 
_reflns_shell.meanI_over_sigI_obs         ? 
_reflns_shell.number_measured_all         ? 
_reflns_shell.number_measured_obs         ? 
_reflns_shell.number_possible             ? 
_reflns_shell.number_unique_all           ? 
_reflns_shell.number_unique_obs           ? 
_reflns_shell.percent_possible_all        98.4 
_reflns_shell.percent_possible_obs        ? 
_reflns_shell.Rmerge_F_all                ? 
_reflns_shell.Rmerge_F_obs                ? 
_reflns_shell.Rmerge_I_all                ? 
_reflns_shell.Rmerge_I_obs                ? 
_reflns_shell.meanI_over_sigI_gt          ? 
_reflns_shell.meanI_over_uI_all           ? 
_reflns_shell.meanI_over_uI_gt            ? 
_reflns_shell.number_measured_gt          ? 
_reflns_shell.number_unique_gt            ? 
_reflns_shell.percent_possible_gt         ? 
_reflns_shell.Rmerge_F_gt                 ? 
_reflns_shell.Rmerge_I_gt                 ? 
_reflns_shell.pdbx_redundancy             9.9 
_reflns_shell.pdbx_Rsym_value             0.337 
_reflns_shell.pdbx_chi_squared            ? 
_reflns_shell.pdbx_netI_over_sigmaI_all   ? 
_reflns_shell.pdbx_netI_over_sigmaI_obs   ? 
_reflns_shell.pdbx_Rrim_I_all             0.356 
_reflns_shell.pdbx_Rpim_I_all             0.113 
_reflns_shell.pdbx_rejects                ? 
_reflns_shell.pdbx_ordinal                1 
_reflns_shell.pdbx_diffrn_id              1 
_reflns_shell.pdbx_CC_half                0.964 
_reflns_shell.pdbx_R_split                ? 
# 
_refine.aniso_B[1][1]                            0.17 
_refine.aniso_B[1][2]                            0.17 
_refine.aniso_B[1][3]                            0.00 
_refine.aniso_B[2][2]                            0.17 
_refine.aniso_B[2][3]                            0.00 
_refine.aniso_B[3][3]                            -0.56 
_refine.B_iso_max                                ? 
_refine.B_iso_mean                               14.247 
_refine.B_iso_min                                ? 
_refine.correlation_coeff_Fo_to_Fc               0.974 
_refine.correlation_coeff_Fo_to_Fc_free          0.973 
_refine.details                                  'HYDROGENS HAVE BEEN ADDED IN THE RIDING POSITIONS' 
_refine.diff_density_max                         ? 
_refine.diff_density_max_esd                     ? 
_refine.diff_density_min                         ? 
_refine.diff_density_min_esd                     ? 
_refine.diff_density_rms                         ? 
_refine.diff_density_rms_esd                     ? 
_refine.entry_id                                 5YKU 
_refine.pdbx_refine_id                           'X-RAY DIFFRACTION' 
_refine.ls_abs_structure_details                 ? 
_refine.ls_abs_structure_Flack                   ? 
_refine.ls_abs_structure_Flack_esd               ? 
_refine.ls_abs_structure_Rogers                  ? 
_refine.ls_abs_structure_Rogers_esd              ? 
_refine.ls_d_res_high                            1.39 
_refine.ls_d_res_low                             23.87 
_refine.ls_extinction_coef                       ? 
_refine.ls_extinction_coef_esd                   ? 
_refine.ls_extinction_expression                 ? 
_refine.ls_extinction_method                     ? 
_refine.ls_goodness_of_fit_all                   ? 
_refine.ls_goodness_of_fit_all_esd               ? 
_refine.ls_goodness_of_fit_obs                   ? 
_refine.ls_goodness_of_fit_obs_esd               ? 
_refine.ls_hydrogen_treatment                    ? 
_refine.ls_matrix_type                           ? 
_refine.ls_number_constraints                    ? 
_refine.ls_number_parameters                     ? 
_refine.ls_number_reflns_all                     ? 
_refine.ls_number_reflns_obs                     27637 
_refine.ls_number_reflns_R_free                  1485 
_refine.ls_number_reflns_R_work                  ? 
_refine.ls_number_restraints                     ? 
_refine.ls_percent_reflns_obs                    99.14 
_refine.ls_percent_reflns_R_free                 5.1 
_refine.ls_R_factor_all                          ? 
_refine.ls_R_factor_obs                          0.14220 
_refine.ls_R_factor_R_free                       0.15140 
_refine.ls_R_factor_R_free_error                 ? 
_refine.ls_R_factor_R_free_error_details         ? 
_refine.ls_R_factor_R_work                       0.14172 
_refine.ls_R_Fsqd_factor_obs                     ? 
_refine.ls_R_I_factor_obs                        ? 
_refine.ls_redundancy_reflns_all                 ? 
_refine.ls_redundancy_reflns_obs                 ? 
_refine.ls_restrained_S_all                      ? 
_refine.ls_restrained_S_obs                      ? 
_refine.ls_shift_over_esd_max                    ? 
_refine.ls_shift_over_esd_mean                   ? 
_refine.ls_structure_factor_coef                 ? 
_refine.ls_weighting_details                     ? 
_refine.ls_weighting_scheme                      ? 
_refine.ls_wR_factor_all                         ? 
_refine.ls_wR_factor_obs                         ? 
_refine.ls_wR_factor_R_free                      ? 
_refine.ls_wR_factor_R_work                      ? 
_refine.occupancy_max                            ? 
_refine.occupancy_min                            ? 
_refine.solvent_model_details                    MASK 
_refine.solvent_model_param_bsol                 ? 
_refine.solvent_model_param_ksol                 ? 
_refine.ls_R_factor_gt                           ? 
_refine.ls_goodness_of_fit_gt                    ? 
_refine.ls_goodness_of_fit_ref                   ? 
_refine.ls_shift_over_su_max                     ? 
_refine.ls_shift_over_su_max_lt                  ? 
_refine.ls_shift_over_su_mean                    ? 
_refine.ls_shift_over_su_mean_lt                 ? 
_refine.pdbx_ls_sigma_I                          ? 
_refine.pdbx_ls_sigma_F                          ? 
_refine.pdbx_ls_sigma_Fsqd                       ? 
_refine.pdbx_data_cutoff_high_absF               ? 
_refine.pdbx_data_cutoff_high_rms_absF           ? 
_refine.pdbx_data_cutoff_low_absF                ? 
_refine.pdbx_isotropic_thermal_model             ? 
_refine.pdbx_ls_cross_valid_method               THROUGHOUT 
_refine.pdbx_method_to_determine_struct          'MOLECULAR REPLACEMENT' 
_refine.pdbx_starting_model                      ? 
_refine.pdbx_stereochemistry_target_values       'MAXIMUM LIKELIHOOD' 
_refine.pdbx_R_Free_selection_details            RANDOM 
_refine.pdbx_stereochem_target_val_spec_case     ? 
_refine.pdbx_overall_ESU_R                       0.047 
_refine.pdbx_overall_ESU_R_Free                  0.045 
_refine.pdbx_solvent_vdw_probe_radii             1.20 
_refine.pdbx_solvent_ion_probe_radii             0.80 
_refine.pdbx_solvent_shrinkage_radii             0.80 
_refine.pdbx_real_space_R                        ? 
_refine.pdbx_density_correlation                 ? 
_refine.pdbx_pd_number_of_powder_patterns        ? 
_refine.pdbx_pd_number_of_points                 ? 
_refine.pdbx_pd_meas_number_of_points            ? 
_refine.pdbx_pd_proc_ls_prof_R_factor            ? 
_refine.pdbx_pd_proc_ls_prof_wR_factor           ? 
_refine.pdbx_pd_Marquardt_correlation_coeff      ? 
_refine.pdbx_pd_Fsqrd_R_factor                   ? 
_refine.pdbx_pd_ls_matrix_band_width             ? 
_refine.pdbx_overall_phase_error                 ? 
_refine.pdbx_overall_SU_R_free_Cruickshank_DPI   ? 
_refine.pdbx_overall_SU_R_free_Blow_DPI          ? 
_refine.pdbx_overall_SU_R_Blow_DPI               ? 
_refine.pdbx_TLS_residual_ADP_flag               ? 
_refine.pdbx_diffrn_id                           1 
_refine.overall_SU_B                             0.582 
_refine.overall_SU_ML                            0.025 
_refine.overall_SU_R_Cruickshank_DPI             ? 
_refine.overall_SU_R_free                        ? 
_refine.overall_FOM_free_R_set                   ? 
_refine.overall_FOM_work_R_set                   ? 
_refine.pdbx_average_fsc_overall                 ? 
_refine.pdbx_average_fsc_work                    ? 
_refine.pdbx_average_fsc_free                    ? 
# 
_refine_hist.pdbx_refine_id                   'X-RAY DIFFRACTION' 
_refine_hist.cycle_id                         1 
_refine_hist.pdbx_number_atoms_protein        958 
_refine_hist.pdbx_number_atoms_nucleic_acid   0 
_refine_hist.pdbx_number_atoms_ligand         3 
_refine_hist.number_atoms_solvent             275 
_refine_hist.number_atoms_total               1236 
_refine_hist.d_res_high                       1.39 
_refine_hist.d_res_low                        23.87 
# 
loop_
_refine_ls_restr.pdbx_refine_id 
_refine_ls_restr.criterion 
_refine_ls_restr.dev_ideal 
_refine_ls_restr.dev_ideal_target 
_refine_ls_restr.number 
_refine_ls_restr.rejects 
_refine_ls_restr.type 
_refine_ls_restr.weight 
_refine_ls_restr.pdbx_restraint_function 
'X-RAY DIFFRACTION' ? 0.028  0.020  978  ? r_bond_refined_d             ? ? 
'X-RAY DIFFRACTION' ? 0.001  0.020  909  ? r_bond_other_d               ? ? 
'X-RAY DIFFRACTION' ? 2.368  1.954  1335 ? r_angle_refined_deg          ? ? 
'X-RAY DIFFRACTION' ? 0.955  3.000  2097 ? r_angle_other_deg            ? ? 
'X-RAY DIFFRACTION' ? 7.872  5.000  122  ? r_dihedral_angle_1_deg       ? ? 
'X-RAY DIFFRACTION' ? 34.466 25.581 43   ? r_dihedral_angle_2_deg       ? ? 
'X-RAY DIFFRACTION' ? 10.394 15.000 154  ? r_dihedral_angle_3_deg       ? ? 
'X-RAY DIFFRACTION' ? 18.077 15.000 3    ? r_dihedral_angle_4_deg       ? ? 
'X-RAY DIFFRACTION' ? 0.143  0.200  156  ? r_chiral_restr               ? ? 
'X-RAY DIFFRACTION' ? 0.012  0.021  1113 ? r_gen_planes_refined         ? ? 
'X-RAY DIFFRACTION' ? 0.001  0.020  214  ? r_gen_planes_other           ? ? 
'X-RAY DIFFRACTION' ? ?      ?      ?    ? r_nbd_refined                ? ? 
'X-RAY DIFFRACTION' ? ?      ?      ?    ? r_nbd_other                  ? ? 
'X-RAY DIFFRACTION' ? ?      ?      ?    ? r_nbtor_refined              ? ? 
'X-RAY DIFFRACTION' ? ?      ?      ?    ? r_nbtor_other                ? ? 
'X-RAY DIFFRACTION' ? ?      ?      ?    ? r_xyhbond_nbd_refined        ? ? 
'X-RAY DIFFRACTION' ? ?      ?      ?    ? r_xyhbond_nbd_other          ? ? 
'X-RAY DIFFRACTION' ? ?      ?      ?    ? r_metal_ion_refined          ? ? 
'X-RAY DIFFRACTION' ? ?      ?      ?    ? r_metal_ion_other            ? ? 
'X-RAY DIFFRACTION' ? ?      ?      ?    ? r_symmetry_vdw_refined       ? ? 
'X-RAY DIFFRACTION' ? ?      ?      ?    ? r_symmetry_vdw_other         ? ? 
'X-RAY DIFFRACTION' ? ?      ?      ?    ? r_symmetry_hbond_refined     ? ? 
'X-RAY DIFFRACTION' ? ?      ?      ?    ? r_symmetry_hbond_other       ? ? 
'X-RAY DIFFRACTION' ? ?      ?      ?    ? r_symmetry_metal_ion_refined ? ? 
'X-RAY DIFFRACTION' ? ?      ?      ?    ? r_symmetry_metal_ion_other   ? ? 
'X-RAY DIFFRACTION' ? 1.180  1.088  491  ? r_mcbond_it                  ? ? 
'X-RAY DIFFRACTION' ? 1.166  1.086  490  ? r_mcbond_other               ? ? 
'X-RAY DIFFRACTION' ? 1.669  1.632  612  ? r_mcangle_it                 ? ? 
'X-RAY DIFFRACTION' ? 1.674  1.633  613  ? r_mcangle_other              ? ? 
'X-RAY DIFFRACTION' ? 2.531  1.269  487  ? r_scbond_it                  ? ? 
'X-RAY DIFFRACTION' ? 2.528  1.268  488  ? r_scbond_other               ? ? 
'X-RAY DIFFRACTION' ? ?      ?      ?    ? r_scangle_it                 ? ? 
'X-RAY DIFFRACTION' ? 3.542  1.833  724  ? r_scangle_other              ? ? 
'X-RAY DIFFRACTION' ? 6.640  12.670 1368 ? r_long_range_B_refined       ? ? 
'X-RAY DIFFRACTION' ? 5.109  9.928  1149 ? r_long_range_B_other         ? ? 
'X-RAY DIFFRACTION' ? ?      ?      ?    ? r_rigid_bond_restr           ? ? 
'X-RAY DIFFRACTION' ? ?      ?      ?    ? r_sphericity_free            ? ? 
'X-RAY DIFFRACTION' ? ?      ?      ?    ? r_sphericity_bonded          ? ? 
# 
_refine_ls_shell.pdbx_refine_id                   'X-RAY DIFFRACTION' 
_refine_ls_shell.d_res_high                       1.389 
_refine_ls_shell.d_res_low                        1.425 
_refine_ls_shell.number_reflns_all                ? 
_refine_ls_shell.number_reflns_obs                ? 
_refine_ls_shell.number_reflns_R_free             112 
_refine_ls_shell.number_reflns_R_work             1990 
_refine_ls_shell.percent_reflns_obs               97.50 
_refine_ls_shell.percent_reflns_R_free            ? 
_refine_ls_shell.R_factor_all                     ? 
_refine_ls_shell.R_factor_obs                     ? 
_refine_ls_shell.R_factor_R_free                  0.180 
_refine_ls_shell.R_factor_R_free_error            ? 
_refine_ls_shell.R_factor_R_work                  0.158 
_refine_ls_shell.redundancy_reflns_all            ? 
_refine_ls_shell.redundancy_reflns_obs            ? 
_refine_ls_shell.wR_factor_all                    ? 
_refine_ls_shell.wR_factor_obs                    ? 
_refine_ls_shell.wR_factor_R_free                 ? 
_refine_ls_shell.wR_factor_R_work                 ? 
_refine_ls_shell.pdbx_total_number_of_bins_used   20 
_refine_ls_shell.pdbx_phase_error                 ? 
_refine_ls_shell.pdbx_fsc_work                    ? 
_refine_ls_shell.pdbx_fsc_free                    ? 
# 
_struct.entry_id                     5YKU 
_struct.title                        'The crystal structure of Macrobrachium rosenbergii nodavirus P-domain with Zn ions' 
_struct.pdbx_model_details           ? 
_struct.pdbx_formula_weight          ? 
_struct.pdbx_formula_weight_method   ? 
_struct.pdbx_model_type_details      ? 
_struct.pdbx_CASP_flag               N 
# 
_struct_keywords.entry_id        5YKU 
_struct_keywords.text            'Protrusion domain of viral capsid protein, VIRAL PROTEIN' 
_struct_keywords.pdbx_keywords   'VIRAL PROTEIN' 
# 
loop_
_struct_asym.id 
_struct_asym.pdbx_blank_PDB_chainid_flag 
_struct_asym.pdbx_modified 
_struct_asym.entity_id 
_struct_asym.details 
A N N 1 ? 
B N N 2 ? 
C N N 2 ? 
D N N 2 ? 
E N N 3 ? 
# 
_struct_ref.id                         1 
_struct_ref.db_name                    UNP 
_struct_ref.db_code                    Q6XNL3_MRNV 
_struct_ref.pdbx_db_accession          Q6XNL3 
_struct_ref.pdbx_db_isoform            ? 
_struct_ref.entity_id                  1 
_struct_ref.pdbx_seq_one_letter_code   
;PTPVEVSQLTYNADTIGNWVPPTELKQTYTQDITGLKPNSKFIIVPYMDRVSSEVLQKCTITCNEVDAVGSISYFDTSAI
KCDGYISFQANSIGEATFTLVTDYQGAVDPKPYQYRIIRAIVGNN
;
_struct_ref.pdbx_align_begin           247 
# 
_struct_ref_seq.align_id                      1 
_struct_ref_seq.ref_id                        1 
_struct_ref_seq.pdbx_PDB_id_code              5YKU 
_struct_ref_seq.pdbx_strand_id                A 
_struct_ref_seq.seq_align_beg                 1 
_struct_ref_seq.pdbx_seq_align_beg_ins_code   ? 
_struct_ref_seq.seq_align_end                 125 
_struct_ref_seq.pdbx_seq_align_end_ins_code   ? 
_struct_ref_seq.pdbx_db_accession             Q6XNL3 
_struct_ref_seq.db_align_beg                  247 
_struct_ref_seq.pdbx_db_align_beg_ins_code    ? 
_struct_ref_seq.db_align_end                  371 
_struct_ref_seq.pdbx_db_align_end_ins_code    ? 
_struct_ref_seq.pdbx_auth_seq_align_beg       2 
_struct_ref_seq.pdbx_auth_seq_align_end       126 
# 
_pdbx_struct_assembly.id                   1 
_pdbx_struct_assembly.details              author_and_software_defined_assembly 
_pdbx_struct_assembly.method_details       PISA 
_pdbx_struct_assembly.oligomeric_details   monomeric 
_pdbx_struct_assembly.oligomeric_count     1 
# 
loop_
_pdbx_struct_assembly_prop.biol_id 
_pdbx_struct_assembly_prop.type 
_pdbx_struct_assembly_prop.value 
_pdbx_struct_assembly_prop.details 
1 'ABSA (A^2)' 160  ? 
1 MORE         -40  ? 
1 'SSA (A^2)'  7080 ? 
# 
_pdbx_struct_assembly_gen.assembly_id       1 
_pdbx_struct_assembly_gen.oper_expression   1 
_pdbx_struct_assembly_gen.asym_id_list      A,B,C,D,E 
# 
_pdbx_struct_assembly_auth_evidence.id                     1 
_pdbx_struct_assembly_auth_evidence.assembly_id            1 
_pdbx_struct_assembly_auth_evidence.experimental_support   homology 
_pdbx_struct_assembly_auth_evidence.details                ? 
# 
_pdbx_struct_oper_list.id                   1 
_pdbx_struct_oper_list.type                 'identity operation' 
_pdbx_struct_oper_list.name                 1_555 
_pdbx_struct_oper_list.symmetry_operation   x,y,z 
_pdbx_struct_oper_list.matrix[1][1]         1.0000000000 
_pdbx_struct_oper_list.matrix[1][2]         0.0000000000 
_pdbx_struct_oper_list.matrix[1][3]         0.0000000000 
_pdbx_struct_oper_list.vector[1]            0.0000000000 
_pdbx_struct_oper_list.matrix[2][1]         0.0000000000 
_pdbx_struct_oper_list.matrix[2][2]         1.0000000000 
_pdbx_struct_oper_list.matrix[2][3]         0.0000000000 
_pdbx_struct_oper_list.vector[2]            0.0000000000 
_pdbx_struct_oper_list.matrix[3][1]         0.0000000000 
_pdbx_struct_oper_list.matrix[3][2]         0.0000000000 
_pdbx_struct_oper_list.matrix[3][3]         1.0000000000 
_pdbx_struct_oper_list.vector[3]            0.0000000000 
# 
_struct_conf.conf_type_id            HELX_P 
_struct_conf.id                      HELX_P1 
_struct_conf.pdbx_PDB_helix_id       AA1 
_struct_conf.beg_label_comp_id       GLU 
_struct_conf.beg_label_asym_id       A 
_struct_conf.beg_label_seq_id        5 
_struct_conf.pdbx_beg_PDB_ins_code   ? 
_struct_conf.end_label_comp_id       LEU 
_struct_conf.end_label_asym_id       A 
_struct_conf.end_label_seq_id        9 
_struct_conf.pdbx_end_PDB_ins_code   ? 
_struct_conf.beg_auth_comp_id        GLU 
_struct_conf.beg_auth_asym_id        A 
_struct_conf.beg_auth_seq_id         6 
_struct_conf.end_auth_comp_id        LEU 
_struct_conf.end_auth_asym_id        A 
_struct_conf.end_auth_seq_id         10 
_struct_conf.pdbx_PDB_helix_class    5 
_struct_conf.details                 ? 
_struct_conf.pdbx_PDB_helix_length   5 
# 
_struct_conf_type.id          HELX_P 
_struct_conf_type.criteria    ? 
_struct_conf_type.reference   ? 
# 
loop_
_struct_conn.id 
_struct_conn.conn_type_id 
_struct_conn.pdbx_leaving_atom_flag 
_struct_conn.pdbx_PDB_id 
_struct_conn.ptnr1_label_asym_id 
_struct_conn.ptnr1_label_comp_id 
_struct_conn.ptnr1_label_seq_id 
_struct_conn.ptnr1_label_atom_id 
_struct_conn.pdbx_ptnr1_label_alt_id 
_struct_conn.pdbx_ptnr1_PDB_ins_code 
_struct_conn.pdbx_ptnr1_standard_comp_id 
_struct_conn.ptnr1_symmetry 
_struct_conn.ptnr2_label_asym_id 
_struct_conn.ptnr2_label_comp_id 
_struct_conn.ptnr2_label_seq_id 
_struct_conn.ptnr2_label_atom_id 
_struct_conn.pdbx_ptnr2_label_alt_id 
_struct_conn.pdbx_ptnr2_PDB_ins_code 
_struct_conn.ptnr1_auth_asym_id 
_struct_conn.ptnr1_auth_comp_id 
_struct_conn.ptnr1_auth_seq_id 
_struct_conn.ptnr2_auth_asym_id 
_struct_conn.ptnr2_auth_comp_id 
_struct_conn.ptnr2_auth_seq_id 
_struct_conn.ptnr2_symmetry 
_struct_conn.pdbx_ptnr3_label_atom_id 
_struct_conn.pdbx_ptnr3_label_seq_id 
_struct_conn.pdbx_ptnr3_label_comp_id 
_struct_conn.pdbx_ptnr3_label_asym_id 
_struct_conn.pdbx_ptnr3_label_alt_id 
_struct_conn.pdbx_ptnr3_PDB_ins_code 
_struct_conn.details 
_struct_conn.pdbx_dist_value 
_struct_conn.pdbx_value_order 
_struct_conn.pdbx_role 
covale1  covale both ? A TYR 47  C   ? ? ? 1_555 A MSE 48 N  ? ? A TYR 48  A MSE 49  1_555 ? ? ? ? ? ? ? 1.299 ? ? 
covale2  covale both ? A MSE 48  C   ? ? ? 1_555 A ASP 49 N  ? ? A MSE 49  A ASP 50  1_555 ? ? ? ? ? ? ? 1.332 ? ? 
metalc1  metalc ?    ? A GLU 24  OE2 ? ? ? 1_555 C ZN  .  ZN ? ? A GLU 25  A ZN  202 3_565 ? ? ? ? ? ? ? 1.723 ? ? 
metalc2  metalc ?    ? A GLU 24  OE2 ? ? ? 1_555 D ZN  .  ZN ? ? A GLU 25  A ZN  203 4_556 ? ? ? ? ? ? ? 2.194 ? ? 
metalc3  metalc ?    ? A ASP 67  OD1 ? ? ? 1_555 C ZN  .  ZN ? ? A ASP 68  A ZN  202 1_555 ? ? ? ? ? ? ? 2.493 ? ? 
metalc4  metalc ?    ? A ASP 67  OD2 ? ? ? 1_555 C ZN  .  ZN ? ? A ASP 68  A ZN  202 1_555 ? ? ? ? ? ? ? 2.051 ? ? 
metalc5  metalc ?    ? A ASP 67  OD2 ? ? ? 1_555 D ZN  .  ZN ? ? A ASP 68  A ZN  203 6_665 ? ? ? ? ? ? ? 1.879 ? ? 
metalc6  metalc ?    ? A GLU 95  OE1 ? ? ? 1_555 B ZN  .  ZN ? ? A GLU 96  A ZN  201 1_555 ? ? ? ? ? ? ? 2.636 ? ? 
metalc7  metalc ?    ? A GLU 95  OE2 ? ? ? 1_555 B ZN  .  ZN ? ? A GLU 96  A ZN  201 1_555 ? ? ? ? ? ? ? 2.030 ? ? 
metalc8  metalc ?    ? A GLU 95  OE1 ? ? ? 1_555 B ZN  .  ZN ? ? A GLU 96  A ZN  201 4_556 ? ? ? ? ? ? ? 2.637 ? ? 
metalc9  metalc ?    ? A GLU 95  OE2 ? ? ? 1_555 B ZN  .  ZN ? ? A GLU 96  A ZN  201 4_556 ? ? ? ? ? ? ? 2.029 ? ? 
metalc10 metalc ?    ? A ASP 109 OD1 ? ? ? 1_555 C ZN  .  ZN ? ? A ASP 110 A ZN  202 6_655 ? ? ? ? ? ? ? 1.937 ? ? 
metalc11 metalc ?    ? A ASP 109 OD1 ? ? ? 1_555 D ZN  .  ZN ? ? A ASP 110 A ZN  203 1_555 ? ? ? ? ? ? ? 2.085 ? ? 
metalc12 metalc ?    ? B ZN  .   ZN  ? ? ? 1_555 E HOH .  O  ? ? A ZN  201 A HOH 311 1_555 ? ? ? ? ? ? ? 1.973 ? ? 
metalc13 metalc ?    ? B ZN  .   ZN  ? ? ? 1_555 E HOH .  O  ? ? A ZN  201 A HOH 311 4_556 ? ? ? ? ? ? ? 1.974 ? ? 
# 
loop_
_struct_conn_type.id 
_struct_conn_type.criteria 
_struct_conn_type.reference 
covale ? ? 
metalc ? ? 
# 
loop_
_pdbx_struct_conn_angle.id 
_pdbx_struct_conn_angle.ptnr1_label_atom_id 
_pdbx_struct_conn_angle.ptnr1_label_alt_id 
_pdbx_struct_conn_angle.ptnr1_label_asym_id 
_pdbx_struct_conn_angle.ptnr1_label_comp_id 
_pdbx_struct_conn_angle.ptnr1_label_seq_id 
_pdbx_struct_conn_angle.ptnr1_auth_atom_id 
_pdbx_struct_conn_angle.ptnr1_auth_asym_id 
_pdbx_struct_conn_angle.ptnr1_auth_comp_id 
_pdbx_struct_conn_angle.ptnr1_auth_seq_id 
_pdbx_struct_conn_angle.ptnr1_PDB_ins_code 
_pdbx_struct_conn_angle.ptnr1_symmetry 
_pdbx_struct_conn_angle.ptnr2_label_atom_id 
_pdbx_struct_conn_angle.ptnr2_label_alt_id 
_pdbx_struct_conn_angle.ptnr2_label_asym_id 
_pdbx_struct_conn_angle.ptnr2_label_comp_id 
_pdbx_struct_conn_angle.ptnr2_label_seq_id 
_pdbx_struct_conn_angle.ptnr2_auth_atom_id 
_pdbx_struct_conn_angle.ptnr2_auth_asym_id 
_pdbx_struct_conn_angle.ptnr2_auth_comp_id 
_pdbx_struct_conn_angle.ptnr2_auth_seq_id 
_pdbx_struct_conn_angle.ptnr2_PDB_ins_code 
_pdbx_struct_conn_angle.ptnr2_symmetry 
_pdbx_struct_conn_angle.ptnr3_label_atom_id 
_pdbx_struct_conn_angle.ptnr3_label_alt_id 
_pdbx_struct_conn_angle.ptnr3_label_asym_id 
_pdbx_struct_conn_angle.ptnr3_label_comp_id 
_pdbx_struct_conn_angle.ptnr3_label_seq_id 
_pdbx_struct_conn_angle.ptnr3_auth_atom_id 
_pdbx_struct_conn_angle.ptnr3_auth_asym_id 
_pdbx_struct_conn_angle.ptnr3_auth_comp_id 
_pdbx_struct_conn_angle.ptnr3_auth_seq_id 
_pdbx_struct_conn_angle.ptnr3_PDB_ins_code 
_pdbx_struct_conn_angle.ptnr3_symmetry 
_pdbx_struct_conn_angle.value 
_pdbx_struct_conn_angle.value_esd 
1  OE2 ? A GLU 24 ? A GLU 25  ? 1_555 ZN ? C ZN . ? A ZN 202 ? 3_565 OD1 ? A ASP 67  ? A ASP 68  ? 1_555 19.5  ? 
2  OE2 ? A GLU 24 ? A GLU 25  ? 1_555 ZN ? C ZN . ? A ZN 202 ? 3_565 OD2 ? A ASP 67  ? A ASP 68  ? 1_555 17.4  ? 
3  OD1 ? A ASP 67 ? A ASP 68  ? 1_555 ZN ? C ZN . ? A ZN 202 ? 3_565 OD2 ? A ASP 67  ? A ASP 68  ? 1_555 2.6   ? 
4  OE2 ? A GLU 24 ? A GLU 25  ? 1_555 ZN ? C ZN . ? A ZN 202 ? 3_565 OD1 ? A ASP 109 ? A ASP 110 ? 1_555 71.0  ? 
5  OD1 ? A ASP 67 ? A ASP 68  ? 1_555 ZN ? C ZN . ? A ZN 202 ? 3_565 OD1 ? A ASP 109 ? A ASP 110 ? 1_555 90.4  ? 
6  OD2 ? A ASP 67 ? A ASP 68  ? 1_555 ZN ? C ZN . ? A ZN 202 ? 3_565 OD1 ? A ASP 109 ? A ASP 110 ? 1_555 88.1  ? 
7  OE2 ? A GLU 24 ? A GLU 25  ? 1_555 ZN ? D ZN . ? A ZN 203 ? 4_556 OD2 ? A ASP 67  ? A ASP 68  ? 1_555 9.6   ? 
8  OE2 ? A GLU 24 ? A GLU 25  ? 1_555 ZN ? D ZN . ? A ZN 203 ? 4_556 OD1 ? A ASP 109 ? A ASP 110 ? 1_555 77.1  ? 
9  OD2 ? A ASP 67 ? A ASP 68  ? 1_555 ZN ? D ZN . ? A ZN 203 ? 4_556 OD1 ? A ASP 109 ? A ASP 110 ? 1_555 86.1  ? 
10 OE1 ? A GLU 95 ? A GLU 96  ? 1_555 ZN ? B ZN . ? A ZN 201 ? 1_555 OE2 ? A GLU 95  ? A GLU 96  ? 1_555 53.3  ? 
11 OE1 ? A GLU 95 ? A GLU 96  ? 1_555 ZN ? B ZN . ? A ZN 201 ? 1_555 OE1 ? A GLU 95  ? A GLU 96  ? 1_555 0.0   ? 
12 OE2 ? A GLU 95 ? A GLU 96  ? 1_555 ZN ? B ZN . ? A ZN 201 ? 1_555 OE1 ? A GLU 95  ? A GLU 96  ? 1_555 53.3  ? 
13 OE1 ? A GLU 95 ? A GLU 96  ? 1_555 ZN ? B ZN . ? A ZN 201 ? 1_555 OE2 ? A GLU 95  ? A GLU 96  ? 1_555 53.3  ? 
14 OE2 ? A GLU 95 ? A GLU 96  ? 1_555 ZN ? B ZN . ? A ZN 201 ? 1_555 OE2 ? A GLU 95  ? A GLU 96  ? 1_555 0.0   ? 
15 OE1 ? A GLU 95 ? A GLU 96  ? 1_555 ZN ? B ZN . ? A ZN 201 ? 1_555 OE2 ? A GLU 95  ? A GLU 96  ? 1_555 53.3  ? 
16 OE1 ? A GLU 95 ? A GLU 96  ? 1_555 ZN ? B ZN . ? A ZN 201 ? 1_555 O   ? E HOH .   ? A HOH 311 ? 1_555 82.6  ? 
17 OE2 ? A GLU 95 ? A GLU 96  ? 1_555 ZN ? B ZN . ? A ZN 201 ? 1_555 O   ? E HOH .   ? A HOH 311 ? 1_555 129.0 ? 
18 OE1 ? A GLU 95 ? A GLU 96  ? 1_555 ZN ? B ZN . ? A ZN 201 ? 1_555 O   ? E HOH .   ? A HOH 311 ? 1_555 82.6  ? 
19 OE2 ? A GLU 95 ? A GLU 96  ? 1_555 ZN ? B ZN . ? A ZN 201 ? 1_555 O   ? E HOH .   ? A HOH 311 ? 1_555 129.0 ? 
20 OE1 ? A GLU 95 ? A GLU 96  ? 1_555 ZN ? B ZN . ? A ZN 201 ? 1_555 O   ? E HOH .   ? A HOH 311 ? 4_556 133.7 ? 
21 OE2 ? A GLU 95 ? A GLU 96  ? 1_555 ZN ? B ZN . ? A ZN 201 ? 1_555 O   ? E HOH .   ? A HOH 311 ? 4_556 98.8  ? 
22 OE1 ? A GLU 95 ? A GLU 96  ? 1_555 ZN ? B ZN . ? A ZN 201 ? 1_555 O   ? E HOH .   ? A HOH 311 ? 4_556 133.7 ? 
23 OE2 ? A GLU 95 ? A GLU 96  ? 1_555 ZN ? B ZN . ? A ZN 201 ? 1_555 O   ? E HOH .   ? A HOH 311 ? 4_556 98.8  ? 
24 O   ? E HOH .  ? A HOH 311 ? 1_555 ZN ? B ZN . ? A ZN 201 ? 1_555 O   ? E HOH .   ? A HOH 311 ? 4_556 94.5  ? 
# 
_pdbx_modification_feature.ordinal                            1 
_pdbx_modification_feature.label_comp_id                      MSE 
_pdbx_modification_feature.label_asym_id                      A 
_pdbx_modification_feature.label_seq_id                       48 
_pdbx_modification_feature.label_alt_id                       ? 
_pdbx_modification_feature.modified_residue_label_comp_id     . 
_pdbx_modification_feature.modified_residue_label_asym_id     . 
_pdbx_modification_feature.modified_residue_label_seq_id      . 
_pdbx_modification_feature.modified_residue_label_alt_id      . 
_pdbx_modification_feature.auth_comp_id                       MSE 
_pdbx_modification_feature.auth_asym_id                       A 
_pdbx_modification_feature.auth_seq_id                        49 
_pdbx_modification_feature.PDB_ins_code                       ? 
_pdbx_modification_feature.symmetry                           1_555 
_pdbx_modification_feature.modified_residue_auth_comp_id      . 
_pdbx_modification_feature.modified_residue_auth_asym_id      . 
_pdbx_modification_feature.modified_residue_auth_seq_id       . 
_pdbx_modification_feature.modified_residue_PDB_ins_code      . 
_pdbx_modification_feature.modified_residue_symmetry          . 
_pdbx_modification_feature.comp_id_linking_atom               . 
_pdbx_modification_feature.modified_residue_id_linking_atom   . 
_pdbx_modification_feature.modified_residue_id                MET 
_pdbx_modification_feature.ref_pcm_id                         1 
_pdbx_modification_feature.ref_comp_id                        MSE 
_pdbx_modification_feature.type                               Selenomethionine 
_pdbx_modification_feature.category                           'Named protein modification' 
# 
_struct_sheet.id               AA1 
_struct_sheet.type             ? 
_struct_sheet.number_strands   8 
_struct_sheet.details          ? 
# 
loop_
_struct_sheet_order.sheet_id 
_struct_sheet_order.range_id_1 
_struct_sheet_order.range_id_2 
_struct_sheet_order.offset 
_struct_sheet_order.sense 
AA1 1 2 ? anti-parallel 
AA1 2 3 ? anti-parallel 
AA1 3 4 ? anti-parallel 
AA1 4 5 ? anti-parallel 
AA1 5 6 ? anti-parallel 
AA1 6 7 ? anti-parallel 
AA1 7 8 ? anti-parallel 
# 
loop_
_struct_sheet_range.sheet_id 
_struct_sheet_range.id 
_struct_sheet_range.beg_label_comp_id 
_struct_sheet_range.beg_label_asym_id 
_struct_sheet_range.beg_label_seq_id 
_struct_sheet_range.pdbx_beg_PDB_ins_code 
_struct_sheet_range.end_label_comp_id 
_struct_sheet_range.end_label_asym_id 
_struct_sheet_range.end_label_seq_id 
_struct_sheet_range.pdbx_end_PDB_ins_code 
_struct_sheet_range.beg_auth_comp_id 
_struct_sheet_range.beg_auth_asym_id 
_struct_sheet_range.beg_auth_seq_id 
_struct_sheet_range.end_auth_comp_id 
_struct_sheet_range.end_auth_asym_id 
_struct_sheet_range.end_auth_seq_id 
AA1 1 THR A 10  ? ASN A 18  ? THR A 11  ASN A 19  
AA1 2 GLN A 114 ? ILE A 121 ? GLN A 115 ILE A 122 
AA1 3 LYS A 41  ? TYR A 47  ? LYS A 42  TYR A 48  
AA1 4 LYS A 81  ? GLN A 89  ? LYS A 82  GLN A 90  
AA1 5 VAL A 69  ? PHE A 75  ? VAL A 70  PHE A 76  
AA1 6 GLN A 57  ? CYS A 63  ? GLN A 58  CYS A 64  
AA1 7 ALA A 96  ? TYR A 104 ? ALA A 97  TYR A 105 
AA1 8 LYS A 26  ? ILE A 33  ? LYS A 27  ILE A 34  
# 
loop_
_pdbx_struct_sheet_hbond.sheet_id 
_pdbx_struct_sheet_hbond.range_id_1 
_pdbx_struct_sheet_hbond.range_id_2 
_pdbx_struct_sheet_hbond.range_1_label_atom_id 
_pdbx_struct_sheet_hbond.range_1_label_comp_id 
_pdbx_struct_sheet_hbond.range_1_label_asym_id 
_pdbx_struct_sheet_hbond.range_1_label_seq_id 
_pdbx_struct_sheet_hbond.range_1_PDB_ins_code 
_pdbx_struct_sheet_hbond.range_1_auth_atom_id 
_pdbx_struct_sheet_hbond.range_1_auth_comp_id 
_pdbx_struct_sheet_hbond.range_1_auth_asym_id 
_pdbx_struct_sheet_hbond.range_1_auth_seq_id 
_pdbx_struct_sheet_hbond.range_2_label_atom_id 
_pdbx_struct_sheet_hbond.range_2_label_comp_id 
_pdbx_struct_sheet_hbond.range_2_label_asym_id 
_pdbx_struct_sheet_hbond.range_2_label_seq_id 
_pdbx_struct_sheet_hbond.range_2_PDB_ins_code 
_pdbx_struct_sheet_hbond.range_2_auth_atom_id 
_pdbx_struct_sheet_hbond.range_2_auth_comp_id 
_pdbx_struct_sheet_hbond.range_2_auth_asym_id 
_pdbx_struct_sheet_hbond.range_2_auth_seq_id 
AA1 1 2 N THR A 10  ? N THR A 11  O ILE A 121 ? O ILE A 122 
AA1 2 3 O ILE A 118 ? O ILE A 119 N ILE A 43  ? N ILE A 44  
AA1 3 4 N PHE A 42  ? N PHE A 43  O PHE A 88  ? O PHE A 89  
AA1 4 5 O SER A 87  ? O SER A 88  N VAL A 69  ? N VAL A 70  
AA1 5 6 O TYR A 74  ? O TYR A 75  N CYS A 59  ? N CYS A 60  
AA1 6 7 N THR A 62  ? N THR A 63  O THR A 99  ? O THR A 100 
AA1 7 8 O THR A 102 ? O THR A 103 N GLN A 27  ? N GLN A 28  
# 
loop_
_struct_site.id 
_struct_site.pdbx_evidence_code 
_struct_site.pdbx_auth_asym_id 
_struct_site.pdbx_auth_comp_id 
_struct_site.pdbx_auth_seq_id 
_struct_site.pdbx_auth_ins_code 
_struct_site.pdbx_num_residues 
_struct_site.details 
AC1 Software A ZN 201 ? 4 'binding site for residue ZN A 201' 
AC2 Software A ZN 202 ? 3 'binding site for residue ZN A 202' 
AC3 Software A ZN 203 ? 3 'binding site for residue ZN A 203' 
# 
loop_
_struct_site_gen.id 
_struct_site_gen.site_id 
_struct_site_gen.pdbx_num_res 
_struct_site_gen.label_comp_id 
_struct_site_gen.label_asym_id 
_struct_site_gen.label_seq_id 
_struct_site_gen.pdbx_auth_ins_code 
_struct_site_gen.auth_comp_id 
_struct_site_gen.auth_asym_id 
_struct_site_gen.auth_seq_id 
_struct_site_gen.label_atom_id 
_struct_site_gen.label_alt_id 
_struct_site_gen.symmetry 
_struct_site_gen.details 
1  AC1 4 GLU A 95  ? GLU A 96  . ? 1_555 ? 
2  AC1 4 GLU A 95  ? GLU A 96  . ? 4_556 ? 
3  AC1 4 HOH E .   ? HOH A 311 . ? 4_556 ? 
4  AC1 4 HOH E .   ? HOH A 311 . ? 1_555 ? 
5  AC2 3 GLU A 24  ? GLU A 25  . ? 2_664 ? 
6  AC2 3 ASP A 67  ? ASP A 68  . ? 1_555 ? 
7  AC2 3 ASP A 109 ? ASP A 110 . ? 6_665 ? 
8  AC3 3 GLU A 24  ? GLU A 25  . ? 4_556 ? 
9  AC3 3 ASP A 67  ? ASP A 68  . ? 6_655 ? 
10 AC3 3 ASP A 109 ? ASP A 110 . ? 1_555 ? 
# 
_pdbx_entry_details.entry_id                   5YKU 
_pdbx_entry_details.compound_details           ? 
_pdbx_entry_details.source_details             ? 
_pdbx_entry_details.nonpolymer_details         ? 
_pdbx_entry_details.sequence_details           ? 
_pdbx_entry_details.has_ligand_of_interest     ? 
_pdbx_entry_details.has_protein_modification   Y 
# 
loop_
_pdbx_validate_close_contact.id 
_pdbx_validate_close_contact.PDB_model_num 
_pdbx_validate_close_contact.auth_atom_id_1 
_pdbx_validate_close_contact.auth_asym_id_1 
_pdbx_validate_close_contact.auth_comp_id_1 
_pdbx_validate_close_contact.auth_seq_id_1 
_pdbx_validate_close_contact.PDB_ins_code_1 
_pdbx_validate_close_contact.label_alt_id_1 
_pdbx_validate_close_contact.auth_atom_id_2 
_pdbx_validate_close_contact.auth_asym_id_2 
_pdbx_validate_close_contact.auth_comp_id_2 
_pdbx_validate_close_contact.auth_seq_id_2 
_pdbx_validate_close_contact.PDB_ins_code_2 
_pdbx_validate_close_contact.label_alt_id_2 
_pdbx_validate_close_contact.dist 
1 1 O   A HOH 494 ? ? O A HOH 566 ? ? 1.89 
2 1 O   A HOH 303 ? ? O A HOH 334 ? ? 1.92 
3 1 OD2 A ASP 50  ? ? O A HOH 301 ? ? 2.06 
4 1 OD1 A ASP 104 ? ? O A HOH 302 ? ? 2.08 
5 1 O   A HOH 503 ? ? O A HOH 513 ? ? 2.08 
6 1 OD2 A ASP 84  ? ? O A HOH 303 ? ? 2.09 
7 1 O   A HOH 443 ? ? O A HOH 513 ? ? 2.18 
8 1 O   A HOH 330 ? ? O A HOH 496 ? ? 2.18 
# 
loop_
_pdbx_validate_symm_contact.id 
_pdbx_validate_symm_contact.PDB_model_num 
_pdbx_validate_symm_contact.auth_atom_id_1 
_pdbx_validate_symm_contact.auth_asym_id_1 
_pdbx_validate_symm_contact.auth_comp_id_1 
_pdbx_validate_symm_contact.auth_seq_id_1 
_pdbx_validate_symm_contact.PDB_ins_code_1 
_pdbx_validate_symm_contact.label_alt_id_1 
_pdbx_validate_symm_contact.site_symmetry_1 
_pdbx_validate_symm_contact.auth_atom_id_2 
_pdbx_validate_symm_contact.auth_asym_id_2 
_pdbx_validate_symm_contact.auth_comp_id_2 
_pdbx_validate_symm_contact.auth_seq_id_2 
_pdbx_validate_symm_contact.PDB_ins_code_2 
_pdbx_validate_symm_contact.label_alt_id_2 
_pdbx_validate_symm_contact.site_symmetry_2 
_pdbx_validate_symm_contact.dist 
1 1 O A HOH 304 ? ? 1_555 O A HOH 305 ? ? 5_565 1.80 
2 1 O A HOH 571 ? ? 1_555 O A HOH 571 ? ? 4_556 2.05 
3 1 O A HOH 334 ? ? 1_555 O A HOH 533 ? ? 4_555 2.19 
# 
loop_
_pdbx_validate_rmsd_bond.id 
_pdbx_validate_rmsd_bond.PDB_model_num 
_pdbx_validate_rmsd_bond.auth_atom_id_1 
_pdbx_validate_rmsd_bond.auth_asym_id_1 
_pdbx_validate_rmsd_bond.auth_comp_id_1 
_pdbx_validate_rmsd_bond.auth_seq_id_1 
_pdbx_validate_rmsd_bond.PDB_ins_code_1 
_pdbx_validate_rmsd_bond.label_alt_id_1 
_pdbx_validate_rmsd_bond.auth_atom_id_2 
_pdbx_validate_rmsd_bond.auth_asym_id_2 
_pdbx_validate_rmsd_bond.auth_comp_id_2 
_pdbx_validate_rmsd_bond.auth_seq_id_2 
_pdbx_validate_rmsd_bond.PDB_ins_code_2 
_pdbx_validate_rmsd_bond.label_alt_id_2 
_pdbx_validate_rmsd_bond.bond_value 
_pdbx_validate_rmsd_bond.bond_target_value 
_pdbx_validate_rmsd_bond.bond_deviation 
_pdbx_validate_rmsd_bond.bond_standard_deviation 
_pdbx_validate_rmsd_bond.linker_flag 
1 1 CD A GLU 55 ? ? OE2 A GLU 55 ? ? 1.318 1.252 0.066  0.011 N 
2 1 CD A GLU 96 ? ? OE1 A GLU 96 ? ? 1.172 1.252 -0.080 0.011 N 
# 
loop_
_pdbx_validate_rmsd_angle.id 
_pdbx_validate_rmsd_angle.PDB_model_num 
_pdbx_validate_rmsd_angle.auth_atom_id_1 
_pdbx_validate_rmsd_angle.auth_asym_id_1 
_pdbx_validate_rmsd_angle.auth_comp_id_1 
_pdbx_validate_rmsd_angle.auth_seq_id_1 
_pdbx_validate_rmsd_angle.PDB_ins_code_1 
_pdbx_validate_rmsd_angle.label_alt_id_1 
_pdbx_validate_rmsd_angle.auth_atom_id_2 
_pdbx_validate_rmsd_angle.auth_asym_id_2 
_pdbx_validate_rmsd_angle.auth_comp_id_2 
_pdbx_validate_rmsd_angle.auth_seq_id_2 
_pdbx_validate_rmsd_angle.PDB_ins_code_2 
_pdbx_validate_rmsd_angle.label_alt_id_2 
_pdbx_validate_rmsd_angle.auth_atom_id_3 
_pdbx_validate_rmsd_angle.auth_asym_id_3 
_pdbx_validate_rmsd_angle.auth_comp_id_3 
_pdbx_validate_rmsd_angle.auth_seq_id_3 
_pdbx_validate_rmsd_angle.PDB_ins_code_3 
_pdbx_validate_rmsd_angle.label_alt_id_3 
_pdbx_validate_rmsd_angle.angle_value 
_pdbx_validate_rmsd_angle.angle_target_value 
_pdbx_validate_rmsd_angle.angle_deviation 
_pdbx_validate_rmsd_angle.angle_standard_deviation 
_pdbx_validate_rmsd_angle.linker_flag 
1 1 OE1 A GLU 25  ? ? CD A GLU 25  ? ? OE2 A GLU 25  ? ? 115.97 123.30 -7.33 1.20 N 
2 1 CB  A ASP 50  ? ? CG A ASP 50  ? ? OD1 A ASP 50  ? ? 123.87 118.30 5.57  0.90 N 
3 1 OE1 A GLU 55  ? ? CD A GLU 55  ? ? OE2 A GLU 55  ? ? 115.48 123.30 -7.82 1.20 N 
4 1 CB  A ASP 68  ? ? CG A ASP 68  ? ? OD2 A ASP 68  ? ? 111.89 118.30 -6.41 0.90 N 
5 1 CB  A ASP 84  ? ? CG A ASP 84  ? ? OD2 A ASP 84  ? ? 109.75 118.30 -8.55 0.90 N 
6 1 OE1 A GLU 96  ? ? CD A GLU 96  ? ? OE2 A GLU 96  ? ? 130.77 123.30 7.47  1.20 N 
7 1 CB  A ASP 104 ? ? CG A ASP 104 ? ? OD2 A ASP 104 ? ? 112.68 118.30 -5.62 0.90 N 
8 1 NE  A ARG 117 ? ? CZ A ARG 117 ? ? NH2 A ARG 117 ? ? 117.00 120.30 -3.30 0.50 N 
9 1 NE  A ARG 120 ? ? CZ A ARG 120 ? ? NH1 A ARG 120 ? ? 116.25 120.30 -4.05 0.50 N 
# 
loop_
_pdbx_validate_torsion.id 
_pdbx_validate_torsion.PDB_model_num 
_pdbx_validate_torsion.auth_comp_id 
_pdbx_validate_torsion.auth_asym_id 
_pdbx_validate_torsion.auth_seq_id 
_pdbx_validate_torsion.PDB_ins_code 
_pdbx_validate_torsion.label_alt_id 
_pdbx_validate_torsion.phi 
_pdbx_validate_torsion.psi 
1 1 SER A 79  ? ? 66.79   -76.53 
2 1 ALA A 108 ? ? -149.62 56.62  
# 
_pdbx_struct_mod_residue.id               1 
_pdbx_struct_mod_residue.label_asym_id    A 
_pdbx_struct_mod_residue.label_comp_id    MSE 
_pdbx_struct_mod_residue.label_seq_id     48 
_pdbx_struct_mod_residue.auth_asym_id     A 
_pdbx_struct_mod_residue.auth_comp_id     MSE 
_pdbx_struct_mod_residue.auth_seq_id      49 
_pdbx_struct_mod_residue.PDB_ins_code     ? 
_pdbx_struct_mod_residue.parent_comp_id   MET 
_pdbx_struct_mod_residue.details          'modified residue' 
# 
loop_
_pdbx_struct_special_symmetry.id 
_pdbx_struct_special_symmetry.PDB_model_num 
_pdbx_struct_special_symmetry.auth_asym_id 
_pdbx_struct_special_symmetry.auth_comp_id 
_pdbx_struct_special_symmetry.auth_seq_id 
_pdbx_struct_special_symmetry.PDB_ins_code 
_pdbx_struct_special_symmetry.label_asym_id 
_pdbx_struct_special_symmetry.label_comp_id 
_pdbx_struct_special_symmetry.label_seq_id 
1 1 A ZN  201 ? B ZN  . 
2 1 A HOH 549 ? E HOH . 
3 1 A HOH 556 ? E HOH . 
# 
loop_
_pdbx_distant_solvent_atoms.id 
_pdbx_distant_solvent_atoms.PDB_model_num 
_pdbx_distant_solvent_atoms.auth_atom_id 
_pdbx_distant_solvent_atoms.label_alt_id 
_pdbx_distant_solvent_atoms.auth_asym_id 
_pdbx_distant_solvent_atoms.auth_comp_id 
_pdbx_distant_solvent_atoms.auth_seq_id 
_pdbx_distant_solvent_atoms.PDB_ins_code 
_pdbx_distant_solvent_atoms.neighbor_macromolecule_distance 
_pdbx_distant_solvent_atoms.neighbor_ligand_distance 
1 1 O ? A HOH 572 ? 5.89 . 
2 1 O ? A HOH 573 ? 6.23 . 
3 1 O ? A HOH 574 ? 6.44 . 
4 1 O ? A HOH 575 ? 7.31 . 
# 
loop_
_pdbx_unobs_or_zero_occ_residues.id 
_pdbx_unobs_or_zero_occ_residues.PDB_model_num 
_pdbx_unobs_or_zero_occ_residues.polymer_flag 
_pdbx_unobs_or_zero_occ_residues.occupancy_flag 
_pdbx_unobs_or_zero_occ_residues.auth_asym_id 
_pdbx_unobs_or_zero_occ_residues.auth_comp_id 
_pdbx_unobs_or_zero_occ_residues.auth_seq_id 
_pdbx_unobs_or_zero_occ_residues.PDB_ins_code 
_pdbx_unobs_or_zero_occ_residues.label_asym_id 
_pdbx_unobs_or_zero_occ_residues.label_comp_id 
_pdbx_unobs_or_zero_occ_residues.label_seq_id 
1 1 Y 1 A PRO 2 ? A PRO 1 
2 1 Y 1 A THR 3 ? A THR 2 
# 
loop_
_chem_comp_atom.comp_id 
_chem_comp_atom.atom_id 
_chem_comp_atom.type_symbol 
_chem_comp_atom.pdbx_aromatic_flag 
_chem_comp_atom.pdbx_stereo_config 
_chem_comp_atom.pdbx_ordinal 
ALA N    N  N N 1   
ALA CA   C  N S 2   
ALA C    C  N N 3   
ALA O    O  N N 4   
ALA CB   C  N N 5   
ALA OXT  O  N N 6   
ALA H    H  N N 7   
ALA H2   H  N N 8   
ALA HA   H  N N 9   
ALA HB1  H  N N 10  
ALA HB2  H  N N 11  
ALA HB3  H  N N 12  
ALA HXT  H  N N 13  
ARG N    N  N N 14  
ARG CA   C  N S 15  
ARG C    C  N N 16  
ARG O    O  N N 17  
ARG CB   C  N N 18  
ARG CG   C  N N 19  
ARG CD   C  N N 20  
ARG NE   N  N N 21  
ARG CZ   C  N N 22  
ARG NH1  N  N N 23  
ARG NH2  N  N N 24  
ARG OXT  O  N N 25  
ARG H    H  N N 26  
ARG H2   H  N N 27  
ARG HA   H  N N 28  
ARG HB2  H  N N 29  
ARG HB3  H  N N 30  
ARG HG2  H  N N 31  
ARG HG3  H  N N 32  
ARG HD2  H  N N 33  
ARG HD3  H  N N 34  
ARG HE   H  N N 35  
ARG HH11 H  N N 36  
ARG HH12 H  N N 37  
ARG HH21 H  N N 38  
ARG HH22 H  N N 39  
ARG HXT  H  N N 40  
ASN N    N  N N 41  
ASN CA   C  N S 42  
ASN C    C  N N 43  
ASN O    O  N N 44  
ASN CB   C  N N 45  
ASN CG   C  N N 46  
ASN OD1  O  N N 47  
ASN ND2  N  N N 48  
ASN OXT  O  N N 49  
ASN H    H  N N 50  
ASN H2   H  N N 51  
ASN HA   H  N N 52  
ASN HB2  H  N N 53  
ASN HB3  H  N N 54  
ASN HD21 H  N N 55  
ASN HD22 H  N N 56  
ASN HXT  H  N N 57  
ASP N    N  N N 58  
ASP CA   C  N S 59  
ASP C    C  N N 60  
ASP O    O  N N 61  
ASP CB   C  N N 62  
ASP CG   C  N N 63  
ASP OD1  O  N N 64  
ASP OD2  O  N N 65  
ASP OXT  O  N N 66  
ASP H    H  N N 67  
ASP H2   H  N N 68  
ASP HA   H  N N 69  
ASP HB2  H  N N 70  
ASP HB3  H  N N 71  
ASP HD2  H  N N 72  
ASP HXT  H  N N 73  
CYS N    N  N N 74  
CYS CA   C  N R 75  
CYS C    C  N N 76  
CYS O    O  N N 77  
CYS CB   C  N N 78  
CYS SG   S  N N 79  
CYS OXT  O  N N 80  
CYS H    H  N N 81  
CYS H2   H  N N 82  
CYS HA   H  N N 83  
CYS HB2  H  N N 84  
CYS HB3  H  N N 85  
CYS HG   H  N N 86  
CYS HXT  H  N N 87  
GLN N    N  N N 88  
GLN CA   C  N S 89  
GLN C    C  N N 90  
GLN O    O  N N 91  
GLN CB   C  N N 92  
GLN CG   C  N N 93  
GLN CD   C  N N 94  
GLN OE1  O  N N 95  
GLN NE2  N  N N 96  
GLN OXT  O  N N 97  
GLN H    H  N N 98  
GLN H2   H  N N 99  
GLN HA   H  N N 100 
GLN HB2  H  N N 101 
GLN HB3  H  N N 102 
GLN HG2  H  N N 103 
GLN HG3  H  N N 104 
GLN HE21 H  N N 105 
GLN HE22 H  N N 106 
GLN HXT  H  N N 107 
GLU N    N  N N 108 
GLU CA   C  N S 109 
GLU C    C  N N 110 
GLU O    O  N N 111 
GLU CB   C  N N 112 
GLU CG   C  N N 113 
GLU CD   C  N N 114 
GLU OE1  O  N N 115 
GLU OE2  O  N N 116 
GLU OXT  O  N N 117 
GLU H    H  N N 118 
GLU H2   H  N N 119 
GLU HA   H  N N 120 
GLU HB2  H  N N 121 
GLU HB3  H  N N 122 
GLU HG2  H  N N 123 
GLU HG3  H  N N 124 
GLU HE2  H  N N 125 
GLU HXT  H  N N 126 
GLY N    N  N N 127 
GLY CA   C  N N 128 
GLY C    C  N N 129 
GLY O    O  N N 130 
GLY OXT  O  N N 131 
GLY H    H  N N 132 
GLY H2   H  N N 133 
GLY HA2  H  N N 134 
GLY HA3  H  N N 135 
GLY HXT  H  N N 136 
HOH O    O  N N 137 
HOH H1   H  N N 138 
HOH H2   H  N N 139 
ILE N    N  N N 140 
ILE CA   C  N S 141 
ILE C    C  N N 142 
ILE O    O  N N 143 
ILE CB   C  N S 144 
ILE CG1  C  N N 145 
ILE CG2  C  N N 146 
ILE CD1  C  N N 147 
ILE OXT  O  N N 148 
ILE H    H  N N 149 
ILE H2   H  N N 150 
ILE HA   H  N N 151 
ILE HB   H  N N 152 
ILE HG12 H  N N 153 
ILE HG13 H  N N 154 
ILE HG21 H  N N 155 
ILE HG22 H  N N 156 
ILE HG23 H  N N 157 
ILE HD11 H  N N 158 
ILE HD12 H  N N 159 
ILE HD13 H  N N 160 
ILE HXT  H  N N 161 
LEU N    N  N N 162 
LEU CA   C  N S 163 
LEU C    C  N N 164 
LEU O    O  N N 165 
LEU CB   C  N N 166 
LEU CG   C  N N 167 
LEU CD1  C  N N 168 
LEU CD2  C  N N 169 
LEU OXT  O  N N 170 
LEU H    H  N N 171 
LEU H2   H  N N 172 
LEU HA   H  N N 173 
LEU HB2  H  N N 174 
LEU HB3  H  N N 175 
LEU HG   H  N N 176 
LEU HD11 H  N N 177 
LEU HD12 H  N N 178 
LEU HD13 H  N N 179 
LEU HD21 H  N N 180 
LEU HD22 H  N N 181 
LEU HD23 H  N N 182 
LEU HXT  H  N N 183 
LYS N    N  N N 184 
LYS CA   C  N S 185 
LYS C    C  N N 186 
LYS O    O  N N 187 
LYS CB   C  N N 188 
LYS CG   C  N N 189 
LYS CD   C  N N 190 
LYS CE   C  N N 191 
LYS NZ   N  N N 192 
LYS OXT  O  N N 193 
LYS H    H  N N 194 
LYS H2   H  N N 195 
LYS HA   H  N N 196 
LYS HB2  H  N N 197 
LYS HB3  H  N N 198 
LYS HG2  H  N N 199 
LYS HG3  H  N N 200 
LYS HD2  H  N N 201 
LYS HD3  H  N N 202 
LYS HE2  H  N N 203 
LYS HE3  H  N N 204 
LYS HZ1  H  N N 205 
LYS HZ2  H  N N 206 
LYS HZ3  H  N N 207 
LYS HXT  H  N N 208 
MSE N    N  N N 209 
MSE CA   C  N S 210 
MSE C    C  N N 211 
MSE O    O  N N 212 
MSE OXT  O  N N 213 
MSE CB   C  N N 214 
MSE CG   C  N N 215 
MSE SE   SE N N 216 
MSE CE   C  N N 217 
MSE H    H  N N 218 
MSE H2   H  N N 219 
MSE HA   H  N N 220 
MSE HXT  H  N N 221 
MSE HB2  H  N N 222 
MSE HB3  H  N N 223 
MSE HG2  H  N N 224 
MSE HG3  H  N N 225 
MSE HE1  H  N N 226 
MSE HE2  H  N N 227 
MSE HE3  H  N N 228 
PHE N    N  N N 229 
PHE CA   C  N S 230 
PHE C    C  N N 231 
PHE O    O  N N 232 
PHE CB   C  N N 233 
PHE CG   C  Y N 234 
PHE CD1  C  Y N 235 
PHE CD2  C  Y N 236 
PHE CE1  C  Y N 237 
PHE CE2  C  Y N 238 
PHE CZ   C  Y N 239 
PHE OXT  O  N N 240 
PHE H    H  N N 241 
PHE H2   H  N N 242 
PHE HA   H  N N 243 
PHE HB2  H  N N 244 
PHE HB3  H  N N 245 
PHE HD1  H  N N 246 
PHE HD2  H  N N 247 
PHE HE1  H  N N 248 
PHE HE2  H  N N 249 
PHE HZ   H  N N 250 
PHE HXT  H  N N 251 
PRO N    N  N N 252 
PRO CA   C  N S 253 
PRO C    C  N N 254 
PRO O    O  N N 255 
PRO CB   C  N N 256 
PRO CG   C  N N 257 
PRO CD   C  N N 258 
PRO OXT  O  N N 259 
PRO H    H  N N 260 
PRO HA   H  N N 261 
PRO HB2  H  N N 262 
PRO HB3  H  N N 263 
PRO HG2  H  N N 264 
PRO HG3  H  N N 265 
PRO HD2  H  N N 266 
PRO HD3  H  N N 267 
PRO HXT  H  N N 268 
SER N    N  N N 269 
SER CA   C  N S 270 
SER C    C  N N 271 
SER O    O  N N 272 
SER CB   C  N N 273 
SER OG   O  N N 274 
SER OXT  O  N N 275 
SER H    H  N N 276 
SER H2   H  N N 277 
SER HA   H  N N 278 
SER HB2  H  N N 279 
SER HB3  H  N N 280 
SER HG   H  N N 281 
SER HXT  H  N N 282 
THR N    N  N N 283 
THR CA   C  N S 284 
THR C    C  N N 285 
THR O    O  N N 286 
THR CB   C  N R 287 
THR OG1  O  N N 288 
THR CG2  C  N N 289 
THR OXT  O  N N 290 
THR H    H  N N 291 
THR H2   H  N N 292 
THR HA   H  N N 293 
THR HB   H  N N 294 
THR HG1  H  N N 295 
THR HG21 H  N N 296 
THR HG22 H  N N 297 
THR HG23 H  N N 298 
THR HXT  H  N N 299 
TRP N    N  N N 300 
TRP CA   C  N S 301 
TRP C    C  N N 302 
TRP O    O  N N 303 
TRP CB   C  N N 304 
TRP CG   C  Y N 305 
TRP CD1  C  Y N 306 
TRP CD2  C  Y N 307 
TRP NE1  N  Y N 308 
TRP CE2  C  Y N 309 
TRP CE3  C  Y N 310 
TRP CZ2  C  Y N 311 
TRP CZ3  C  Y N 312 
TRP CH2  C  Y N 313 
TRP OXT  O  N N 314 
TRP H    H  N N 315 
TRP H2   H  N N 316 
TRP HA   H  N N 317 
TRP HB2  H  N N 318 
TRP HB3  H  N N 319 
TRP HD1  H  N N 320 
TRP HE1  H  N N 321 
TRP HE3  H  N N 322 
TRP HZ2  H  N N 323 
TRP HZ3  H  N N 324 
TRP HH2  H  N N 325 
TRP HXT  H  N N 326 
TYR N    N  N N 327 
TYR CA   C  N S 328 
TYR C    C  N N 329 
TYR O    O  N N 330 
TYR CB   C  N N 331 
TYR CG   C  Y N 332 
TYR CD1  C  Y N 333 
TYR CD2  C  Y N 334 
TYR CE1  C  Y N 335 
TYR CE2  C  Y N 336 
TYR CZ   C  Y N 337 
TYR OH   O  N N 338 
TYR OXT  O  N N 339 
TYR H    H  N N 340 
TYR H2   H  N N 341 
TYR HA   H  N N 342 
TYR HB2  H  N N 343 
TYR HB3  H  N N 344 
TYR HD1  H  N N 345 
TYR HD2  H  N N 346 
TYR HE1  H  N N 347 
TYR HE2  H  N N 348 
TYR HH   H  N N 349 
TYR HXT  H  N N 350 
VAL N    N  N N 351 
VAL CA   C  N S 352 
VAL C    C  N N 353 
VAL O    O  N N 354 
VAL CB   C  N N 355 
VAL CG1  C  N N 356 
VAL CG2  C  N N 357 
VAL OXT  O  N N 358 
VAL H    H  N N 359 
VAL H2   H  N N 360 
VAL HA   H  N N 361 
VAL HB   H  N N 362 
VAL HG11 H  N N 363 
VAL HG12 H  N N 364 
VAL HG13 H  N N 365 
VAL HG21 H  N N 366 
VAL HG22 H  N N 367 
VAL HG23 H  N N 368 
VAL HXT  H  N N 369 
ZN  ZN   ZN N N 370 
# 
loop_
_chem_comp_bond.comp_id 
_chem_comp_bond.atom_id_1 
_chem_comp_bond.atom_id_2 
_chem_comp_bond.value_order 
_chem_comp_bond.pdbx_aromatic_flag 
_chem_comp_bond.pdbx_stereo_config 
_chem_comp_bond.pdbx_ordinal 
ALA N   CA   sing N N 1   
ALA N   H    sing N N 2   
ALA N   H2   sing N N 3   
ALA CA  C    sing N N 4   
ALA CA  CB   sing N N 5   
ALA CA  HA   sing N N 6   
ALA C   O    doub N N 7   
ALA C   OXT  sing N N 8   
ALA CB  HB1  sing N N 9   
ALA CB  HB2  sing N N 10  
ALA CB  HB3  sing N N 11  
ALA OXT HXT  sing N N 12  
ARG N   CA   sing N N 13  
ARG N   H    sing N N 14  
ARG N   H2   sing N N 15  
ARG CA  C    sing N N 16  
ARG CA  CB   sing N N 17  
ARG CA  HA   sing N N 18  
ARG C   O    doub N N 19  
ARG C   OXT  sing N N 20  
ARG CB  CG   sing N N 21  
ARG CB  HB2  sing N N 22  
ARG CB  HB3  sing N N 23  
ARG CG  CD   sing N N 24  
ARG CG  HG2  sing N N 25  
ARG CG  HG3  sing N N 26  
ARG CD  NE   sing N N 27  
ARG CD  HD2  sing N N 28  
ARG CD  HD3  sing N N 29  
ARG NE  CZ   sing N N 30  
ARG NE  HE   sing N N 31  
ARG CZ  NH1  sing N N 32  
ARG CZ  NH2  doub N N 33  
ARG NH1 HH11 sing N N 34  
ARG NH1 HH12 sing N N 35  
ARG NH2 HH21 sing N N 36  
ARG NH2 HH22 sing N N 37  
ARG OXT HXT  sing N N 38  
ASN N   CA   sing N N 39  
ASN N   H    sing N N 40  
ASN N   H2   sing N N 41  
ASN CA  C    sing N N 42  
ASN CA  CB   sing N N 43  
ASN CA  HA   sing N N 44  
ASN C   O    doub N N 45  
ASN C   OXT  sing N N 46  
ASN CB  CG   sing N N 47  
ASN CB  HB2  sing N N 48  
ASN CB  HB3  sing N N 49  
ASN CG  OD1  doub N N 50  
ASN CG  ND2  sing N N 51  
ASN ND2 HD21 sing N N 52  
ASN ND2 HD22 sing N N 53  
ASN OXT HXT  sing N N 54  
ASP N   CA   sing N N 55  
ASP N   H    sing N N 56  
ASP N   H2   sing N N 57  
ASP CA  C    sing N N 58  
ASP CA  CB   sing N N 59  
ASP CA  HA   sing N N 60  
ASP C   O    doub N N 61  
ASP C   OXT  sing N N 62  
ASP CB  CG   sing N N 63  
ASP CB  HB2  sing N N 64  
ASP CB  HB3  sing N N 65  
ASP CG  OD1  doub N N 66  
ASP CG  OD2  sing N N 67  
ASP OD2 HD2  sing N N 68  
ASP OXT HXT  sing N N 69  
CYS N   CA   sing N N 70  
CYS N   H    sing N N 71  
CYS N   H2   sing N N 72  
CYS CA  C    sing N N 73  
CYS CA  CB   sing N N 74  
CYS CA  HA   sing N N 75  
CYS C   O    doub N N 76  
CYS C   OXT  sing N N 77  
CYS CB  SG   sing N N 78  
CYS CB  HB2  sing N N 79  
CYS CB  HB3  sing N N 80  
CYS SG  HG   sing N N 81  
CYS OXT HXT  sing N N 82  
GLN N   CA   sing N N 83  
GLN N   H    sing N N 84  
GLN N   H2   sing N N 85  
GLN CA  C    sing N N 86  
GLN CA  CB   sing N N 87  
GLN CA  HA   sing N N 88  
GLN C   O    doub N N 89  
GLN C   OXT  sing N N 90  
GLN CB  CG   sing N N 91  
GLN CB  HB2  sing N N 92  
GLN CB  HB3  sing N N 93  
GLN CG  CD   sing N N 94  
GLN CG  HG2  sing N N 95  
GLN CG  HG3  sing N N 96  
GLN CD  OE1  doub N N 97  
GLN CD  NE2  sing N N 98  
GLN NE2 HE21 sing N N 99  
GLN NE2 HE22 sing N N 100 
GLN OXT HXT  sing N N 101 
GLU N   CA   sing N N 102 
GLU N   H    sing N N 103 
GLU N   H2   sing N N 104 
GLU CA  C    sing N N 105 
GLU CA  CB   sing N N 106 
GLU CA  HA   sing N N 107 
GLU C   O    doub N N 108 
GLU C   OXT  sing N N 109 
GLU CB  CG   sing N N 110 
GLU CB  HB2  sing N N 111 
GLU CB  HB3  sing N N 112 
GLU CG  CD   sing N N 113 
GLU CG  HG2  sing N N 114 
GLU CG  HG3  sing N N 115 
GLU CD  OE1  doub N N 116 
GLU CD  OE2  sing N N 117 
GLU OE2 HE2  sing N N 118 
GLU OXT HXT  sing N N 119 
GLY N   CA   sing N N 120 
GLY N   H    sing N N 121 
GLY N   H2   sing N N 122 
GLY CA  C    sing N N 123 
GLY CA  HA2  sing N N 124 
GLY CA  HA3  sing N N 125 
GLY C   O    doub N N 126 
GLY C   OXT  sing N N 127 
GLY OXT HXT  sing N N 128 
HOH O   H1   sing N N 129 
HOH O   H2   sing N N 130 
ILE N   CA   sing N N 131 
ILE N   H    sing N N 132 
ILE N   H2   sing N N 133 
ILE CA  C    sing N N 134 
ILE CA  CB   sing N N 135 
ILE CA  HA   sing N N 136 
ILE C   O    doub N N 137 
ILE C   OXT  sing N N 138 
ILE CB  CG1  sing N N 139 
ILE CB  CG2  sing N N 140 
ILE CB  HB   sing N N 141 
ILE CG1 CD1  sing N N 142 
ILE CG1 HG12 sing N N 143 
ILE CG1 HG13 sing N N 144 
ILE CG2 HG21 sing N N 145 
ILE CG2 HG22 sing N N 146 
ILE CG2 HG23 sing N N 147 
ILE CD1 HD11 sing N N 148 
ILE CD1 HD12 sing N N 149 
ILE CD1 HD13 sing N N 150 
ILE OXT HXT  sing N N 151 
LEU N   CA   sing N N 152 
LEU N   H    sing N N 153 
LEU N   H2   sing N N 154 
LEU CA  C    sing N N 155 
LEU CA  CB   sing N N 156 
LEU CA  HA   sing N N 157 
LEU C   O    doub N N 158 
LEU C   OXT  sing N N 159 
LEU CB  CG   sing N N 160 
LEU CB  HB2  sing N N 161 
LEU CB  HB3  sing N N 162 
LEU CG  CD1  sing N N 163 
LEU CG  CD2  sing N N 164 
LEU CG  HG   sing N N 165 
LEU CD1 HD11 sing N N 166 
LEU CD1 HD12 sing N N 167 
LEU CD1 HD13 sing N N 168 
LEU CD2 HD21 sing N N 169 
LEU CD2 HD22 sing N N 170 
LEU CD2 HD23 sing N N 171 
LEU OXT HXT  sing N N 172 
LYS N   CA   sing N N 173 
LYS N   H    sing N N 174 
LYS N   H2   sing N N 175 
LYS CA  C    sing N N 176 
LYS CA  CB   sing N N 177 
LYS CA  HA   sing N N 178 
LYS C   O    doub N N 179 
LYS C   OXT  sing N N 180 
LYS CB  CG   sing N N 181 
LYS CB  HB2  sing N N 182 
LYS CB  HB3  sing N N 183 
LYS CG  CD   sing N N 184 
LYS CG  HG2  sing N N 185 
LYS CG  HG3  sing N N 186 
LYS CD  CE   sing N N 187 
LYS CD  HD2  sing N N 188 
LYS CD  HD3  sing N N 189 
LYS CE  NZ   sing N N 190 
LYS CE  HE2  sing N N 191 
LYS CE  HE3  sing N N 192 
LYS NZ  HZ1  sing N N 193 
LYS NZ  HZ2  sing N N 194 
LYS NZ  HZ3  sing N N 195 
LYS OXT HXT  sing N N 196 
MSE N   CA   sing N N 197 
MSE N   H    sing N N 198 
MSE N   H2   sing N N 199 
MSE CA  C    sing N N 200 
MSE CA  CB   sing N N 201 
MSE CA  HA   sing N N 202 
MSE C   O    doub N N 203 
MSE C   OXT  sing N N 204 
MSE OXT HXT  sing N N 205 
MSE CB  CG   sing N N 206 
MSE CB  HB2  sing N N 207 
MSE CB  HB3  sing N N 208 
MSE CG  SE   sing N N 209 
MSE CG  HG2  sing N N 210 
MSE CG  HG3  sing N N 211 
MSE SE  CE   sing N N 212 
MSE CE  HE1  sing N N 213 
MSE CE  HE2  sing N N 214 
MSE CE  HE3  sing N N 215 
PHE N   CA   sing N N 216 
PHE N   H    sing N N 217 
PHE N   H2   sing N N 218 
PHE CA  C    sing N N 219 
PHE CA  CB   sing N N 220 
PHE CA  HA   sing N N 221 
PHE C   O    doub N N 222 
PHE C   OXT  sing N N 223 
PHE CB  CG   sing N N 224 
PHE CB  HB2  sing N N 225 
PHE CB  HB3  sing N N 226 
PHE CG  CD1  doub Y N 227 
PHE CG  CD2  sing Y N 228 
PHE CD1 CE1  sing Y N 229 
PHE CD1 HD1  sing N N 230 
PHE CD2 CE2  doub Y N 231 
PHE CD2 HD2  sing N N 232 
PHE CE1 CZ   doub Y N 233 
PHE CE1 HE1  sing N N 234 
PHE CE2 CZ   sing Y N 235 
PHE CE2 HE2  sing N N 236 
PHE CZ  HZ   sing N N 237 
PHE OXT HXT  sing N N 238 
PRO N   CA   sing N N 239 
PRO N   CD   sing N N 240 
PRO N   H    sing N N 241 
PRO CA  C    sing N N 242 
PRO CA  CB   sing N N 243 
PRO CA  HA   sing N N 244 
PRO C   O    doub N N 245 
PRO C   OXT  sing N N 246 
PRO CB  CG   sing N N 247 
PRO CB  HB2  sing N N 248 
PRO CB  HB3  sing N N 249 
PRO CG  CD   sing N N 250 
PRO CG  HG2  sing N N 251 
PRO CG  HG3  sing N N 252 
PRO CD  HD2  sing N N 253 
PRO CD  HD3  sing N N 254 
PRO OXT HXT  sing N N 255 
SER N   CA   sing N N 256 
SER N   H    sing N N 257 
SER N   H2   sing N N 258 
SER CA  C    sing N N 259 
SER CA  CB   sing N N 260 
SER CA  HA   sing N N 261 
SER C   O    doub N N 262 
SER C   OXT  sing N N 263 
SER CB  OG   sing N N 264 
SER CB  HB2  sing N N 265 
SER CB  HB3  sing N N 266 
SER OG  HG   sing N N 267 
SER OXT HXT  sing N N 268 
THR N   CA   sing N N 269 
THR N   H    sing N N 270 
THR N   H2   sing N N 271 
THR CA  C    sing N N 272 
THR CA  CB   sing N N 273 
THR CA  HA   sing N N 274 
THR C   O    doub N N 275 
THR C   OXT  sing N N 276 
THR CB  OG1  sing N N 277 
THR CB  CG2  sing N N 278 
THR CB  HB   sing N N 279 
THR OG1 HG1  sing N N 280 
THR CG2 HG21 sing N N 281 
THR CG2 HG22 sing N N 282 
THR CG2 HG23 sing N N 283 
THR OXT HXT  sing N N 284 
TRP N   CA   sing N N 285 
TRP N   H    sing N N 286 
TRP N   H2   sing N N 287 
TRP CA  C    sing N N 288 
TRP CA  CB   sing N N 289 
TRP CA  HA   sing N N 290 
TRP C   O    doub N N 291 
TRP C   OXT  sing N N 292 
TRP CB  CG   sing N N 293 
TRP CB  HB2  sing N N 294 
TRP CB  HB3  sing N N 295 
TRP CG  CD1  doub Y N 296 
TRP CG  CD2  sing Y N 297 
TRP CD1 NE1  sing Y N 298 
TRP CD1 HD1  sing N N 299 
TRP CD2 CE2  doub Y N 300 
TRP CD2 CE3  sing Y N 301 
TRP NE1 CE2  sing Y N 302 
TRP NE1 HE1  sing N N 303 
TRP CE2 CZ2  sing Y N 304 
TRP CE3 CZ3  doub Y N 305 
TRP CE3 HE3  sing N N 306 
TRP CZ2 CH2  doub Y N 307 
TRP CZ2 HZ2  sing N N 308 
TRP CZ3 CH2  sing Y N 309 
TRP CZ3 HZ3  sing N N 310 
TRP CH2 HH2  sing N N 311 
TRP OXT HXT  sing N N 312 
TYR N   CA   sing N N 313 
TYR N   H    sing N N 314 
TYR N   H2   sing N N 315 
TYR CA  C    sing N N 316 
TYR CA  CB   sing N N 317 
TYR CA  HA   sing N N 318 
TYR C   O    doub N N 319 
TYR C   OXT  sing N N 320 
TYR CB  CG   sing N N 321 
TYR CB  HB2  sing N N 322 
TYR CB  HB3  sing N N 323 
TYR CG  CD1  doub Y N 324 
TYR CG  CD2  sing Y N 325 
TYR CD1 CE1  sing Y N 326 
TYR CD1 HD1  sing N N 327 
TYR CD2 CE2  doub Y N 328 
TYR CD2 HD2  sing N N 329 
TYR CE1 CZ   doub Y N 330 
TYR CE1 HE1  sing N N 331 
TYR CE2 CZ   sing Y N 332 
TYR CE2 HE2  sing N N 333 
TYR CZ  OH   sing N N 334 
TYR OH  HH   sing N N 335 
TYR OXT HXT  sing N N 336 
VAL N   CA   sing N N 337 
VAL N   H    sing N N 338 
VAL N   H2   sing N N 339 
VAL CA  C    sing N N 340 
VAL CA  CB   sing N N 341 
VAL CA  HA   sing N N 342 
VAL C   O    doub N N 343 
VAL C   OXT  sing N N 344 
VAL CB  CG1  sing N N 345 
VAL CB  CG2  sing N N 346 
VAL CB  HB   sing N N 347 
VAL CG1 HG11 sing N N 348 
VAL CG1 HG12 sing N N 349 
VAL CG1 HG13 sing N N 350 
VAL CG2 HG21 sing N N 351 
VAL CG2 HG22 sing N N 352 
VAL CG2 HG23 sing N N 353 
VAL OXT HXT  sing N N 354 
# 
_pdbx_audit_support.funding_organization   'Ministry of Science and Technology' 
_pdbx_audit_support.country                Taiwan 
_pdbx_audit_support.grant_number           105-2311-B-213-001-MY3 
_pdbx_audit_support.ordinal                1 
# 
_atom_sites.entry_id                    5YKU 
_atom_sites.fract_transf_matrix[1][1]   0.01190936 
_atom_sites.fract_transf_matrix[1][2]   -0.00241330 
_atom_sites.fract_transf_matrix[1][3]   0.01016909 
_atom_sites.fract_transf_matrix[2][1]   -0.00309607 
_atom_sites.fract_transf_matrix[2][2]   -0.00357056 
_atom_sites.fract_transf_matrix[2][3]   0.01512381 
_atom_sites.fract_transf_matrix[3][1]   -0.00001847 
_atom_sites.fract_transf_matrix[3][2]   -0.02068838 
_atom_sites.fract_transf_matrix[3][3]   -0.00488807 
_atom_sites.fract_transf_vector[1]      0.541161 
_atom_sites.fract_transf_vector[2]      0.578475 
_atom_sites.fract_transf_vector[3]      0.202971 
# 
loop_
_atom_type.symbol 
C  
N  
O  
S  
SE 
ZN 
# 
loop_
_atom_site.group_PDB 
_atom_site.id 
_atom_site.type_symbol 
_atom_site.label_atom_id 
_atom_site.label_alt_id 
_atom_site.label_comp_id 
_atom_site.label_asym_id 
_atom_site.label_entity_id 
_atom_site.label_seq_id 
_atom_site.pdbx_PDB_ins_code 
_atom_site.Cartn_x 
_atom_site.Cartn_y 
_atom_site.Cartn_z 
_atom_site.occupancy 
_atom_site.B_iso_or_equiv 
_atom_site.pdbx_formal_charge 
_atom_site.auth_seq_id 
_atom_site.auth_comp_id 
_atom_site.auth_asym_id 
_atom_site.auth_atom_id 
_atom_site.pdbx_PDB_model_num 
ATOM   1    N  N   . PRO A 1 3   ? 17.064  -2.848  21.632  1.00 28.51 ? 4   PRO A N   1 
ATOM   2    C  CA  . PRO A 1 3   ? 15.894  -1.888  21.548  1.00 28.75 ? 4   PRO A CA  1 
ATOM   3    C  C   . PRO A 1 3   ? 16.341  -0.480  21.569  1.00 29.96 ? 4   PRO A C   1 
ATOM   4    O  O   . PRO A 1 3   ? 17.250  -0.084  22.269  1.00 28.89 ? 4   PRO A O   1 
ATOM   5    C  CB  . PRO A 1 3   ? 15.107  -2.045  22.852  1.00 27.38 ? 4   PRO A CB  1 
ATOM   6    C  CG  . PRO A 1 3   ? 16.025  -2.874  23.730  1.00 31.69 ? 4   PRO A CG  1 
ATOM   7    C  CD  . PRO A 1 3   ? 16.944  -3.679  22.838  1.00 33.77 ? 4   PRO A CD  1 
ATOM   8    N  N   . VAL A 1 4   ? 15.630  0.317   20.808  1.00 18.42 ? 5   VAL A N   1 
ATOM   9    C  CA  . VAL A 1 4   ? 15.973  1.709   20.635  1.00 18.65 ? 5   VAL A CA  1 
ATOM   10   C  C   . VAL A 1 4   ? 15.231  2.582   21.641  1.00 18.58 ? 5   VAL A C   1 
ATOM   11   O  O   . VAL A 1 4   ? 14.056  2.510   21.804  1.00 20.06 ? 5   VAL A O   1 
ATOM   12   C  CB  . VAL A 1 4   ? 15.592  2.075   19.190  1.00 18.38 ? 5   VAL A CB  1 
ATOM   13   C  CG1 . VAL A 1 4   ? 15.694  3.526   18.908  1.00 17.12 ? 5   VAL A CG1 1 
ATOM   14   C  CG2 . VAL A 1 4   ? 16.461  1.278   18.238  1.00 18.20 ? 5   VAL A CG2 1 
ATOM   15   N  N   . GLU A 1 5   ? 15.984  3.434   22.354  1.00 19.93 ? 6   GLU A N   1 
ATOM   16   C  CA  . GLU A 1 5   ? 15.444  4.326   23.318  1.00 21.91 ? 6   GLU A CA  1 
ATOM   17   C  C   . GLU A 1 5   ? 14.596  5.351   22.662  1.00 19.85 ? 6   GLU A C   1 
ATOM   18   O  O   . GLU A 1 5   ? 14.883  5.771   21.525  1.00 19.13 ? 6   GLU A O   1 
ATOM   19   C  CB  . GLU A 1 5   ? 16.650  5.074   24.007  1.00 26.49 ? 6   GLU A CB  1 
ATOM   20   C  CG  . GLU A 1 5   ? 17.367  4.170   25.039  1.00 38.68 ? 6   GLU A CG  1 
ATOM   21   C  CD  . GLU A 1 5   ? 16.561  3.957   26.359  1.00 47.07 ? 6   GLU A CD  1 
ATOM   22   O  OE1 . GLU A 1 5   ? 15.616  4.748   26.645  1.00 58.13 ? 6   GLU A OE1 1 
ATOM   23   O  OE2 . GLU A 1 5   ? 16.900  3.046   27.147  1.00 63.26 ? 6   GLU A OE2 1 
ATOM   24   N  N   . VAL A 1 6   ? 13.571  5.839   23.373  1.00 20.14 ? 7   VAL A N   1 
ATOM   25   C  CA  . VAL A 1 6   ? 12.653  6.744   22.747  1.00 20.73 ? 7   VAL A CA  1 
ATOM   26   C  C   . VAL A 1 6   ? 13.256  8.033   22.326  1.00 22.97 ? 7   VAL A C   1 
ATOM   27   O  O   . VAL A 1 6   ? 12.792  8.645   21.317  1.00 21.16 ? 7   VAL A O   1 
ATOM   28   C  CB  . VAL A 1 6   ? 11.377  7.086   23.546  1.00 26.16 ? 7   VAL A CB  1 
ATOM   29   C  CG1 . VAL A 1 6   ? 10.540  8.044   22.738  1.00 38.35 ? 7   VAL A CG1 1 
ATOM   30   C  CG2 . VAL A 1 6   ? 10.505  5.904   23.803  1.00 25.18 ? 7   VAL A CG2 1 
ATOM   31   N  N   . SER A 1 7   ? 14.262  8.571   23.049  1.00 19.53 ? 8   SER A N   1 
ATOM   32   C  CA  . SER A 1 7   ? 14.889  9.789   22.621  1.00 19.51 ? 8   SER A CA  1 
ATOM   33   C  C   . SER A 1 7   ? 15.611  9.609   21.244  1.00 19.49 ? 8   SER A C   1 
ATOM   34   O  O   . SER A 1 7   ? 15.993  10.603  20.644  1.00 21.18 ? 8   SER A O   1 
ATOM   35   C  CB  . SER A 1 7   ? 15.877  10.187  23.747  1.00 22.70 ? 8   SER A CB  1 
ATOM   36   O  OG  . SER A 1 7   ? 16.895  9.159   23.712  1.00 25.35 ? 8   SER A OG  1 
ATOM   37   N  N   . GLN A 1 8   ? 15.795  8.342   20.817  1.00 19.06 ? 9   GLN A N   1 
ATOM   38   C  CA  . GLN A 1 8   ? 16.494  8.098   19.559  1.00 18.12 ? 9   GLN A CA  1 
ATOM   39   C  C   . GLN A 1 8   ? 15.511  7.704   18.436  1.00 17.23 ? 9   GLN A C   1 
ATOM   40   O  O   . GLN A 1 8   ? 15.941  7.210   17.439  1.00 16.48 ? 9   GLN A O   1 
ATOM   41   C  CB  . GLN A 1 8   ? 17.502  7.008   19.731  1.00 20.80 ? 9   GLN A CB  1 
ATOM   42   C  CG  . GLN A 1 8   ? 18.622  7.319   20.793  1.00 25.31 ? 9   GLN A CG  1 
ATOM   43   C  CD  . GLN A 1 8   ? 19.233  8.698   20.610  1.00 31.64 ? 9   GLN A CD  1 
ATOM   44   O  OE1 . GLN A 1 8   ? 19.850  8.972   19.563  1.00 38.86 ? 9   GLN A OE1 1 
ATOM   45   N  NE2 . GLN A 1 8   ? 19.016  9.591   21.577  1.00 32.63 ? 9   GLN A NE2 1 
ATOM   46   N  N   . LEU A 1 9   ? 14.213  7.941   18.666  1.00 14.50 ? 10  LEU A N   1 
ATOM   47   C  CA  . LEU A 1 9   ? 13.167  7.677   17.613  1.00 12.84 ? 10  LEU A CA  1 
ATOM   48   C  C   . LEU A 1 9   ? 13.640  8.292   16.290  1.00 13.45 ? 10  LEU A C   1 
ATOM   49   O  O   . LEU A 1 9   ? 14.068  9.388   16.181  1.00 13.60 ? 10  LEU A O   1 
ATOM   50   C  CB  . LEU A 1 9   ? 11.860  8.355   18.044  1.00 12.07 ? 10  LEU A CB  1 
ATOM   51   C  CG  . LEU A 1 9   ? 10.787  8.472   16.942  1.00 12.33 ? 10  LEU A CG  1 
ATOM   52   C  CD1 . LEU A 1 9   ? 10.199  7.184   16.577  1.00 12.34 ? 10  LEU A CD1 1 
ATOM   53   C  CD2 . LEU A 1 9   ? 9.701   9.428   17.481  1.00 13.15 ? 10  LEU A CD2 1 
ATOM   54   N  N   . THR A 1 10  ? 13.481  7.470   15.258  1.00 11.35 ? 11  THR A N   1 
ATOM   55   C  CA  . THR A 1 10  ? 13.600  7.883   13.851  1.00 11.71 ? 11  THR A CA  1 
ATOM   56   C  C   . THR A 1 10  ? 12.541  7.147   13.064  1.00 11.01 ? 11  THR A C   1 
ATOM   57   O  O   . THR A 1 10  ? 11.905  6.228   13.573  1.00 11.05 ? 11  THR A O   1 
ATOM   58   C  CB  . THR A 1 10  ? 14.993  7.560   13.256  1.00 12.02 ? 11  THR A CB  1 
ATOM   59   O  OG1 . THR A 1 10  ? 15.183  6.155   13.256  1.00 13.44 ? 11  THR A OG1 1 
ATOM   60   C  CG2 . THR A 1 10  ? 16.138  8.240   14.058  1.00 14.77 ? 11  THR A CG2 1 
ATOM   61   N  N   . TYR A 1 11  ? 12.400  7.509   11.825  1.00 10.31 ? 12  TYR A N   1 
ATOM   62   C  CA  . TYR A 1 11  ? 11.544  6.768   10.880  1.00 10.66 ? 12  TYR A CA  1 
ATOM   63   C  C   . TYR A 1 11  ? 12.343  6.231   9.765   1.00 10.88 ? 12  TYR A C   1 
ATOM   64   O  O   . TYR A 1 11  ? 13.295  6.850   9.297   1.00 12.02 ? 12  TYR A O   1 
ATOM   65   C  CB  . TYR A 1 11  ? 10.501  7.771   10.299  1.00 11.52 ? 12  TYR A CB  1 
ATOM   66   C  CG  . TYR A 1 11  ? 9.603   8.466   11.292  1.00 9.48  ? 12  TYR A CG  1 
ATOM   67   C  CD1 . TYR A 1 11  ? 8.354   7.950   11.683  1.00 9.25  ? 12  TYR A CD1 1 
ATOM   68   C  CD2 . TYR A 1 11  ? 9.989   9.658   11.865  1.00 9.96  ? 12  TYR A CD2 1 
ATOM   69   C  CE1 . TYR A 1 11  ? 7.525   8.659   12.574  1.00 9.69  ? 12  TYR A CE1 1 
ATOM   70   C  CE2 . TYR A 1 11  ? 9.197   10.350  12.746  1.00 10.02 ? 12  TYR A CE2 1 
ATOM   71   C  CZ  . TYR A 1 11  ? 7.991   9.869   13.054  1.00 9.66  ? 12  TYR A CZ  1 
ATOM   72   O  OH  . TYR A 1 11  ? 7.172   10.566  13.922  1.00 10.54 ? 12  TYR A OH  1 
ATOM   73   N  N   . ASN A 1 12  ? 11.880  5.141   9.194   1.00 10.59 ? 13  ASN A N   1 
ATOM   74   C  CA  . ASN A 1 12  ? 12.326  4.649   7.931   1.00 10.43 ? 13  ASN A CA  1 
ATOM   75   C  C   . ASN A 1 12  ? 11.101  4.761   7.003   1.00 10.44 ? 13  ASN A C   1 
ATOM   76   O  O   . ASN A 1 12  ? 10.101  4.053   7.255   1.00 10.56 ? 13  ASN A O   1 
ATOM   77   C  CB  . ASN A 1 12  ? 12.885  3.226   8.052   1.00 11.32 ? 13  ASN A CB  1 
ATOM   78   C  CG  . ASN A 1 12  ? 13.387  2.718   6.728   1.00 13.10 ? 13  ASN A CG  1 
ATOM   79   O  OD1 . ASN A 1 12  ? 12.761  2.817   5.688   1.00 13.29 ? 13  ASN A OD1 1 
ATOM   80   N  ND2 . ASN A 1 12  ? 14.559  2.164   6.757   1.00 17.79 ? 13  ASN A ND2 1 
ATOM   81   N  N   . ALA A 1 13  ? 11.216  5.556   5.991   1.00 9.70  ? 14  ALA A N   1 
ATOM   82   C  CA  . ALA A 1 13  ? 10.179  5.740   4.982   1.00 10.01 ? 14  ALA A CA  1 
ATOM   83   C  C   . ALA A 1 13  ? 10.647  5.357   3.606   1.00 10.80 ? 14  ALA A C   1 
ATOM   84   O  O   . ALA A 1 13  ? 10.103  5.773   2.563   1.00 11.70 ? 14  ALA A O   1 
ATOM   85   C  CB  . ALA A 1 13  ? 9.730   7.140   4.999   1.00 10.16 ? 14  ALA A CB  1 
ATOM   86   N  N   . ASP A 1 14  ? 11.686  4.493   3.511   1.00 10.99 ? 15  ASP A N   1 
ATOM   87   C  CA  . ASP A 1 14  ? 12.294  4.112   2.234   1.00 12.00 ? 15  ASP A CA  1 
ATOM   88   C  C   . ASP A 1 14  ? 11.771  2.828   1.685   1.00 11.36 ? 15  ASP A C   1 
ATOM   89   O  O   . ASP A 1 14  ? 12.186  2.518   0.533   1.00 15.90 ? 15  ASP A O   1 
ATOM   90   C  CB  . ASP A 1 14  ? 13.845  4.164   2.292   1.00 12.95 ? 15  ASP A CB  1 
ATOM   91   C  CG  . ASP A 1 14  ? 14.325  5.529   2.425   1.00 15.60 ? 15  ASP A CG  1 
ATOM   92   O  OD1 . ASP A 1 14  ? 13.725  6.437   1.829   1.00 16.21 ? 15  ASP A OD1 1 
ATOM   93   O  OD2 . ASP A 1 14  ? 15.293  5.690   3.214   1.00 17.75 ? 15  ASP A OD2 1 
ATOM   94   N  N   . THR A 1 15  ? 10.998  2.044   2.355   1.00 11.56 ? 16  THR A N   1 
ATOM   95   C  CA  . THR A 1 15  ? 10.411  0.821   1.745   1.00 12.74 ? 16  THR A CA  1 
ATOM   96   C  C   . THR A 1 15  ? 9.345   1.264   0.768   1.00 12.30 ? 16  THR A C   1 
ATOM   97   O  O   . THR A 1 15  ? 8.325   1.837   1.188   1.00 14.31 ? 16  THR A O   1 
ATOM   98   C  CB  . THR A 1 15  ? 9.813   -0.055  2.812   1.00 14.46 ? 16  THR A CB  1 
ATOM   99   O  OG1 . THR A 1 15  ? 10.881  -0.452  3.729   1.00 22.16 ? 16  THR A OG1 1 
ATOM   100  C  CG2 . THR A 1 15  ? 9.254   -1.340  2.224   1.00 17.91 ? 16  THR A CG2 1 
ATOM   101  N  N   . ILE A 1 16  ? 9.522   0.995   -0.458  1.00 10.66 ? 17  ILE A N   1 
ATOM   102  C  CA  . ILE A 1 16  ? 8.577   1.275   -1.553  1.00 11.09 ? 17  ILE A CA  1 
ATOM   103  C  C   . ILE A 1 16  ? 8.301   0.021   -2.291  1.00 10.80 ? 17  ILE A C   1 
ATOM   104  O  O   . ILE A 1 16  ? 9.114   -0.955  -2.319  1.00 13.08 ? 17  ILE A O   1 
ATOM   105  C  CB  . ILE A 1 16  ? 9.029   2.410   -2.457  1.00 11.39 ? 17  ILE A CB  1 
ATOM   106  C  CG1 . ILE A 1 16  ? 10.417  2.069   -3.082  1.00 11.70 ? 17  ILE A CG1 1 
ATOM   107  C  CG2 . ILE A 1 16  ? 9.077   3.714   -1.716  1.00 13.31 ? 17  ILE A CG2 1 
ATOM   108  C  CD1 . ILE A 1 16  ? 10.824  3.002   -4.203  1.00 13.03 ? 17  ILE A CD1 1 
ATOM   109  N  N   . GLY A 1 17  ? 7.153   -0.080  -2.906  1.00 9.76  ? 18  GLY A N   1 
ATOM   110  C  CA  . GLY A 1 17  ? 6.828   -1.178  -3.723  1.00 10.28 ? 18  GLY A CA  1 
ATOM   111  C  C   . GLY A 1 17  ? 5.665   -0.941  -4.618  1.00 9.06  ? 18  GLY A C   1 
ATOM   112  O  O   . GLY A 1 17  ? 5.048   0.124   -4.652  1.00 9.48  ? 18  GLY A O   1 
ATOM   113  N  N   . ASN A 1 18  ? 5.374   -1.911  -5.465  1.00 10.15 ? 19  ASN A N   1 
ATOM   114  C  CA  . ASN A 1 18  ? 4.326   -1.886  -6.465  1.00 8.83  ? 19  ASN A CA  1 
ATOM   115  C  C   . ASN A 1 18  ? 3.230   -2.822  -6.112  1.00 8.98  ? 19  ASN A C   1 
ATOM   116  O  O   . ASN A 1 18  ? 3.440   -3.961  -5.682  1.00 10.01 ? 19  ASN A O   1 
ATOM   117  C  CB  . ASN A 1 18  ? 4.915   -2.308  -7.814  1.00 9.79  ? 19  ASN A CB  1 
ATOM   118  C  CG  . ASN A 1 18  ? 5.880   -1.340  -8.334  1.00 12.22 ? 19  ASN A CG  1 
ATOM   119  O  OD1 . ASN A 1 18  ? 5.848   -0.144  -8.129  1.00 13.50 ? 19  ASN A OD1 1 
ATOM   120  N  ND2 . ASN A 1 18  ? 6.795   -1.852  -9.170  1.00 17.85 ? 19  ASN A ND2 1 
ATOM   121  N  N   . TRP A 1 19  ? 2.005   -2.363  -6.284  1.00 9.26  ? 20  TRP A N   1 
ATOM   122  C  CA  . TRP A 1 19  ? 0.847   -3.240  -6.272  1.00 9.09  ? 20  TRP A CA  1 
ATOM   123  C  C   . TRP A 1 19  ? 0.755   -3.990  -7.593  1.00 8.89  ? 20  TRP A C   1 
ATOM   124  O  O   . TRP A 1 19  ? 0.846   -3.369  -8.658  1.00 9.19  ? 20  TRP A O   1 
ATOM   125  C  CB  . TRP A 1 19  ? -0.447  -2.395  -6.085  1.00 9.03  ? 20  TRP A CB  1 
ATOM   126  C  CG  . TRP A 1 19  ? -0.507  -1.644  -4.808  1.00 8.11  ? 20  TRP A CG  1 
ATOM   127  C  CD1 . TRP A 1 19  ? -0.500  -0.283  -4.678  1.00 9.25  ? 20  TRP A CD1 1 
ATOM   128  C  CD2 . TRP A 1 19  ? -0.558  -2.162  -3.478  1.00 8.08  ? 20  TRP A CD2 1 
ATOM   129  N  NE1 . TRP A 1 19  ? -0.562  0.070   -3.366  1.00 9.10  ? 20  TRP A NE1 1 
ATOM   130  C  CE2 . TRP A 1 19  ? -0.594  -1.060  -2.576  1.00 7.84  ? 20  TRP A CE2 1 
ATOM   131  C  CE3 . TRP A 1 19  ? -0.534  -3.449  -2.938  1.00 8.99  ? 20  TRP A CE3 1 
ATOM   132  C  CZ2 . TRP A 1 19  ? -0.670  -1.209  -1.210  1.00 8.48  ? 20  TRP A CZ2 1 
ATOM   133  C  CZ3 . TRP A 1 19  ? -0.620  -3.601  -1.579  1.00 9.03  ? 20  TRP A CZ3 1 
ATOM   134  C  CH2 . TRP A 1 19  ? -0.726  -2.508  -0.707  1.00 9.22  ? 20  TRP A CH2 1 
ATOM   135  N  N   . VAL A 1 20  ? 0.614   -5.300  -7.527  1.00 10.00 ? 21  VAL A N   1 
ATOM   136  C  CA  . VAL A 1 20  ? 0.492   -6.070  -8.751  1.00 10.06 ? 21  VAL A CA  1 
ATOM   137  C  C   . VAL A 1 20  ? -0.680  -5.551  -9.609  1.00 9.76  ? 21  VAL A C   1 
ATOM   138  O  O   . VAL A 1 20  ? -1.773  -5.434  -9.037  1.00 10.63 ? 21  VAL A O   1 
ATOM   139  C  CB  . VAL A 1 20  ? 0.293   -7.516  -8.363  1.00 11.09 ? 21  VAL A CB  1 
ATOM   140  C  CG1 . VAL A 1 20  ? 0.053   -8.380  -9.616  1.00 13.36 ? 21  VAL A CG1 1 
ATOM   141  C  CG2 . VAL A 1 20  ? 1.499   -8.114  -7.615  1.00 12.92 ? 21  VAL A CG2 1 
ATOM   142  N  N   . PRO A 1 21  ? -0.494  -5.282  -10.873 1.00 8.97  ? 22  PRO A N   1 
ATOM   143  C  CA  . PRO A 1 21  ? -1.621  -4.811  -11.696 1.00 10.00 ? 22  PRO A CA  1 
ATOM   144  C  C   . PRO A 1 21  ? -2.671  -5.867  -11.934 1.00 10.15 ? 22  PRO A C   1 
ATOM   145  O  O   . PRO A 1 21  ? -2.381  -7.073  -11.924 1.00 10.51 ? 22  PRO A O   1 
ATOM   146  C  CB  . PRO A 1 21  ? -0.987  -4.380  -12.956 1.00 11.02 ? 22  PRO A CB  1 
ATOM   147  C  CG  . PRO A 1 21  ? 0.480   -4.140  -12.641 1.00 12.05 ? 22  PRO A CG  1 
ATOM   148  C  CD  . PRO A 1 21  ? 0.768   -5.179  -11.608 1.00 10.11 ? 22  PRO A CD  1 
ATOM   149  N  N   . PRO A 1 22  ? -3.889  -5.468  -12.133 1.00 9.93  ? 23  PRO A N   1 
ATOM   150  C  CA  . PRO A 1 22  ? -4.941  -6.407  -12.506 1.00 9.58  ? 23  PRO A CA  1 
ATOM   151  C  C   . PRO A 1 22  ? -4.711  -6.892  -13.924 1.00 9.10  ? 23  PRO A C   1 
ATOM   152  O  O   . PRO A 1 22  ? -4.016  -6.348  -14.731 1.00 10.34 ? 23  PRO A O   1 
ATOM   153  C  CB  . PRO A 1 22  ? -6.245  -5.524  -12.479 1.00 9.76  ? 23  PRO A CB  1 
ATOM   154  C  CG  . PRO A 1 22  ? -5.775  -4.182  -12.815 1.00 10.31 ? 23  PRO A CG  1 
ATOM   155  C  CD  . PRO A 1 22  ? -4.368  -4.054  -12.187 1.00 10.46 ? 23  PRO A CD  1 
ATOM   156  N  N   . THR A 1 23  ? -5.355  -8.044  -14.183 1.00 11.19 ? 24  THR A N   1 
ATOM   157  C  CA  . THR A 1 23  ? -5.343  -8.672  -15.519 1.00 11.86 ? 24  THR A CA  1 
ATOM   158  C  C   . THR A 1 23  ? -6.674  -8.566  -16.204 1.00 13.17 ? 24  THR A C   1 
ATOM   159  O  O   . THR A 1 23  ? -6.760  -9.082  -17.296 1.00 14.33 ? 24  THR A O   1 
ATOM   160  C  CB  . THR A 1 23  ? -4.999  -10.181 -15.406 1.00 12.01 ? 24  THR A CB  1 
ATOM   161  O  OG1 . THR A 1 23  ? -5.880  -10.845 -14.536 1.00 13.86 ? 24  THR A OG1 1 
ATOM   162  C  CG2 . THR A 1 23  ? -3.596  -10.386 -14.866 1.00 13.84 ? 24  THR A CG2 1 
ATOM   163  N  N   . GLU A 1 24  ? -7.627  -7.986  -15.542 1.00 10.94 ? 25  GLU A N   1 
ATOM   164  C  CA  . GLU A 1 24  ? -9.010  -7.808  -16.099 1.00 10.70 ? 25  GLU A CA  1 
ATOM   165  C  C   . GLU A 1 24  ? -9.441  -6.375  -15.737 1.00 11.12 ? 25  GLU A C   1 
ATOM   166  O  O   . GLU A 1 24  ? -8.866  -5.733  -14.841 1.00 12.14 ? 25  GLU A O   1 
ATOM   167  C  CB  . GLU A 1 24  ? -10.005 -8.821  -15.546 1.00 10.46 ? 25  GLU A CB  1 
ATOM   168  C  CG  . GLU A 1 24  ? -9.671  -10.266 -15.890 1.00 12.06 ? 25  GLU A CG  1 
ATOM   169  C  CD  . GLU A 1 24  ? -9.815  -10.547 -17.354 1.00 12.74 ? 25  GLU A CD  1 
ATOM   170  O  OE1 . GLU A 1 24  ? -10.692 -10.010 -18.055 1.00 15.36 ? 25  GLU A OE1 1 
ATOM   171  O  OE2 . GLU A 1 24  ? -9.086  -11.469 -17.947 1.00 15.18 ? 25  GLU A OE2 1 
ATOM   172  N  N   . LEU A 1 25  ? -10.458 -5.864  -16.382 1.00 10.38 ? 26  LEU A N   1 
ATOM   173  C  CA  . LEU A 1 25  ? -10.966 -4.512  -16.147 1.00 11.05 ? 26  LEU A CA  1 
ATOM   174  C  C   . LEU A 1 25  ? -11.576 -4.353  -14.860 1.00 10.58 ? 26  LEU A C   1 
ATOM   175  O  O   . LEU A 1 25  ? -11.403 -3.239  -14.237 1.00 11.13 ? 26  LEU A O   1 
ATOM   176  C  CB  . LEU A 1 25  ? -11.939 -4.046  -17.282 1.00 11.10 ? 26  LEU A CB  1 
ATOM   177  C  CG  . LEU A 1 25  ? -11.335 -4.052  -18.637 1.00 12.70 ? 26  LEU A CG  1 
ATOM   178  C  CD1 . LEU A 1 25  ? -12.409 -3.569  -19.673 1.00 15.69 ? 26  LEU A CD1 1 
ATOM   179  C  CD2 . LEU A 1 25  ? -10.088 -3.280  -18.786 1.00 14.88 ? 26  LEU A CD2 1 
ATOM   180  N  N   . LYS A 1 26  ? -12.233 -5.279  -14.260 1.00 10.83 ? 27  LYS A N   1 
ATOM   181  C  CA  . LYS A 1 26  ? -12.754 -5.295  -12.947 1.00 10.97 ? 27  LYS A CA  1 
ATOM   182  C  C   . LYS A 1 26  ? -12.184 -6.442  -12.205 1.00 11.90 ? 27  LYS A C   1 
ATOM   183  O  O   . LYS A 1 26  ? -12.318 -7.596  -12.679 1.00 13.88 ? 27  LYS A O   1 
ATOM   184  C  CB  . LYS A 1 26  ? -14.284 -5.392  -12.866 1.00 12.61 ? 27  LYS A CB  1 
ATOM   185  C  CG  . LYS A 1 26  ? -14.875 -3.981  -13.274 1.00 19.28 ? 27  LYS A CG  1 
ATOM   186  C  CD  . LYS A 1 26  ? -16.409 -4.024  -13.087 1.00 23.68 ? 27  LYS A CD  1 
ATOM   187  C  CE  . LYS A 1 26  ? -17.137 -2.842  -13.636 1.00 29.14 ? 27  LYS A CE  1 
ATOM   188  N  NZ  . LYS A 1 26  ? -16.291 -1.755  -14.075 1.00 34.92 ? 27  LYS A NZ  1 
ATOM   189  N  N   . GLN A 1 27  ? -11.599 -6.274  -11.038 1.00 10.72 ? 28  GLN A N   1 
ATOM   190  C  CA  . GLN A 1 27  ? -10.971 -7.385  -10.305 1.00 11.17 ? 28  GLN A CA  1 
ATOM   191  C  C   . GLN A 1 27  ? -10.986 -7.097  -8.849  1.00 10.69 ? 28  GLN A C   1 
ATOM   192  O  O   . GLN A 1 27  ? -10.804 -5.912  -8.426  1.00 11.74 ? 28  GLN A O   1 
ATOM   193  C  CB  . GLN A 1 27  ? -9.516  -7.587  -10.818 1.00 13.38 ? 28  GLN A CB  1 
ATOM   194  C  CG  . GLN A 1 27  ? -8.912  -8.994  -10.596 1.00 16.73 ? 28  GLN A CG  1 
ATOM   195  C  CD  . GLN A 1 27  ? -7.512  -8.998  -11.202 1.00 19.31 ? 28  GLN A CD  1 
ATOM   196  O  OE1 . GLN A 1 27  ? -7.334  -8.768  -12.288 1.00 15.16 ? 28  GLN A OE1 1 
ATOM   197  N  NE2 . GLN A 1 27  ? -6.489  -8.996  -10.304 1.00 24.24 ? 28  GLN A NE2 1 
ATOM   198  N  N   . THR A 1 28  ? -11.107 -8.065  -8.004  1.00 10.96 ? 29  THR A N   1 
ATOM   199  C  CA  . THR A 1 28  ? -10.863 -8.024  -6.637  1.00 11.16 ? 29  THR A CA  1 
ATOM   200  C  C   . THR A 1 28  ? -9.865  -9.080  -6.309  1.00 12.87 ? 29  THR A C   1 
ATOM   201  O  O   . THR A 1 28  ? -10.047 -10.284 -6.709  1.00 13.96 ? 29  THR A O   1 
ATOM   202  C  CB  . THR A 1 28  ? -12.134 -8.267  -5.772  1.00 13.75 ? 29  THR A CB  1 
ATOM   203  O  OG1 . THR A 1 28  ? -13.036 -7.175  -6.028  1.00 15.62 ? 29  THR A OG1 1 
ATOM   204  C  CG2 . THR A 1 28  ? -11.924 -8.315  -4.295  1.00 15.58 ? 29  THR A CG2 1 
ATOM   205  N  N   . TYR A 1 29  ? -8.762  -8.783  -5.648  1.00 11.73 ? 30  TYR A N   1 
ATOM   206  C  CA  . TYR A 1 29  ? -7.682  -9.684  -5.451  1.00 10.52 ? 30  TYR A CA  1 
ATOM   207  C  C   . TYR A 1 29  ? -6.872  -9.290  -4.234  1.00 11.18 ? 30  TYR A C   1 
ATOM   208  O  O   . TYR A 1 29  ? -7.127  -8.258  -3.642  1.00 11.55 ? 30  TYR A O   1 
ATOM   209  C  CB  . TYR A 1 29  ? -6.857  -9.764  -6.722  1.00 11.72 ? 30  TYR A CB  1 
ATOM   210  C  CG  . TYR A 1 29  ? -6.154  -8.465  -7.220  1.00 10.86 ? 30  TYR A CG  1 
ATOM   211  C  CD1 . TYR A 1 29  ? -6.874  -7.492  -7.824  1.00 13.55 ? 30  TYR A CD1 1 
ATOM   212  C  CD2 . TYR A 1 29  ? -4.831  -8.255  -7.065  1.00 10.49 ? 30  TYR A CD2 1 
ATOM   213  C  CE1 . TYR A 1 29  ? -6.335  -6.355  -8.374  1.00 12.43 ? 30  TYR A CE1 1 
ATOM   214  C  CE2 . TYR A 1 29  ? -4.193  -7.139  -7.533  1.00 10.64 ? 30  TYR A CE2 1 
ATOM   215  C  CZ  . TYR A 1 29  ? -4.938  -6.177  -8.273  1.00 11.19 ? 30  TYR A CZ  1 
ATOM   216  O  OH  . TYR A 1 29  ? -4.353  -5.060  -8.803  1.00 11.12 ? 30  TYR A OH  1 
ATOM   217  N  N   . THR A 1 30  ? -5.959  -10.143 -3.825  1.00 11.07 ? 31  THR A N   1 
ATOM   218  C  CA  . THR A 1 30  ? -5.109  -9.859  -2.700  1.00 11.74 ? 31  THR A CA  1 
ATOM   219  C  C   . THR A 1 30  ? -3.658  -9.811  -3.036  1.00 9.95  ? 31  THR A C   1 
ATOM   220  O  O   . THR A 1 30  ? -3.223  -10.322 -4.024  1.00 12.57 ? 31  THR A O   1 
ATOM   221  C  CB  . THR A 1 30  ? -5.349  -10.798 -1.540  1.00 11.24 ? 31  THR A CB  1 
ATOM   222  O  OG1 . THR A 1 30  ? -4.952  -12.122 -1.952  1.00 13.73 ? 31  THR A OG1 1 
ATOM   223  C  CG2 . THR A 1 30  ? -6.792  -10.823 -1.084  1.00 11.52 ? 31  THR A CG2 1 
ATOM   224  N  N   . GLN A 1 31  ? -2.884  -9.182  -2.172  1.00 9.87  ? 32  GLN A N   1 
ATOM   225  C  CA  . GLN A 1 31  ? -1.421  -9.128  -2.248  1.00 9.41  ? 32  GLN A CA  1 
ATOM   226  C  C   . GLN A 1 31  ? -0.878  -9.206  -0.878  1.00 10.21 ? 32  GLN A C   1 
ATOM   227  O  O   . GLN A 1 31  ? -1.311  -8.459  0.025   1.00 10.48 ? 32  GLN A O   1 
ATOM   228  C  CB  . GLN A 1 31  ? -0.937  -7.861  -2.912  1.00 10.16 ? 32  GLN A CB  1 
ATOM   229  C  CG  . GLN A 1 31  ? 0.547   -7.788  -3.137  1.00 10.66 ? 32  GLN A CG  1 
ATOM   230  C  CD  . GLN A 1 31  ? 0.958   -6.671  -4.047  1.00 10.59 ? 32  GLN A CD  1 
ATOM   231  O  OE1 . GLN A 1 31  ? 0.190   -6.249  -4.911  1.00 11.74 ? 32  GLN A OE1 1 
ATOM   232  N  NE2 . GLN A 1 31  ? 2.149   -6.184  -3.966  1.00 11.50 ? 32  GLN A NE2 1 
ATOM   233  N  N   . ASP A 1 32  ? 0.119   -10.035 -0.633  1.00 10.04 ? 33  ASP A N   1 
ATOM   234  C  CA  . ASP A 1 32  ? 0.853   -10.092 0.616   1.00 10.43 ? 33  ASP A CA  1 
ATOM   235  C  C   . ASP A 1 32  ? 2.110   -9.334  0.551   1.00 11.17 ? 33  ASP A C   1 
ATOM   236  O  O   . ASP A 1 32  ? 2.973   -9.630  -0.307  1.00 12.64 ? 33  ASP A O   1 
ATOM   237  C  CB  . ASP A 1 32  ? 1.165   -11.606 0.972   1.00 12.00 ? 33  ASP A CB  1 
ATOM   238  C  CG  . ASP A 1 32  ? 0.017   -12.418 1.281   1.00 12.69 ? 33  ASP A CG  1 
ATOM   239  O  OD1 . ASP A 1 32  ? -1.115  -11.962 1.400   1.00 13.54 ? 33  ASP A OD1 1 
ATOM   240  O  OD2 . ASP A 1 32  ? 0.238   -13.674 1.570   1.00 15.74 ? 33  ASP A OD2 1 
ATOM   241  N  N   . ILE A 1 33  ? 2.239   -8.292  1.326   1.00 10.77 ? 34  ILE A N   1 
ATOM   242  C  CA  . ILE A 1 33  ? 3.517   -7.589  1.483   1.00 12.07 ? 34  ILE A CA  1 
ATOM   243  C  C   . ILE A 1 33  ? 4.318   -8.401  2.442   1.00 12.52 ? 34  ILE A C   1 
ATOM   244  O  O   . ILE A 1 33  ? 3.814   -8.846  3.507   1.00 12.76 ? 34  ILE A O   1 
ATOM   245  C  CB  . ILE A 1 33  ? 3.318   -6.153  1.958   1.00 12.47 ? 34  ILE A CB  1 
ATOM   246  C  CG1 . ILE A 1 33  ? 2.543   -5.353  0.921   1.00 12.33 ? 34  ILE A CG1 1 
ATOM   247  C  CG2 . ILE A 1 33  ? 4.633   -5.453  2.282   1.00 14.10 ? 34  ILE A CG2 1 
ATOM   248  C  CD1 . ILE A 1 33  ? 2.380   -3.847  1.181   1.00 13.99 ? 34  ILE A CD1 1 
ATOM   249  N  N   . THR A 1 34  ? 5.578   -8.628  2.157   1.00 13.04 ? 35  THR A N   1 
ATOM   250  C  CA  . THR A 1 34  ? 6.427   -9.540  2.943   1.00 11.99 ? 35  THR A CA  1 
ATOM   251  C  C   . THR A 1 34  ? 7.728   -8.834  3.288   1.00 12.68 ? 35  THR A C   1 
ATOM   252  O  O   . THR A 1 34  ? 8.015   -7.747  2.832   1.00 12.99 ? 35  THR A O   1 
ATOM   253  C  CB  . THR A 1 34  ? 6.590   -10.848 2.168   1.00 15.53 ? 35  THR A CB  1 
ATOM   254  O  OG1 . THR A 1 34  ? 7.157   -11.900 2.970   1.00 19.23 ? 35  THR A OG1 1 
ATOM   255  C  CG2 . THR A 1 34  ? 7.551   -10.560 1.031   1.00 17.90 ? 35  THR A CG2 1 
ATOM   256  N  N   . GLY A 1 35  ? 8.487   -9.486  4.196   1.00 12.56 ? 36  GLY A N   1 
ATOM   257  C  CA  . GLY A 1 35  ? 9.756   -8.966  4.571   1.00 12.70 ? 36  GLY A CA  1 
ATOM   258  C  C   . GLY A 1 35  ? 9.742   -7.886  5.626   1.00 13.81 ? 36  GLY A C   1 
ATOM   259  O  O   . GLY A 1 35  ? 10.683  -7.105  5.752   1.00 16.84 ? 36  GLY A O   1 
ATOM   260  N  N   . LEU A 1 36  ? 8.626   -7.694  6.305   1.00 12.49 ? 37  LEU A N   1 
ATOM   261  C  CA  . LEU A 1 36  ? 8.475   -6.644  7.335   1.00 11.82 ? 37  LEU A CA  1 
ATOM   262  C  C   . LEU A 1 36  ? 8.895   -7.221  8.655   1.00 11.48 ? 37  LEU A C   1 
ATOM   263  O  O   . LEU A 1 36  ? 8.869   -8.444  8.850   1.00 12.97 ? 37  LEU A O   1 
ATOM   264  C  CB  . LEU A 1 36  ? 7.025   -6.212  7.421   1.00 11.49 ? 37  LEU A CB  1 
ATOM   265  C  CG  . LEU A 1 36  ? 6.443   -5.659  6.161   1.00 13.02 ? 37  LEU A CG  1 
ATOM   266  C  CD1 . LEU A 1 36  ? 4.921   -5.466  6.356   1.00 15.92 ? 37  LEU A CD1 1 
ATOM   267  C  CD2 . LEU A 1 36  ? 7.099   -4.386  5.754   1.00 15.80 ? 37  LEU A CD2 1 
ATOM   268  N  N   . LYS A 1 37  ? 9.301   -6.388  9.601   1.00 12.24 ? 38  LYS A N   1 
ATOM   269  C  CA  . LYS A 1 37  ? 9.660   -6.903  10.908  1.00 10.87 ? 38  LYS A CA  1 
ATOM   270  C  C   . LYS A 1 37  ? 8.438   -7.541  11.519  1.00 11.87 ? 38  LYS A C   1 
ATOM   271  O  O   . LYS A 1 37  ? 7.405   -6.875  11.711  1.00 10.95 ? 38  LYS A O   1 
ATOM   272  C  CB  . LYS A 1 37  ? 10.253  -5.833  11.827  1.00 12.11 ? 38  LYS A CB  1 
ATOM   273  C  CG  . LYS A 1 37  ? 10.803  -6.332  13.079  1.00 13.26 ? 38  LYS A CG  1 
ATOM   274  C  CD  . LYS A 1 37  ? 11.563  -5.245  13.852  1.00 14.13 ? 38  LYS A CD  1 
ATOM   275  C  CE  . LYS A 1 37  ? 12.256  -5.864  15.035  1.00 16.47 ? 38  LYS A CE  1 
ATOM   276  N  NZ  . LYS A 1 37  ? 11.414  -6.468  16.037  1.00 19.51 ? 38  LYS A NZ  1 
ATOM   277  N  N   . PRO A 1 38  ? 8.492   -8.811  11.978  1.00 12.10 ? 39  PRO A N   1 
ATOM   278  C  CA  . PRO A 1 38  ? 7.304   -9.376  12.507  1.00 11.74 ? 39  PRO A CA  1 
ATOM   279  C  C   . PRO A 1 38  ? 6.742   -8.614  13.699  1.00 10.89 ? 39  PRO A C   1 
ATOM   280  O  O   . PRO A 1 38  ? 7.480   -8.155  14.587  1.00 12.32 ? 39  PRO A O   1 
ATOM   281  C  CB  . PRO A 1 38  ? 7.715   -10.782 12.898  1.00 13.45 ? 39  PRO A CB  1 
ATOM   282  C  CG  . PRO A 1 38  ? 8.842   -11.093 11.930  1.00 13.99 ? 39  PRO A CG  1 
ATOM   283  C  CD  . PRO A 1 38  ? 9.581   -9.815  11.756  1.00 12.46 ? 39  PRO A CD  1 
ATOM   284  N  N   . ASN A 1 39  ? 5.437   -8.477  13.669  1.00 11.43 ? 40  ASN A N   1 
ATOM   285  C  CA  . ASN A 1 39  ? 4.677   -7.789  14.750  1.00 12.13 ? 40  ASN A CA  1 
ATOM   286  C  C   . ASN A 1 39  ? 4.900   -6.270  14.844  1.00 12.31 ? 40  ASN A C   1 
ATOM   287  O  O   . ASN A 1 39  ? 4.317   -5.656  15.723  1.00 12.55 ? 40  ASN A O   1 
ATOM   288  C  CB  . ASN A 1 39  ? 4.883   -8.453  16.135  1.00 13.68 ? 40  ASN A CB  1 
ATOM   289  C  CG  . ASN A 1 39  ? 4.742   -9.960  16.025  1.00 15.37 ? 40  ASN A CG  1 
ATOM   290  O  OD1 . ASN A 1 39  ? 3.767   -10.479 15.584  1.00 17.20 ? 40  ASN A OD1 1 
ATOM   291  N  ND2 . ASN A 1 39  ? 5.826   -10.630 16.387  1.00 18.89 ? 40  ASN A ND2 1 
ATOM   292  N  N   . SER A 1 40  ? 5.666   -5.676  13.939  1.00 10.52 ? 41  SER A N   1 
ATOM   293  C  CA  . SER A 1 40  ? 5.865   -4.224  14.013  1.00 10.76 ? 41  SER A CA  1 
ATOM   294  C  C   . SER A 1 40  ? 4.628   -3.517  13.473  1.00 10.05 ? 41  SER A C   1 
ATOM   295  O  O   . SER A 1 40  ? 3.855   -4.056  12.690  1.00 10.36 ? 41  SER A O   1 
ATOM   296  C  CB  . SER A 1 40  ? 7.101   -3.824  13.246  1.00 11.49 ? 41  SER A CB  1 
ATOM   297  O  OG  . SER A 1 40  ? 8.262   -4.081  14.040  1.00 12.46 ? 41  SER A OG  1 
ATOM   298  N  N   . LYS A 1 41  ? 4.493   -2.281  13.894  1.00 9.87  ? 42  LYS A N   1 
ATOM   299  C  CA  . LYS A 1 41  ? 3.374   -1.374  13.530  1.00 9.96  ? 42  LYS A CA  1 
ATOM   300  C  C   . LYS A 1 41  ? 3.911   -0.395  12.502  1.00 8.63  ? 42  LYS A C   1 
ATOM   301  O  O   . LYS A 1 41  ? 4.974   0.192   12.612  1.00 9.33  ? 42  LYS A O   1 
ATOM   302  C  CB  . LYS A 1 41  ? 2.912   -0.616  14.743  1.00 11.96 ? 42  LYS A CB  1 
ATOM   303  C  CG  . LYS A 1 41  ? 2.412   -1.554  15.797  1.00 14.98 ? 42  LYS A CG  1 
ATOM   304  C  CD  . LYS A 1 41  ? 2.429   -0.840  17.159  1.00 21.11 ? 42  LYS A CD  1 
ATOM   305  C  CE  . LYS A 1 41  ? 1.693   -1.574  18.319  1.00 24.89 ? 42  LYS A CE  1 
ATOM   306  N  NZ  . LYS A 1 41  ? 1.957   -0.817  19.628  1.00 25.16 ? 42  LYS A NZ  1 
ATOM   307  N  N   . PHE A 1 42  ? 3.105   -0.189  11.470  1.00 8.65  ? 43  PHE A N   1 
ATOM   308  C  CA  . PHE A 1 42  ? 3.445   0.580   10.272  1.00 8.17  ? 43  PHE A CA  1 
ATOM   309  C  C   . PHE A 1 42  ? 2.323   1.468   9.882   1.00 8.36  ? 43  PHE A C   1 
ATOM   310  O  O   . PHE A 1 42  ? 1.108   1.262   10.226  1.00 9.09  ? 43  PHE A O   1 
ATOM   311  C  CB  . PHE A 1 42  ? 3.686   -0.366  9.119   1.00 9.45  ? 43  PHE A CB  1 
ATOM   312  C  CG  . PHE A 1 42  ? 4.822   -1.312  9.345   1.00 9.31  ? 43  PHE A CG  1 
ATOM   313  C  CD1 . PHE A 1 42  ? 6.123   -0.901  9.011   1.00 10.23 ? 43  PHE A CD1 1 
ATOM   314  C  CD2 . PHE A 1 42  ? 4.642   -2.593  9.866   1.00 10.06 ? 43  PHE A CD2 1 
ATOM   315  C  CE1 . PHE A 1 42  ? 7.211   -1.791  9.177   1.00 10.75 ? 43  PHE A CE1 1 
ATOM   316  C  CE2 . PHE A 1 42  ? 5.695   -3.447  10.064  1.00 10.49 ? 43  PHE A CE2 1 
ATOM   317  C  CZ  . PHE A 1 42  ? 7.014   -3.073  9.716   1.00 10.97 ? 43  PHE A CZ  1 
ATOM   318  N  N   . ILE A 1 43  ? 2.657   2.455   9.037   1.00 9.03  ? 44  ILE A N   1 
ATOM   319  C  CA  . ILE A 1 43  ? 1.686   3.176   8.172   1.00 9.93  ? 44  ILE A CA  1 
ATOM   320  C  C   . ILE A 1 43  ? 2.090   2.935   6.748   1.00 8.80  ? 44  ILE A C   1 
ATOM   321  O  O   . ILE A 1 43  ? 3.285   3.054   6.425   1.00 10.21 ? 44  ILE A O   1 
ATOM   322  C  CB  . ILE A 1 43  ? 1.751   4.690   8.509   1.00 10.97 ? 44  ILE A CB  1 
ATOM   323  C  CG1 . ILE A 1 43  ? 1.228   5.048   9.835   1.00 11.71 ? 44  ILE A CG1 1 
ATOM   324  C  CG2 . ILE A 1 43  ? 0.920   5.488   7.467   1.00 13.06 ? 44  ILE A CG2 1 
ATOM   325  C  CD1 . ILE A 1 43  ? -0.266  4.849   10.040  1.00 12.76 ? 44  ILE A CD1 1 
ATOM   326  N  N   . ILE A 1 44  ? 1.177   2.622   5.874   1.00 7.97  ? 45  ILE A N   1 
ATOM   327  C  CA  . ILE A 1 44  ? 1.430   2.573   4.403   1.00 7.96  ? 45  ILE A CA  1 
ATOM   328  C  C   . ILE A 1 44  ? 0.621   3.695   3.760   1.00 8.29  ? 45  ILE A C   1 
ATOM   329  O  O   . ILE A 1 44  ? -0.588  3.886   4.087   1.00 8.28  ? 45  ILE A O   1 
ATOM   330  C  CB  . ILE A 1 44  ? 1.092   1.165   3.867   1.00 7.97  ? 45  ILE A CB  1 
ATOM   331  C  CG1 . ILE A 1 44  ? 1.398   1.040   2.382   1.00 8.10  ? 45  ILE A CG1 1 
ATOM   332  C  CG2 . ILE A 1 44  ? -0.345  0.723   4.178   1.00 8.35  ? 45  ILE A CG2 1 
ATOM   333  C  CD1 . ILE A 1 44  ? 1.324   -0.352  1.891   1.00 9.14  ? 45  ILE A CD1 1 
ATOM   334  N  N   . VAL A 1 45  ? 1.288   4.384   2.891   1.00 7.86  ? 46  VAL A N   1 
ATOM   335  C  CA  . VAL A 1 45  ? 0.693   5.493   2.139   1.00 8.36  ? 46  VAL A CA  1 
ATOM   336  C  C   . VAL A 1 45  ? 0.908   5.325   0.662   1.00 7.80  ? 46  VAL A C   1 
ATOM   337  O  O   . VAL A 1 45  ? 1.869   4.654   0.250   1.00 9.12  ? 46  VAL A O   1 
ATOM   338  C  CB  . VAL A 1 45  ? 1.289   6.879   2.530   1.00 8.35  ? 46  VAL A CB  1 
ATOM   339  C  CG1 . VAL A 1 45  ? 1.006   7.135   3.976   1.00 9.66  ? 46  VAL A CG1 1 
ATOM   340  C  CG2 . VAL A 1 45  ? 2.778   6.975   2.251   1.00 9.33  ? 46  VAL A CG2 1 
ATOM   341  N  N   . PRO A 1 46  ? 0.034   5.802   -0.172  1.00 7.98  ? 47  PRO A N   1 
ATOM   342  C  CA  . PRO A 1 46  ? 0.258   5.832   -1.607  1.00 7.79  ? 47  PRO A CA  1 
ATOM   343  C  C   . PRO A 1 46  ? 1.259   6.845   -1.986  1.00 7.25  ? 47  PRO A C   1 
ATOM   344  O  O   . PRO A 1 46  ? 1.387   7.873   -1.315  1.00 8.55  ? 47  PRO A O   1 
ATOM   345  C  CB  . PRO A 1 46  ? -1.113  6.136   -2.172  1.00 7.82  ? 47  PRO A CB  1 
ATOM   346  C  CG  . PRO A 1 46  ? -1.753  7.025   -1.090  1.00 7.80  ? 47  PRO A CG  1 
ATOM   347  C  CD  . PRO A 1 46  ? -1.208  6.493   0.199   1.00 8.15  ? 47  PRO A CD  1 
ATOM   348  N  N   . TYR A 1 47  ? 1.958   6.623   -3.057  1.00 7.73  ? 48  TYR A N   1 
ATOM   349  C  CA  . TYR A 1 47  ? 2.730   7.691   -3.751  1.00 7.37  ? 48  TYR A CA  1 
ATOM   350  C  C   . TYR A 1 47  ? 2.520   7.493   -5.215  1.00 7.86  ? 48  TYR A C   1 
ATOM   351  O  O   . TYR A 1 47  ? 1.953   6.472   -5.649  1.00 8.06  ? 48  TYR A O   1 
ATOM   352  C  CB  . TYR A 1 47  ? 4.218   7.743   -3.345  1.00 8.33  ? 48  TYR A CB  1 
ATOM   353  C  CG  . TYR A 1 47  ? 5.123   6.711   -3.978  1.00 9.04  ? 48  TYR A CG  1 
ATOM   354  C  CD1 . TYR A 1 47  ? 5.818   7.048   -5.155  1.00 10.08 ? 48  TYR A CD1 1 
ATOM   355  C  CD2 . TYR A 1 47  ? 5.355   5.463   -3.463  1.00 8.21  ? 48  TYR A CD2 1 
ATOM   356  C  CE1 . TYR A 1 47  ? 6.682   6.153   -5.767  1.00 10.53 ? 48  TYR A CE1 1 
ATOM   357  C  CE2 . TYR A 1 47  ? 6.180   4.558   -4.046  1.00 9.42  ? 48  TYR A CE2 1 
ATOM   358  C  CZ  . TYR A 1 47  ? 6.811   4.928   -5.213  1.00 10.92 ? 48  TYR A CZ  1 
ATOM   359  O  OH  . TYR A 1 47  ? 7.668   3.972   -5.814  1.00 13.12 ? 48  TYR A OH  1 
HETATM 360  N  N   . MSE A 1 48  ? 2.944   8.411   -6.029  1.00 7.80  ? 49  MSE A N   1 
HETATM 361  C  CA  . MSE A 1 48  ? 2.821   8.317   -7.473  1.00 8.61  ? 49  MSE A CA  1 
HETATM 362  C  C   . MSE A 1 48  ? 4.049   8.865   -8.137  1.00 8.36  ? 49  MSE A C   1 
HETATM 363  O  O   . MSE A 1 48  ? 4.484   10.005  -7.938  1.00 8.65  ? 49  MSE A O   1 
HETATM 364  C  CB  . MSE A 1 48  ? 1.540   8.982   -7.956  1.00 9.14  ? 49  MSE A CB  1 
HETATM 365  C  CG  . MSE A 1 48  ? 1.134   8.584   -9.333  1.00 9.76  ? 49  MSE A CG  1 
HETATM 366  SE SE  . MSE A 1 48  ? -0.765  9.040   -9.699  0.67 9.53  ? 49  MSE A SE  1 
HETATM 367  C  CE  . MSE A 1 48  ? -1.617  7.731   -8.547  1.00 10.70 ? 49  MSE A CE  1 
ATOM   368  N  N   . ASP A 1 49  ? 4.544   8.075   -9.088  1.00 8.68  ? 50  ASP A N   1 
ATOM   369  C  CA  . ASP A 1 49  ? 5.568   8.494   -10.038 1.00 9.59  ? 50  ASP A CA  1 
ATOM   370  C  C   . ASP A 1 49  ? 5.247   7.672   -11.272 1.00 8.93  ? 50  ASP A C   1 
ATOM   371  O  O   . ASP A 1 49  ? 5.802   6.568   -11.441 1.00 9.89  ? 50  ASP A O   1 
ATOM   372  C  CB  . ASP A 1 49  ? 6.989   8.258   -9.500  1.00 9.65  ? 50  ASP A CB  1 
ATOM   373  C  CG  . ASP A 1 49  ? 7.986   8.607   -10.512 1.00 12.12 ? 50  ASP A CG  1 
ATOM   374  O  OD1 . ASP A 1 49  ? 7.736   9.227   -11.519 1.00 15.40 ? 50  ASP A OD1 1 
ATOM   375  O  OD2 . ASP A 1 49  ? 9.241   8.319   -10.261 1.00 15.92 ? 50  ASP A OD2 1 
ATOM   376  N  N   . ARG A 1 50  ? 4.296   8.130   -12.065 1.00 7.79  ? 51  ARG A N   1 
ATOM   377  C  CA  . ARG A 1 50  ? 3.586   7.211   -12.975 1.00 8.20  ? 51  ARG A CA  1 
ATOM   378  C  C   . ARG A 1 50  ? 2.863   7.982   -14.022 1.00 8.10  ? 51  ARG A C   1 
ATOM   379  O  O   . ARG A 1 50  ? 2.045   8.887   -13.718 1.00 8.99  ? 51  ARG A O   1 
ATOM   380  C  CB  . ARG A 1 50  ? 2.594   6.423   -12.140 1.00 9.02  ? 51  ARG A CB  1 
ATOM   381  C  CG  . ARG A 1 50  ? 1.818   5.354   -12.884 1.00 8.76  ? 51  ARG A CG  1 
ATOM   382  C  CD  . ARG A 1 50  ? 0.781   4.733   -11.973 1.00 9.12  ? 51  ARG A CD  1 
ATOM   383  N  NE  . ARG A 1 50  ? -0.054  3.709   -12.593 1.00 9.14  ? 51  ARG A NE  1 
ATOM   384  C  CZ  . ARG A 1 50  ? -1.169  3.911   -13.279 1.00 9.01  ? 51  ARG A CZ  1 
ATOM   385  N  NH1 . ARG A 1 50  ? -1.576  5.124   -13.617 1.00 9.85  ? 51  ARG A NH1 1 
ATOM   386  N  NH2 . ARG A 1 50  ? -1.865  2.852   -13.655 1.00 9.72  ? 51  ARG A NH2 1 
ATOM   387  N  N   . VAL A 1 51  ? 3.122   7.698   -15.289 1.00 9.51  ? 52  VAL A N   1 
ATOM   388  C  CA  . VAL A 1 51  ? 2.408   8.264   -16.375 1.00 9.24  ? 52  VAL A CA  1 
ATOM   389  C  C   . VAL A 1 51  ? 0.963   7.857   -16.324 1.00 9.07  ? 52  VAL A C   1 
ATOM   390  O  O   . VAL A 1 51  ? 0.652   6.673   -16.165 1.00 10.76 ? 52  VAL A O   1 
ATOM   391  C  CB  . VAL A 1 51  ? 3.054   7.911   -17.710 1.00 10.66 ? 52  VAL A CB  1 
ATOM   392  C  CG1 . VAL A 1 51  ? 2.231   8.341   -18.895 1.00 13.54 ? 52  VAL A CG1 1 
ATOM   393  C  CG2 . VAL A 1 51  ? 4.470   8.392   -17.799 1.00 13.19 ? 52  VAL A CG2 1 
ATOM   394  N  N   . SER A 1 52  ? 0.078   8.786   -16.436 1.00 9.80  ? 53  SER A N   1 
ATOM   395  C  CA  . SER A 1 52  ? -1.368  8.486   -16.491 1.00 9.65  ? 53  SER A CA  1 
ATOM   396  C  C   . SER A 1 52  ? -1.734  7.645   -17.696 1.00 10.01 ? 53  SER A C   1 
ATOM   397  O  O   . SER A 1 52  ? -1.286  7.961   -18.806 1.00 10.99 ? 53  SER A O   1 
ATOM   398  C  CB  . SER A 1 52  ? -2.151  9.781   -16.575 1.00 10.50 ? 53  SER A CB  1 
ATOM   399  O  OG  . SER A 1 52  ? -3.534  9.489   -16.738 1.00 10.38 ? 53  SER A OG  1 
ATOM   400  N  N   . SER A 1 53  ? -2.560  6.648   -17.492 1.00 9.28  ? 54  SER A N   1 
ATOM   401  C  CA  . SER A 1 53  ? -3.104  5.881   -18.634 1.00 10.05 ? 54  SER A CA  1 
ATOM   402  C  C   . SER A 1 53  ? -4.087  6.674   -19.405 1.00 10.70 ? 54  SER A C   1 
ATOM   403  O  O   . SER A 1 53  ? -4.363  6.257   -20.567 1.00 12.29 ? 54  SER A O   1 
ATOM   404  C  CB  . SER A 1 53  ? -3.756  4.628   -18.097 1.00 9.59  ? 54  SER A CB  1 
ATOM   405  O  OG  . SER A 1 53  ? -5.007  4.967   -17.426 1.00 10.13 ? 54  SER A OG  1 
ATOM   406  N  N   . GLU A 1 54  ? -4.659  7.676   -18.839 1.00 10.50 ? 55  GLU A N   1 
ATOM   407  C  CA  . GLU A 1 54  ? -5.762  8.408   -19.433 1.00 12.07 ? 55  GLU A CA  1 
ATOM   408  C  C   . GLU A 1 54  ? -7.006  7.530   -19.618 1.00 11.65 ? 55  GLU A C   1 
ATOM   409  O  O   . GLU A 1 54  ? -7.932  7.983   -20.343 1.00 14.89 ? 55  GLU A O   1 
ATOM   410  C  CB  . GLU A 1 54  ? -5.381  9.173   -20.701 1.00 13.71 ? 55  GLU A CB  1 
ATOM   411  C  CG  . GLU A 1 54  ? -4.177  10.130  -20.442 1.00 14.39 ? 55  GLU A CG  1 
ATOM   412  C  CD  . GLU A 1 54  ? -4.254  11.207  -19.312 1.00 22.37 ? 55  GLU A CD  1 
ATOM   413  O  OE1 . GLU A 1 54  ? -5.296  11.535  -18.644 1.00 26.83 ? 55  GLU A OE1 1 
ATOM   414  O  OE2 . GLU A 1 54  ? -3.131  11.781  -18.930 1.00 22.71 ? 55  GLU A OE2 1 
ATOM   415  N  N   . VAL A 1 55  ? -7.070  6.355   -19.067 1.00 10.20 ? 56  VAL A N   1 
ATOM   416  C  CA  . VAL A 1 55  ? -8.169  5.412   -19.226 1.00 10.52 ? 56  VAL A CA  1 
ATOM   417  C  C   . VAL A 1 55  ? -8.702  4.983   -17.890 1.00 9.91  ? 56  VAL A C   1 
ATOM   418  O  O   . VAL A 1 55  ? -9.192  3.857   -17.695 1.00 10.32 ? 56  VAL A O   1 
ATOM   419  C  CB  . VAL A 1 55  ? -7.887  4.295   -20.226 1.00 11.49 ? 56  VAL A CB  1 
ATOM   420  C  CG1 . VAL A 1 55  ? -7.718  4.859   -21.636 1.00 13.14 ? 56  VAL A CG1 1 
ATOM   421  C  CG2 . VAL A 1 55  ? -6.720  3.468   -19.844 1.00 12.17 ? 56  VAL A CG2 1 
ATOM   422  N  N   . LEU A 1 56  ? -8.686  5.930   -16.933 1.00 9.47  ? 57  LEU A N   1 
ATOM   423  C  CA  . LEU A 1 56  ? -9.524  5.837   -15.779 1.00 9.22  ? 57  LEU A CA  1 
ATOM   424  C  C   . LEU A 1 56  ? -9.280  4.588   -14.951 1.00 9.20  ? 57  LEU A C   1 
ATOM   425  O  O   . LEU A 1 56  ? -10.109 3.685   -14.793 1.00 10.37 ? 57  LEU A O   1 
ATOM   426  C  CB  . LEU A 1 56  ? -11.025 5.949   -16.059 1.00 10.69 ? 57  LEU A CB  1 
ATOM   427  C  CG  . LEU A 1 56  ? -11.495 7.299   -16.620 1.00 10.13 ? 57  LEU A CG  1 
ATOM   428  C  CD1 . LEU A 1 56  ? -11.173 7.527   -18.081 1.00 12.20 ? 57  LEU A CD1 1 
ATOM   429  C  CD2 . LEU A 1 56  ? -13.070 7.397   -16.433 1.00 10.86 ? 57  LEU A CD2 1 
ATOM   430  N  N   . GLN A 1 57  ? -8.057  4.406   -14.458 1.00 8.50  ? 58  GLN A N   1 
ATOM   431  C  CA  . GLN A 1 57  ? -7.622  3.230   -13.737 1.00 8.29  ? 58  GLN A CA  1 
ATOM   432  C  C   . GLN A 1 57  ? -7.808  3.477   -12.253 1.00 8.36  ? 58  GLN A C   1 
ATOM   433  O  O   . GLN A 1 57  ? -7.005  4.163   -11.583 1.00 9.80  ? 58  GLN A O   1 
ATOM   434  C  CB  . GLN A 1 57  ? -6.186  2.850   -14.175 1.00 9.15  ? 58  GLN A CB  1 
ATOM   435  C  CG  . GLN A 1 57  ? -6.156  2.473   -15.626 1.00 9.47  ? 58  GLN A CG  1 
ATOM   436  C  CD  . GLN A 1 57  ? -4.843  2.031   -16.187 1.00 10.44 ? 58  GLN A CD  1 
ATOM   437  O  OE1 . GLN A 1 57  ? -3.761  2.390   -15.638 1.00 10.22 ? 58  GLN A OE1 1 
ATOM   438  N  NE2 . GLN A 1 57  ? -4.876  1.302   -17.235 1.00 10.38 ? 58  GLN A NE2 1 
ATOM   439  N  N   . LYS A 1 58  ? -8.889  2.988   -11.673 1.00 8.41  ? 59  LYS A N   1 
ATOM   440  C  CA  . LYS A 1 58  ? -9.232  3.165   -10.281 1.00 8.41  ? 59  LYS A CA  1 
ATOM   441  C  C   . LYS A 1 58  ? -8.811  1.961   -9.452  1.00 8.88  ? 59  LYS A C   1 
ATOM   442  O  O   . LYS A 1 58  ? -9.090  0.801   -9.841  1.00 8.93  ? 59  LYS A O   1 
ATOM   443  C  CB  . LYS A 1 58  ? -10.762 3.293   -10.127 1.00 8.62  ? 59  LYS A CB  1 
ATOM   444  C  CG  . LYS A 1 58  ? -11.195 3.656   -8.703  1.00 10.61 ? 59  LYS A CG  1 
ATOM   445  C  CD  . LYS A 1 58  ? -12.748 3.713   -8.568  1.00 12.33 ? 59  LYS A CD  1 
ATOM   446  C  CE  . LYS A 1 58  ? -13.151 4.060   -7.198  1.00 15.49 ? 59  LYS A CE  1 
ATOM   447  N  NZ  . LYS A 1 58  ? -14.677 4.098   -7.247  1.00 24.10 ? 59  LYS A NZ  1 
ATOM   448  N  N   . CYS A 1 59  ? -8.144  2.212   -8.329  1.00 8.02  ? 60  CYS A N   1 
ATOM   449  C  CA  . CYS A 1 59  ? -7.794  1.125   -7.417  1.00 8.63  ? 60  CYS A CA  1 
ATOM   450  C  C   . CYS A 1 59  ? -8.045  1.567   -5.994  1.00 8.85  ? 60  CYS A C   1 
ATOM   451  O  O   . CYS A 1 59  ? -7.684  2.698   -5.642  1.00 9.95  ? 60  CYS A O   1 
ATOM   452  C  CB  . CYS A 1 59  ? -6.279  0.813   -7.624  1.00 8.43  ? 60  CYS A CB  1 
ATOM   453  S  SG  . CYS A 1 59  ? -5.661  -0.435  -6.440  1.00 10.53 ? 60  CYS A SG  1 
ATOM   454  N  N   . THR A 1 60  ? -8.659  0.707   -5.242  1.00 9.12  ? 61  THR A N   1 
ATOM   455  C  CA  . THR A 1 60  ? -8.934  0.937   -3.821  1.00 9.32  ? 61  THR A CA  1 
ATOM   456  C  C   . THR A 1 60  ? -8.382  -0.177  -3.003  1.00 9.90  ? 61  THR A C   1 
ATOM   457  O  O   . THR A 1 60  ? -8.588  -1.389  -3.396  1.00 11.14 ? 61  THR A O   1 
ATOM   458  C  CB  . THR A 1 60  ? -10.446 1.072   -3.563  1.00 11.09 ? 61  THR A CB  1 
ATOM   459  O  OG1 . THR A 1 60  ? -11.020 1.990   -4.483  1.00 11.98 ? 61  THR A OG1 1 
ATOM   460  C  CG2 . THR A 1 60  ? -10.734 1.535   -2.203  1.00 12.80 ? 61  THR A CG2 1 
ATOM   461  N  N   . ILE A 1 61  ? -7.706  0.092   -1.924  1.00 9.44  ? 62  ILE A N   1 
ATOM   462  C  CA  . ILE A 1 61  ? -6.991  -0.922  -1.133  1.00 9.55  ? 62  ILE A CA  1 
ATOM   463  C  C   . ILE A 1 61  ? -7.366  -0.821  0.291   1.00 9.61  ? 62  ILE A C   1 
ATOM   464  O  O   . ILE A 1 61  ? -7.411  0.268   0.867   1.00 9.36  ? 62  ILE A O   1 
ATOM   465  C  CB  . ILE A 1 61  ? -5.473  -0.782  -1.294  1.00 11.20 ? 62  ILE A CB  1 
ATOM   466  C  CG1 . ILE A 1 61  ? -5.236  -0.755  -2.840  1.00 12.40 ? 62  ILE A CG1 1 
ATOM   467  C  CG2 . ILE A 1 61  ? -4.743  -1.870  -0.503  1.00 11.70 ? 62  ILE A CG2 1 
ATOM   468  C  CD1 . ILE A 1 61  ? -3.839  -0.851  -3.160  1.00 13.47 ? 62  ILE A CD1 1 
ATOM   469  N  N   . THR A 1 62  ? -7.604  -1.992  0.918   1.00 9.60  ? 63  THR A N   1 
ATOM   470  C  CA  . THR A 1 62  ? -7.762  -2.103  2.346   1.00 9.78  ? 63  THR A CA  1 
ATOM   471  C  C   . THR A 1 62  ? -6.858  -3.236  2.848   1.00 9.83  ? 63  THR A C   1 
ATOM   472  O  O   . THR A 1 62  ? -6.375  -4.049  2.023   1.00 10.47 ? 63  THR A O   1 
ATOM   473  C  CB  . THR A 1 62  ? -9.243  -2.354  2.713   1.00 10.73 ? 63  THR A CB  1 
ATOM   474  O  OG1 . THR A 1 62  ? -9.670  -3.573  2.077   1.00 13.89 ? 63  THR A OG1 1 
ATOM   475  C  CG2 . THR A 1 62  ? -10.119 -1.222  2.370   1.00 11.39 ? 63  THR A CG2 1 
ATOM   476  N  N   . CYS A 1 63  ? -6.658  -3.326  4.144   1.00 9.47  ? 64  CYS A N   1 
ATOM   477  C  CA  . CYS A 1 63  ? -5.799  -4.373  4.739   1.00 9.28  ? 64  CYS A CA  1 
ATOM   478  C  C   . CYS A 1 63  ? -6.620  -5.378  5.525   1.00 10.54 ? 64  CYS A C   1 
ATOM   479  O  O   . CYS A 1 63  ? -7.555  -4.973  6.238   1.00 11.14 ? 64  CYS A O   1 
ATOM   480  C  CB  . CYS A 1 63  ? -4.795  -3.706  5.653   1.00 10.30 ? 64  CYS A CB  1 
ATOM   481  S  SG  . CYS A 1 63  ? -3.612  -4.808  6.424   1.00 10.28 ? 64  CYS A SG  1 
ATOM   482  N  N   . ASN A 1 64  ? -6.309  -6.634  5.340   1.00 10.46 ? 65  ASN A N   1 
ATOM   483  C  CA  . ASN A 1 64  ? -7.071  -7.738  5.967   1.00 10.24 ? 65  ASN A CA  1 
ATOM   484  C  C   . ASN A 1 64  ? -6.554  -8.057  7.317   1.00 11.51 ? 65  ASN A C   1 
ATOM   485  O  O   . ASN A 1 64  ? -7.211  -8.850  7.993   1.00 13.38 ? 65  ASN A O   1 
ATOM   486  C  CB  . ASN A 1 64  ? -6.909  -8.996  5.104   1.00 12.06 ? 65  ASN A CB  1 
ATOM   487  C  CG  . ASN A 1 64  ? -7.498  -8.930  3.762   1.00 14.59 ? 65  ASN A CG  1 
ATOM   488  O  OD1 . ASN A 1 64  ? -7.868  -7.969  3.231   1.00 15.93 ? 65  ASN A OD1 1 
ATOM   489  N  ND2 . ASN A 1 64  ? -7.512  -10.100 3.151   1.00 18.32 ? 65  ASN A ND2 1 
ATOM   490  N  N   . GLU A 1 65  ? -5.467  -7.525  7.788   1.00 10.32 ? 66  GLU A N   1 
ATOM   491  C  CA  . GLU A 1 65  ? -4.893  -7.845  9.105   1.00 11.30 ? 66  GLU A CA  1 
ATOM   492  C  C   . GLU A 1 65  ? -5.859  -7.448  10.240  1.00 10.41 ? 66  GLU A C   1 
ATOM   493  O  O   . GLU A 1 65  ? -6.487  -6.398  10.152  1.00 11.20 ? 66  GLU A O   1 
ATOM   494  C  CB  . GLU A 1 65  ? -3.503  -7.261  9.351   1.00 10.34 ? 66  GLU A CB  1 
ATOM   495  C  CG  . GLU A 1 65  ? -2.481  -7.765  8.410   1.00 11.73 ? 66  GLU A CG  1 
ATOM   496  C  CD  . GLU A 1 65  ? -2.414  -9.293  8.267   1.00 12.71 ? 66  GLU A CD  1 
ATOM   497  O  OE1 . GLU A 1 65  ? -2.294  -9.926  9.351   1.00 13.95 ? 66  GLU A OE1 1 
ATOM   498  O  OE2 . GLU A 1 65  ? -2.421  -9.834  7.106   1.00 12.69 ? 66  GLU A OE2 1 
ATOM   499  N  N   . VAL A 1 66  ? -5.943  -8.224  11.291  1.00 12.36 ? 67  VAL A N   1 
ATOM   500  C  CA  . VAL A 1 66  ? -6.707  -7.838  12.418  1.00 12.65 ? 67  VAL A CA  1 
ATOM   501  C  C   . VAL A 1 66  ? -6.283  -6.446  12.898  1.00 11.57 ? 67  VAL A C   1 
ATOM   502  O  O   . VAL A 1 66  ? -5.116  -6.166  12.984  1.00 10.88 ? 67  VAL A O   1 
ATOM   503  C  CB  . VAL A 1 66  ? -6.584  -8.903  13.511  1.00 13.15 ? 67  VAL A CB  1 
ATOM   504  C  CG1 . VAL A 1 66  ? -7.195  -8.462  14.795  1.00 14.68 ? 67  VAL A CG1 1 
ATOM   505  C  CG2 . VAL A 1 66  ? -7.269  -10.213 13.070  1.00 15.72 ? 67  VAL A CG2 1 
ATOM   506  N  N   . ASP A 1 67  ? -7.255  -5.599  13.139  1.00 10.64 ? 68  ASP A N   1 
ATOM   507  C  CA  . ASP A 1 67  ? -7.070  -4.301  13.677  1.00 10.21 ? 68  ASP A CA  1 
ATOM   508  C  C   . ASP A 1 67  ? -6.477  -3.279  12.715  1.00 10.24 ? 68  ASP A C   1 
ATOM   509  O  O   . ASP A 1 67  ? -6.398  -2.149  13.087  1.00 11.97 ? 68  ASP A O   1 
ATOM   510  C  CB  . ASP A 1 67  ? -6.294  -4.279  15.019  1.00 11.17 ? 68  ASP A CB  1 
ATOM   511  C  CG  . ASP A 1 67  ? -7.195  -4.737  16.245  1.00 10.20 ? 68  ASP A CG  1 
ATOM   512  O  OD1 . ASP A 1 67  ? -8.355  -5.090  15.975  1.00 12.69 ? 68  ASP A OD1 1 
ATOM   513  O  OD2 . ASP A 1 67  ? -6.586  -4.722  17.278  1.00 10.90 ? 68  ASP A OD2 1 
ATOM   514  N  N   . ALA A 1 68  ? -6.305  -3.627  11.461  1.00 9.35  ? 69  ALA A N   1 
ATOM   515  C  CA  . ALA A 1 68  ? -5.821  -2.622  10.487  1.00 9.30  ? 69  ALA A CA  1 
ATOM   516  C  C   . ALA A 1 68  ? -6.955  -1.716  10.185  1.00 10.50 ? 69  ALA A C   1 
ATOM   517  O  O   . ALA A 1 68  ? -8.137  -2.135  10.098  1.00 12.24 ? 69  ALA A O   1 
ATOM   518  C  CB  . ALA A 1 68  ? -5.358  -3.309  9.202   1.00 9.76  ? 69  ALA A CB  1 
ATOM   519  N  N   . VAL A 1 69  ? -6.665  -0.464  9.974   1.00 10.27 ? 70  VAL A N   1 
ATOM   520  C  CA  . VAL A 1 69  ? -7.693  0.570   9.660   1.00 10.65 ? 70  VAL A CA  1 
ATOM   521  C  C   . VAL A 1 69  ? -7.213  1.477   8.558   1.00 9.91  ? 70  VAL A C   1 
ATOM   522  O  O   . VAL A 1 69  ? -6.045  1.883   8.518   1.00 11.26 ? 70  VAL A O   1 
ATOM   523  C  CB  . VAL A 1 69  ? -7.967  1.433   10.860  1.00 12.17 ? 70  VAL A CB  1 
ATOM   524  C  CG1 . VAL A 1 69  ? -9.011  2.551   10.586  1.00 14.00 ? 70  VAL A CG1 1 
ATOM   525  C  CG2 . VAL A 1 69  ? -8.527  0.567   12.056  1.00 14.32 ? 70  VAL A CG2 1 
ATOM   526  N  N   . GLY A 1 70  ? -8.094  1.747   7.640   1.00 9.18  ? 71  GLY A N   1 
ATOM   527  C  CA  . GLY A 1 70  ? -7.902  2.719   6.612   1.00 8.58  ? 71  GLY A CA  1 
ATOM   528  C  C   . GLY A 1 70  ? -8.163  2.190   5.252   1.00 9.44  ? 71  GLY A C   1 
ATOM   529  O  O   . GLY A 1 70  ? -8.458  1.018   5.010   1.00 10.20 ? 71  GLY A O   1 
ATOM   530  N  N   . SER A 1 71  ? -8.043  3.066   4.259   1.00 9.52  ? 72  SER A N   1 
ATOM   531  C  CA  . SER A 1 71  ? -8.176  2.750   2.862   1.00 10.22 ? 72  SER A CA  1 
ATOM   532  C  C   . SER A 1 71  ? -7.302  3.635   2.060   1.00 9.88  ? 72  SER A C   1 
ATOM   533  O  O   . SER A 1 71  ? -7.033  4.763   2.483   1.00 10.76 ? 72  SER A O   1 
ATOM   534  C  CB  . SER A 1 71  ? -9.649  2.904   2.459   1.00 12.45 ? 72  SER A CB  1 
ATOM   535  O  OG  . SER A 1 71  ? -10.027 2.621   1.145   1.00 19.46 ? 72  SER A OG  1 
ATOM   536  N  N   . ILE A 1 72  ? -6.815  3.116   0.965   1.00 9.14  ? 73  ILE A N   1 
ATOM   537  C  CA  . ILE A 1 72  ? -5.994  3.835   0.006   1.00 8.92  ? 73  ILE A CA  1 
ATOM   538  C  C   . ILE A 1 72  ? -6.695  3.901   -1.361  1.00 8.56  ? 73  ILE A C   1 
ATOM   539  O  O   . ILE A 1 72  ? -7.257  2.898   -1.810  1.00 9.36  ? 73  ILE A O   1 
ATOM   540  C  CB  . ILE A 1 72  ? -4.588  3.242   -0.137  1.00 8.99  ? 73  ILE A CB  1 
ATOM   541  C  CG1 . ILE A 1 72  ? -3.819  3.426   1.128   1.00 9.73  ? 73  ILE A CG1 1 
ATOM   542  C  CG2 . ILE A 1 72  ? -3.839  3.831   -1.313  1.00 9.07  ? 73  ILE A CG2 1 
ATOM   543  C  CD1 . ILE A 1 72  ? -2.485  2.758   1.235   1.00 10.84 ? 73  ILE A CD1 1 
ATOM   544  N  N   . SER A 1 73  ? -6.668  5.089   -1.982  1.00 8.04  ? 74  SER A N   1 
ATOM   545  C  CA  . SER A 1 73  ? -7.300  5.297   -3.255  1.00 8.41  ? 74  SER A CA  1 
ATOM   546  C  C   . SER A 1 73  ? -6.338  5.771   -4.275  1.00 7.99  ? 74  SER A C   1 
ATOM   547  O  O   . SER A 1 73  ? -5.600  6.781   -4.047  1.00 8.69  ? 74  SER A O   1 
ATOM   548  C  CB  . SER A 1 73  ? -8.400  6.315   -3.157  1.00 10.05 ? 74  SER A CB  1 
ATOM   549  O  OG  . SER A 1 73  ? -9.524  5.820   -2.450  1.00 12.18 ? 74  SER A OG  1 
ATOM   550  N  N   . TYR A 1 74  ? -6.336  5.189   -5.494  1.00 7.78  ? 75  TYR A N   1 
ATOM   551  C  CA  . TYR A 1 74  ? -5.616  5.648   -6.656  1.00 8.58  ? 75  TYR A CA  1 
ATOM   552  C  C   . TYR A 1 74  ? -6.571  5.940   -7.777  1.00 8.58  ? 75  TYR A C   1 
ATOM   553  O  O   . TYR A 1 74  ? -7.489  5.153   -8.044  1.00 8.74  ? 75  TYR A O   1 
ATOM   554  C  CB  . TYR A 1 74  ? -4.631  4.627   -7.148  1.00 8.66  ? 75  TYR A CB  1 
ATOM   555  C  CG  . TYR A 1 74  ? -3.577  4.208   -6.143  1.00 7.67  ? 75  TYR A CG  1 
ATOM   556  C  CD1 . TYR A 1 74  ? -2.347  4.879   -6.045  1.00 7.67  ? 75  TYR A CD1 1 
ATOM   557  C  CD2 . TYR A 1 74  ? -3.793  3.109   -5.356  1.00 8.58  ? 75  TYR A CD2 1 
ATOM   558  C  CE1 . TYR A 1 74  ? -1.395  4.475   -5.130  1.00 7.53  ? 75  TYR A CE1 1 
ATOM   559  C  CE2 . TYR A 1 74  ? -2.820  2.676   -4.459  1.00 7.81  ? 75  TYR A CE2 1 
ATOM   560  C  CZ  . TYR A 1 74  ? -1.631  3.352   -4.354  1.00 7.90  ? 75  TYR A CZ  1 
ATOM   561  O  OH  . TYR A 1 74  ? -0.674  2.944   -3.439  1.00 7.94  ? 75  TYR A OH  1 
ATOM   562  N  N   . PHE A 1 75  ? -6.316  6.991   -8.537  1.00 7.94  ? 76  PHE A N   1 
ATOM   563  C  CA  . PHE A 1 75  ? -7.028  7.269   -9.816  1.00 7.97  ? 76  PHE A CA  1 
ATOM   564  C  C   . PHE A 1 75  ? -6.170  8.143   -10.609 1.00 7.83  ? 76  PHE A C   1 
ATOM   565  O  O   . PHE A 1 75  ? -5.616  9.120   -10.085 1.00 9.45  ? 76  PHE A O   1 
ATOM   566  C  CB  . PHE A 1 75  ? -8.389  7.921   -9.566  1.00 9.20  ? 76  PHE A CB  1 
ATOM   567  C  CG  . PHE A 1 75  ? -9.295  7.879   -10.758 1.00 9.42  ? 76  PHE A CG  1 
ATOM   568  C  CD1 . PHE A 1 75  ? -9.764  6.654   -11.196 1.00 11.44 ? 76  PHE A CD1 1 
ATOM   569  C  CD2 . PHE A 1 75  ? -9.642  8.952   -11.462 1.00 10.18 ? 76  PHE A CD2 1 
ATOM   570  C  CE1 . PHE A 1 75  ? -10.677 6.542   -12.236 1.00 11.83 ? 76  PHE A CE1 1 
ATOM   571  C  CE2 . PHE A 1 75  ? -10.518 8.854   -12.573 1.00 10.36 ? 76  PHE A CE2 1 
ATOM   572  C  CZ  . PHE A 1 75  ? -11.081 7.679   -12.908 1.00 11.89 ? 76  PHE A CZ  1 
ATOM   573  N  N   . ASP A 1 76  ? -6.003  7.884   -11.907 1.00 8.77  ? 77  ASP A N   1 
ATOM   574  C  CA  . ASP A 1 76  ? -5.003  8.574   -12.721 1.00 8.74  ? 77  ASP A CA  1 
ATOM   575  C  C   . ASP A 1 76  ? -5.519  9.546   -13.718 1.00 9.41  ? 77  ASP A C   1 
ATOM   576  O  O   . ASP A 1 76  ? -4.700  10.105  -14.422 1.00 10.55 ? 77  ASP A O   1 
ATOM   577  C  CB  . ASP A 1 76  ? -4.096  7.516   -13.350 1.00 8.72  ? 77  ASP A CB  1 
ATOM   578  C  CG  . ASP A 1 76  ? -4.778  6.622   -14.371 1.00 8.99  ? 77  ASP A CG  1 
ATOM   579  O  OD1 . ASP A 1 76  ? -6.037  6.694   -14.492 1.00 9.04  ? 77  ASP A OD1 1 
ATOM   580  O  OD2 . ASP A 1 76  ? -3.996  5.883   -15.086 1.00 9.73  ? 77  ASP A OD2 1 
ATOM   581  N  N   . THR A 1 77  ? -6.803  9.748   -13.857 1.00 10.07 ? 78  THR A N   1 
ATOM   582  C  CA  . THR A 1 77  ? -7.333  10.488  -15.015 1.00 10.47 ? 78  THR A CA  1 
ATOM   583  C  C   . THR A 1 77  ? -8.195  11.611  -14.570 1.00 11.49 ? 78  THR A C   1 
ATOM   584  O  O   . THR A 1 77  ? -9.285  11.413  -13.984 1.00 13.57 ? 78  THR A O   1 
ATOM   585  C  CB  . THR A 1 77  ? -8.130  9.552   -15.949 1.00 10.24 ? 78  THR A CB  1 
ATOM   586  O  OG1 . THR A 1 77  ? -7.295  8.437   -16.346 1.00 10.69 ? 78  THR A OG1 1 
ATOM   587  C  CG2 . THR A 1 77  ? -8.613  10.268  -17.148 1.00 11.89 ? 78  THR A CG2 1 
ATOM   588  N  N   . SER A 1 78  ? -7.785  12.837  -14.805 1.00 11.02 ? 79  SER A N   1 
ATOM   589  C  CA  . SER A 1 78  ? -8.489  14.082  -14.466 1.00 12.39 ? 79  SER A CA  1 
ATOM   590  C  C   . SER A 1 78  ? -8.603  14.323  -12.976 1.00 11.44 ? 79  SER A C   1 
ATOM   591  O  O   . SER A 1 78  ? -7.851  15.113  -12.428 1.00 11.00 ? 79  SER A O   1 
ATOM   592  C  CB  . SER A 1 78  ? -9.829  14.201  -15.143 1.00 16.67 ? 79  SER A CB  1 
ATOM   593  O  OG  . SER A 1 78  ? -10.166 15.585  -14.842 1.00 20.22 ? 79  SER A OG  1 
ATOM   594  N  N   . ALA A 1 79  ? -9.491  13.636  -12.315 1.00 9.98  ? 80  ALA A N   1 
ATOM   595  C  CA  . ALA A 1 79  ? -9.654  13.726  -10.869 1.00 10.81 ? 80  ALA A CA  1 
ATOM   596  C  C   . ALA A 1 79  ? -8.673  12.812  -10.156 1.00 9.76  ? 80  ALA A C   1 
ATOM   597  O  O   . ALA A 1 79  ? -8.962  11.684  -9.759  1.00 10.09 ? 80  ALA A O   1 
ATOM   598  C  CB  . ALA A 1 79  ? -11.119 13.396  -10.493 1.00 13.70 ? 80  ALA A CB  1 
ATOM   599  N  N   . ILE A 1 80  ? -7.457  13.282  -10.043 1.00 9.36  ? 81  ILE A N   1 
ATOM   600  C  CA  . ILE A 1 80  ? -6.343  12.432  -9.596  1.00 10.51 ? 81  ILE A CA  1 
ATOM   601  C  C   . ILE A 1 80  ? -6.546  12.092  -8.133  1.00 10.11 ? 81  ILE A C   1 
ATOM   602  O  O   . ILE A 1 80  ? -6.774  12.998  -7.298  1.00 10.75 ? 81  ILE A O   1 
ATOM   603  C  CB  . ILE A 1 80  ? -4.975  13.028  -9.894  1.00 10.42 ? 81  ILE A CB  1 
ATOM   604  C  CG1 . ILE A 1 80  ? -4.864  13.338  -11.392 1.00 14.15 ? 81  ILE A CG1 1 
ATOM   605  C  CG2 . ILE A 1 80  ? -3.828  12.088  -9.391  1.00 10.39 ? 81  ILE A CG2 1 
ATOM   606  C  CD1 . ILE A 1 80  ? -3.607  14.030  -11.734 1.00 16.73 ? 81  ILE A CD1 1 
ATOM   607  N  N   . LYS A 1 81  ? -6.331  10.869  -7.829  1.00 8.57  ? 82  LYS A N   1 
ATOM   608  C  CA  . LYS A 1 81  ? -6.267  10.371  -6.420  1.00 9.25  ? 82  LYS A CA  1 
ATOM   609  C  C   . LYS A 1 81  ? -5.036  9.624   -6.155  1.00 8.53  ? 82  LYS A C   1 
ATOM   610  O  O   . LYS A 1 81  ? -4.636  8.731   -6.877  1.00 9.03  ? 82  LYS A O   1 
ATOM   611  C  CB  . LYS A 1 81  ? -7.435  9.496   -6.044  1.00 10.58 ? 82  LYS A CB  1 
ATOM   612  C  CG  . LYS A 1 81  ? -8.762  10.190  -6.072  1.00 17.01 ? 82  LYS A CG  1 
ATOM   613  C  CD  . LYS A 1 81  ? -9.270  10.764  -4.822  1.00 25.94 ? 82  LYS A CD  1 
ATOM   614  C  CE  . LYS A 1 81  ? -10.813 11.065  -4.941  1.00 27.44 ? 82  LYS A CE  1 
ATOM   615  N  NZ  . LYS A 1 81  ? -11.259 11.910  -6.192  1.00 31.99 ? 82  LYS A NZ  1 
ATOM   616  N  N   . CYS A 1 82  ? -4.358  10.020  -5.071  1.00 8.66  ? 83  CYS A N   1 
ATOM   617  C  CA  . CYS A 1 82  ? -3.242  9.295   -4.467  1.00 8.44  ? 83  CYS A CA  1 
ATOM   618  C  C   . CYS A 1 82  ? -3.388  9.554   -3.003  1.00 7.78  ? 83  CYS A C   1 
ATOM   619  O  O   . CYS A 1 82  ? -2.761  10.494  -2.483  1.00 8.79  ? 83  CYS A O   1 
ATOM   620  C  CB  . CYS A 1 82  ? -1.937  9.861   -5.033  1.00 9.37  ? 83  CYS A CB  1 
ATOM   621  S  SG  . CYS A 1 82  ? -0.458  8.974   -4.444  1.00 11.46 ? 83  CYS A SG  1 
ATOM   622  N  N   . ASP A 1 83  ? -4.346  8.902   -2.385  1.00 8.26  ? 84  ASP A N   1 
ATOM   623  C  CA  . ASP A 1 83  ? -4.938  9.378   -1.110  1.00 8.85  ? 84  ASP A CA  1 
ATOM   624  C  C   . ASP A 1 83  ? -5.175  8.214   -0.176  1.00 8.80  ? 84  ASP A C   1 
ATOM   625  O  O   . ASP A 1 83  ? -5.178  7.053   -0.520  1.00 9.30  ? 84  ASP A O   1 
ATOM   626  C  CB  . ASP A 1 83  ? -6.235  10.181  -1.411  1.00 10.42 ? 84  ASP A CB  1 
ATOM   627  C  CG  . ASP A 1 83  ? -6.745  11.113  -0.233  1.00 11.21 ? 84  ASP A CG  1 
ATOM   628  O  OD1 . ASP A 1 83  ? -6.078  11.262  0.738   1.00 12.36 ? 84  ASP A OD1 1 
ATOM   629  O  OD2 . ASP A 1 83  ? -7.865  11.649  -0.558  1.00 17.16 ? 84  ASP A OD2 1 
ATOM   630  N  N   . GLY A 1 84  ? -5.390  8.607   1.059   1.00 8.77  ? 85  GLY A N   1 
ATOM   631  C  CA  . GLY A 1 84  ? -5.657  7.680   2.146   1.00 8.25  ? 85  GLY A CA  1 
ATOM   632  C  C   . GLY A 1 84  ? -4.380  7.124   2.751   1.00 8.40  ? 85  GLY A C   1 
ATOM   633  O  O   . GLY A 1 84  ? -3.216  7.496   2.395   1.00 8.54  ? 85  GLY A O   1 
ATOM   634  N  N   . TYR A 1 85  ? -4.548  6.203   3.718   1.00 8.58  ? 86  TYR A N   1 
ATOM   635  C  CA  . TYR A 1 85  ? -3.417  5.505   4.303   1.00 9.19  ? 86  TYR A CA  1 
ATOM   636  C  C   . TYR A 1 85  ? -4.034  4.354   5.072   1.00 9.24  ? 86  TYR A C   1 
ATOM   637  O  O   . TYR A 1 85  ? -5.225  4.324   5.343   1.00 8.71  ? 86  TYR A O   1 
ATOM   638  C  CB  . TYR A 1 85  ? -2.596  6.375   5.244   1.00 9.07  ? 86  TYR A CB  1 
ATOM   639  C  CG  . TYR A 1 85  ? -3.349  6.795   6.484   1.00 9.45  ? 86  TYR A CG  1 
ATOM   640  C  CD1 . TYR A 1 85  ? -4.072  8.003   6.514   1.00 10.12 ? 86  TYR A CD1 1 
ATOM   641  C  CD2 . TYR A 1 85  ? -3.318  6.085   7.613   1.00 10.15 ? 86  TYR A CD2 1 
ATOM   642  C  CE1 . TYR A 1 85  ? -4.773  8.408   7.613   1.00 10.08 ? 86  TYR A CE1 1 
ATOM   643  C  CE2 . TYR A 1 85  ? -4.046  6.467   8.760   1.00 10.57 ? 86  TYR A CE2 1 
ATOM   644  C  CZ  . TYR A 1 85  ? -4.779  7.599   8.707   1.00 10.45 ? 86  TYR A CZ  1 
ATOM   645  O  OH  . TYR A 1 85  ? -5.441  7.972   9.861   1.00 13.54 ? 86  TYR A OH  1 
ATOM   646  N  N   . ILE A 1 86  ? -3.180  3.371   5.387   1.00 8.68  ? 87  ILE A N   1 
ATOM   647  C  CA  . ILE A 1 86  ? -3.627  2.254   6.287   1.00 8.28  ? 87  ILE A CA  1 
ATOM   648  C  C   . ILE A 1 86  ? -2.660  2.158   7.447   1.00 9.29  ? 87  ILE A C   1 
ATOM   649  O  O   . ILE A 1 86  ? -1.426  2.157   7.216   1.00 8.99  ? 87  ILE A O   1 
ATOM   650  C  CB  . ILE A 1 86  ? -3.708  0.957   5.509   1.00 8.60  ? 87  ILE A CB  1 
ATOM   651  C  CG1 . ILE A 1 86  ? -4.771  1.062   4.379   1.00 10.08 ? 87  ILE A CG1 1 
ATOM   652  C  CG2 . ILE A 1 86  ? -4.008  -0.211  6.412   1.00 11.18 ? 87  ILE A CG2 1 
ATOM   653  C  CD1 . ILE A 1 86  ? -4.688  0.008   3.322   1.00 10.19 ? 87  ILE A CD1 1 
ATOM   654  N  N   . SER A 1 87  ? -3.137  2.016   8.664   1.00 8.81  ? 88  SER A N   1 
ATOM   655  C  CA  . SER A 1 87  ? -2.377  1.620   9.806   1.00 9.29  ? 88  SER A CA  1 
ATOM   656  C  C   . SER A 1 87  ? -2.546  0.168   10.007  1.00 9.74  ? 88  SER A C   1 
ATOM   657  O  O   . SER A 1 87  ? -3.665  -0.329  9.986   1.00 10.46 ? 88  SER A O   1 
ATOM   658  C  CB  . SER A 1 87  ? -2.868  2.381   10.995  1.00 12.47 ? 88  SER A CB  1 
ATOM   659  O  OG  . SER A 1 87  ? -4.170  2.030   11.278  1.00 18.48 ? 88  SER A OG  1 
ATOM   660  N  N   . PHE A 1 88  ? -1.441  -0.543  10.168  1.00 9.28  ? 89  PHE A N   1 
ATOM   661  C  CA  . PHE A 1 88  ? -1.492  -1.979  10.328  1.00 9.06  ? 89  PHE A CA  1 
ATOM   662  C  C   . PHE A 1 88  ? -0.291  -2.478  11.087  1.00 8.52  ? 89  PHE A C   1 
ATOM   663  O  O   . PHE A 1 88  ? 0.753   -1.841  11.152  1.00 10.26 ? 89  PHE A O   1 
ATOM   664  C  CB  . PHE A 1 88  ? -1.605  -2.702  8.972   1.00 10.20 ? 89  PHE A CB  1 
ATOM   665  C  CG  . PHE A 1 88  ? -0.350  -2.663  8.167   1.00 9.93  ? 89  PHE A CG  1 
ATOM   666  C  CD1 . PHE A 1 88  ? -0.019  -1.566  7.409   1.00 10.84 ? 89  PHE A CD1 1 
ATOM   667  C  CD2 . PHE A 1 88  ? 0.503   -3.723  8.196   1.00 9.68  ? 89  PHE A CD2 1 
ATOM   668  C  CE1 . PHE A 1 88  ? 1.209   -1.537  6.689   1.00 10.19 ? 89  PHE A CE1 1 
ATOM   669  C  CE2 . PHE A 1 88  ? 1.721   -3.672  7.491   1.00 9.53  ? 89  PHE A CE2 1 
ATOM   670  C  CZ  . PHE A 1 88  ? 2.065   -2.575  6.752   1.00 10.52 ? 89  PHE A CZ  1 
ATOM   671  N  N   . GLN A 1 89  ? -0.402  -3.698  11.581  1.00 9.41  ? 90  GLN A N   1 
ATOM   672  C  CA  . GLN A 1 89  ? 0.662   -4.402  12.251  1.00 10.25 ? 90  GLN A CA  1 
ATOM   673  C  C   . GLN A 1 89  ? 0.994   -5.611  11.393  1.00 10.17 ? 90  GLN A C   1 
ATOM   674  O  O   . GLN A 1 89  ? 0.094   -6.329  10.944  1.00 12.25 ? 90  GLN A O   1 
ATOM   675  C  CB  . GLN A 1 89  ? 0.219   -4.846  13.638  1.00 12.35 ? 90  GLN A CB  1 
ATOM   676  C  CG  . GLN A 1 89  ? 1.265   -5.532  14.499  1.00 15.34 ? 90  GLN A CG  1 
ATOM   677  C  CD  . GLN A 1 89  ? 0.691   -5.708  15.892  1.00 21.60 ? 90  GLN A CD  1 
ATOM   678  O  OE1 . GLN A 1 89  ? -0.080  -4.892  16.366  1.00 25.53 ? 90  GLN A OE1 1 
ATOM   679  N  NE2 . GLN A 1 89  ? 0.846   -6.869  16.365  1.00 24.51 ? 90  GLN A NE2 1 
ATOM   680  N  N   . ALA A 1 90  ? 2.285   -5.802  11.089  1.00 9.32  ? 91  ALA A N   1 
ATOM   681  C  CA  . ALA A 1 90  ? 2.714   -7.039  10.399  1.00 10.49 ? 91  ALA A CA  1 
ATOM   682  C  C   . ALA A 1 90  ? 2.370   -8.228  11.319  1.00 11.10 ? 91  ALA A C   1 
ATOM   683  O  O   . ALA A 1 90  ? 2.446   -8.151  12.539  1.00 10.82 ? 91  ALA A O   1 
ATOM   684  C  CB  . ALA A 1 90  ? 4.187   -7.040  10.059  1.00 11.00 ? 91  ALA A CB  1 
ATOM   685  N  N   . ASN A 1 91  ? 2.083   -9.358  10.658  1.00 10.58 ? 92  ASN A N   1 
ATOM   686  C  CA  . ASN A 1 91  ? 1.792   -10.606 11.404  1.00 10.02 ? 92  ASN A CA  1 
ATOM   687  C  C   . ASN A 1 91  ? 3.092   -11.195 11.920  1.00 11.16 ? 92  ASN A C   1 
ATOM   688  O  O   . ASN A 1 91  ? 4.180   -10.645 11.791  1.00 10.78 ? 92  ASN A O   1 
ATOM   689  C  CB  . ASN A 1 91  ? 0.918   -11.497 10.545  1.00 10.02 ? 92  ASN A CB  1 
ATOM   690  C  CG  . ASN A 1 91  ? 1.663   -12.129 9.422   1.00 10.02 ? 92  ASN A CG  1 
ATOM   691  O  OD1 . ASN A 1 91  ? 2.893   -12.064 9.318   1.00 10.90 ? 92  ASN A OD1 1 
ATOM   692  N  ND2 . ASN A 1 91  ? 0.880   -12.750 8.535   1.00 12.16 ? 92  ASN A ND2 1 
ATOM   693  N  N   . SER A 1 92  ? 2.892   -12.414 12.525  1.00 12.47 ? 93  SER A N   1 
ATOM   694  C  CA  . SER A 1 92  ? 4.001   -13.063 13.204  1.00 12.91 ? 93  SER A CA  1 
ATOM   695  C  C   . SER A 1 92  ? 5.109   -13.580 12.258  1.00 11.98 ? 93  SER A C   1 
ATOM   696  O  O   . SER A 1 92  ? 6.175   -13.914 12.709  1.00 13.93 ? 93  SER A O   1 
ATOM   697  C  CB  . SER A 1 92  ? 3.512   -14.298 13.977  1.00 15.16 ? 93  SER A CB  1 
ATOM   698  O  OG  . SER A 1 92  ? 2.939   -15.245 13.130  1.00 19.39 ? 93  SER A OG  1 
ATOM   699  N  N   . ILE A 1 93  ? 4.834   -13.582 10.948  1.00 11.55 ? 94  ILE A N   1 
ATOM   700  C  CA  . ILE A 1 93  ? 5.758   -14.029 9.919   1.00 13.04 ? 94  ILE A CA  1 
ATOM   701  C  C   . ILE A 1 93  ? 6.203   -12.825 9.060   1.00 11.83 ? 94  ILE A C   1 
ATOM   702  O  O   . ILE A 1 93  ? 6.818   -12.990 8.020   1.00 13.18 ? 94  ILE A O   1 
ATOM   703  C  CB  . ILE A 1 93  ? 5.243   -15.190 9.085   1.00 12.86 ? 94  ILE A CB  1 
ATOM   704  C  CG1 . ILE A 1 93  ? 3.980   -14.912 8.319   1.00 14.65 ? 94  ILE A CG1 1 
ATOM   705  C  CG2 . ILE A 1 93  ? 5.081   -16.403 10.007  1.00 13.99 ? 94  ILE A CG2 1 
ATOM   706  C  CD1 . ILE A 1 93  ? 3.776   -15.911 7.163   1.00 18.01 ? 94  ILE A CD1 1 
ATOM   707  N  N   . GLY A 1 94  ? 5.956   -11.585 9.489   1.00 11.70 ? 95  GLY A N   1 
ATOM   708  C  CA  . GLY A 1 94  ? 6.446   -10.441 8.769   1.00 10.97 ? 95  GLY A CA  1 
ATOM   709  C  C   . GLY A 1 94  ? 5.682   -10.053 7.548   1.00 10.64 ? 95  GLY A C   1 
ATOM   710  O  O   . GLY A 1 94  ? 6.282   -9.429  6.685   1.00 11.61 ? 95  GLY A O   1 
ATOM   711  N  N   . GLU A 1 95  ? 4.420   -10.350 7.474   1.00 9.72  ? 96  GLU A N   1 
ATOM   712  C  CA  . GLU A 1 95  ? 3.607   -10.071 6.350   1.00 10.20 ? 96  GLU A CA  1 
ATOM   713  C  C   . GLU A 1 95  ? 2.344   -9.326  6.711   1.00 9.90  ? 96  GLU A C   1 
ATOM   714  O  O   . GLU A 1 95  ? 1.863   -9.320  7.830   1.00 10.65 ? 96  GLU A O   1 
ATOM   715  C  CB  . GLU A 1 95  ? 3.271   -11.403 5.626   1.00 12.16 ? 96  GLU A CB  1 
ATOM   716  C  CG  . GLU A 1 95  ? 4.461   -12.187 5.148   1.00 13.48 ? 96  GLU A CG  1 
ATOM   717  C  CD  . GLU A 1 95  ? 4.082   -13.246 4.060   1.00 15.43 ? 96  GLU A CD  1 
ATOM   718  O  OE1 . GLU A 1 95  ? 2.983   -13.648 3.998   1.00 18.01 ? 96  GLU A OE1 1 
ATOM   719  O  OE2 . GLU A 1 95  ? 5.055   -13.506 3.395   1.00 14.34 ? 96  GLU A OE2 1 
ATOM   720  N  N   . ALA A 1 96  ? 1.720   -8.777  5.645   1.00 9.52  ? 97  ALA A N   1 
ATOM   721  C  CA  . ALA A 1 96  ? 0.378   -8.233  5.768   1.00 9.31  ? 97  ALA A CA  1 
ATOM   722  C  C   . ALA A 1 96  ? -0.331  -8.427  4.458   1.00 8.79  ? 97  ALA A C   1 
ATOM   723  O  O   . ALA A 1 96  ? 0.259   -8.179  3.406   1.00 10.14 ? 97  ALA A O   1 
ATOM   724  C  CB  . ALA A 1 96  ? 0.429   -6.767  6.194   1.00 10.34 ? 97  ALA A CB  1 
ATOM   725  N  N   . THR A 1 97  ? -1.570  -8.838  4.507   1.00 9.45  ? 98  THR A N   1 
ATOM   726  C  CA  . THR A 1 97  ? -2.358  -9.077  3.332   1.00 9.41  ? 98  THR A CA  1 
ATOM   727  C  C   . THR A 1 97  ? -3.289  -7.922  3.097   1.00 9.69  ? 98  THR A C   1 
ATOM   728  O  O   . THR A 1 97  ? -3.960  -7.432  3.997   1.00 10.88 ? 98  THR A O   1 
ATOM   729  C  CB  . THR A 1 97  ? -3.193  -10.341 3.479   1.00 10.75 ? 98  THR A CB  1 
ATOM   730  O  OG1 . THR A 1 97  ? -2.316  -11.476 3.665   1.00 12.21 ? 98  THR A OG1 1 
ATOM   731  C  CG2 . THR A 1 97  ? -4.064  -10.623 2.267   1.00 11.78 ? 98  THR A CG2 1 
ATOM   732  N  N   . PHE A 1 98  ? -3.362  -7.465  1.881   1.00 9.42  ? 99  PHE A N   1 
ATOM   733  C  CA  . PHE A 1 98  ? -4.239  -6.385  1.373   1.00 9.00  ? 99  PHE A CA  1 
ATOM   734  C  C   . PHE A 1 98  ? -5.177  -6.865  0.331   1.00 8.80  ? 99  PHE A C   1 
ATOM   735  O  O   . PHE A 1 98  ? -4.833  -7.754  -0.446  1.00 10.54 ? 99  PHE A O   1 
ATOM   736  C  CB  . PHE A 1 98  ? -3.371  -5.236  0.785   1.00 9.49  ? 99  PHE A CB  1 
ATOM   737  C  CG  . PHE A 1 98  ? -2.480  -4.619  1.834   1.00 9.68  ? 99  PHE A CG  1 
ATOM   738  C  CD1 . PHE A 1 98  ? -1.246  -5.219  2.168   1.00 10.25 ? 99  PHE A CD1 1 
ATOM   739  C  CD2 . PHE A 1 98  ? -2.816  -3.466  2.467   1.00 9.31  ? 99  PHE A CD2 1 
ATOM   740  C  CE1 . PHE A 1 98  ? -0.465  -4.688  3.187   1.00 10.97 ? 99  PHE A CE1 1 
ATOM   741  C  CE2 . PHE A 1 98  ? -2.016  -2.945  3.473   1.00 9.68  ? 99  PHE A CE2 1 
ATOM   742  C  CZ  . PHE A 1 98  ? -0.843  -3.553  3.837   1.00 9.88  ? 99  PHE A CZ  1 
ATOM   743  N  N   . THR A 1 99  ? -6.344  -6.273  0.334   1.00 9.81  ? 100 THR A N   1 
ATOM   744  C  CA  . THR A 1 99  ? -7.363  -6.519  -0.696  1.00 10.21 ? 100 THR A CA  1 
ATOM   745  C  C   . THR A 1 99  ? -7.443  -5.355  -1.620  1.00 10.74 ? 100 THR A C   1 
ATOM   746  O  O   . THR A 1 99  ? -7.596  -4.186  -1.162  1.00 11.61 ? 100 THR A O   1 
ATOM   747  C  CB  . THR A 1 99  ? -8.733  -6.782  -0.092  1.00 11.21 ? 100 THR A CB  1 
ATOM   748  O  OG1 . THR A 1 99  ? -8.631  -8.034  0.647   1.00 13.64 ? 100 THR A OG1 1 
ATOM   749  C  CG2 . THR A 1 99  ? -9.792  -7.011  -1.158  1.00 13.24 ? 100 THR A CG2 1 
ATOM   750  N  N   . LEU A 1 100 ? -7.263  -5.543  -2.871  1.00 9.58  ? 101 LEU A N   1 
ATOM   751  C  CA  . LEU A 1 100 ? -7.308  -4.611  -3.939  1.00 9.07  ? 101 LEU A CA  1 
ATOM   752  C  C   . LEU A 1 100 ? -8.554  -4.759  -4.749  1.00 9.03  ? 101 LEU A C   1 
ATOM   753  O  O   . LEU A 1 100 ? -8.925  -5.857  -5.153  1.00 10.02 ? 101 LEU A O   1 
ATOM   754  C  CB  . LEU A 1 100 ? -6.111  -4.706  -4.873  1.00 10.52 ? 101 LEU A CB  1 
ATOM   755  C  CG  . LEU A 1 100 ? -4.711  -4.497  -4.224  1.00 10.08 ? 101 LEU A CG  1 
ATOM   756  C  CD1 . LEU A 1 100 ? -4.189  -5.840  -3.683  1.00 11.43 ? 101 LEU A CD1 1 
ATOM   757  C  CD2 . LEU A 1 100 ? -3.738  -3.895  -5.185  1.00 10.29 ? 101 LEU A CD2 1 
ATOM   758  N  N   . VAL A 1 101 ? -9.290  -3.691  -4.974  1.00 9.36  ? 102 VAL A N   1 
ATOM   759  C  CA  . VAL A 1 101 ? -10.467 -3.646  -5.830  1.00 9.68  ? 102 VAL A CA  1 
ATOM   760  C  C   . VAL A 1 101 ? -10.171 -2.684  -6.960  1.00 9.83  ? 102 VAL A C   1 
ATOM   761  O  O   . VAL A 1 101 ? -9.883  -1.478  -6.681  1.00 9.55  ? 102 VAL A O   1 
ATOM   762  C  CB  . VAL A 1 101 ? -11.703 -3.262  -5.062  1.00 10.85 ? 102 VAL A CB  1 
ATOM   763  C  CG1 . VAL A 1 101 ? -12.920 -3.165  -6.025  1.00 11.07 ? 102 VAL A CG1 1 
ATOM   764  C  CG2 . VAL A 1 101 ? -12.001 -4.157  -3.863  1.00 11.35 ? 102 VAL A CG2 1 
ATOM   765  N  N   . THR A 1 102 ? -10.116 -3.192  -8.155  1.00 10.02 ? 103 THR A N   1 
ATOM   766  C  CA  . THR A 1 102 ? -9.737  -2.394  -9.331  1.00 9.72  ? 103 THR A CA  1 
ATOM   767  C  C   . THR A 1 102 ? -10.870 -2.281  -10.278 1.00 9.69  ? 103 THR A C   1 
ATOM   768  O  O   . THR A 1 102 ? -11.591 -3.212  -10.522 1.00 10.25 ? 103 THR A O   1 
ATOM   769  C  CB  . THR A 1 102 ? -8.468  -2.853  -9.987  1.00 10.43 ? 103 THR A CB  1 
ATOM   770  O  OG1 . THR A 1 102 ? -8.616  -4.242  -10.336 1.00 11.23 ? 103 THR A OG1 1 
ATOM   771  C  CG2 . THR A 1 102 ? -7.255  -2.739  -9.053  1.00 10.72 ? 103 THR A CG2 1 
ATOM   772  N  N   . ASP A 1 103 ? -11.028 -1.126  -10.881 1.00 9.18  ? 104 ASP A N   1 
ATOM   773  C  CA  . ASP A 1 103 ? -12.034 -0.805  -11.881 1.00 10.63 ? 104 ASP A CA  1 
ATOM   774  C  C   . ASP A 1 103 ? -11.330 0.123   -12.896 1.00 9.36  ? 104 ASP A C   1 
ATOM   775  O  O   . ASP A 1 103 ? -11.116 1.311   -12.653 1.00 10.33 ? 104 ASP A O   1 
ATOM   776  C  CB  . ASP A 1 103 ? -13.255 -0.115  -11.226 1.00 10.78 ? 104 ASP A CB  1 
ATOM   777  C  CG  . ASP A 1 103 ? -14.256 0.299   -12.228 1.00 14.82 ? 104 ASP A CG  1 
ATOM   778  O  OD1 . ASP A 1 103 ? -14.070 0.238   -13.434 1.00 18.24 ? 104 ASP A OD1 1 
ATOM   779  O  OD2 . ASP A 1 103 ? -15.255 0.895   -11.707 1.00 21.23 ? 104 ASP A OD2 1 
ATOM   780  N  N   . TYR A 1 104 ? -10.838 -0.449  -13.964 1.00 9.23  ? 105 TYR A N   1 
ATOM   781  C  CA  . TYR A 1 104 ? -10.052 0.209   -14.976 1.00 9.98  ? 105 TYR A CA  1 
ATOM   782  C  C   . TYR A 1 104 ? -10.885 0.306   -16.242 1.00 11.07 ? 105 TYR A C   1 
ATOM   783  O  O   . TYR A 1 104 ? -11.372 -0.745  -16.704 1.00 12.43 ? 105 TYR A O   1 
ATOM   784  C  CB  . TYR A 1 104 ? -8.742  -0.535  -15.243 1.00 9.83  ? 105 TYR A CB  1 
ATOM   785  C  CG  . TYR A 1 104 ? -7.626  -0.512  -14.222 1.00 9.00  ? 105 TYR A CG  1 
ATOM   786  C  CD1 . TYR A 1 104 ? -7.856  -0.187  -12.878 1.00 9.87  ? 105 TYR A CD1 1 
ATOM   787  C  CD2 . TYR A 1 104 ? -6.317  -0.842  -14.583 1.00 9.65  ? 105 TYR A CD2 1 
ATOM   788  C  CE1 . TYR A 1 104 ? -6.827  -0.212  -11.934 1.00 8.67  ? 105 TYR A CE1 1 
ATOM   789  C  CE2 . TYR A 1 104 ? -5.311  -0.847  -13.673 1.00 9.30  ? 105 TYR A CE2 1 
ATOM   790  C  CZ  . TYR A 1 104 ? -5.569  -0.576  -12.326 1.00 8.91  ? 105 TYR A CZ  1 
ATOM   791  O  OH  . TYR A 1 104 ? -4.570  -0.574  -11.361 1.00 9.29  ? 105 TYR A OH  1 
ATOM   792  N  N   . GLN A 1 105 ? -11.036 1.441   -16.853 1.00 9.90  ? 106 GLN A N   1 
ATOM   793  C  CA  . GLN A 1 105 ? -11.809 1.520   -18.127 1.00 9.36  ? 106 GLN A CA  1 
ATOM   794  C  C   . GLN A 1 105 ? -11.093 0.807   -19.208 1.00 11.32 ? 106 GLN A C   1 
ATOM   795  O  O   . GLN A 1 105 ? -11.689 0.095   -20.015 1.00 12.24 ? 106 GLN A O   1 
ATOM   796  C  CB  . GLN A 1 105 ? -12.063 2.933   -18.490 1.00 10.77 ? 106 GLN A CB  1 
ATOM   797  C  CG  . GLN A 1 105 ? -12.841 3.080   -19.825 1.00 12.68 ? 106 GLN A CG  1 
ATOM   798  C  CD  . GLN A 1 105 ? -12.957 4.502   -20.207 1.00 14.46 ? 106 GLN A CD  1 
ATOM   799  O  OE1 . GLN A 1 105 ? -12.225 4.917   -21.170 1.00 21.71 ? 106 GLN A OE1 1 
ATOM   800  N  NE2 . GLN A 1 105 ? -13.682 5.197   -19.551 1.00 12.75 ? 106 GLN A NE2 1 
ATOM   801  N  N   . GLY A 1 106 ? -9.769  0.936   -19.271 1.00 11.31 ? 107 GLY A N   1 
ATOM   802  C  CA  . GLY A 1 106 ? -8.850  0.208   -20.129 1.00 13.03 ? 107 GLY A CA  1 
ATOM   803  C  C   . GLY A 1 106 ? -7.690  -0.364  -19.399 1.00 16.00 ? 107 GLY A C   1 
ATOM   804  O  O   . GLY A 1 106 ? -7.360  0.188   -18.315 1.00 13.53 ? 107 GLY A O   1 
ATOM   805  N  N   . ALA A 1 107 ? -7.101  -1.532  -19.779 1.00 16.70 ? 108 ALA A N   1 
ATOM   806  C  CA  . ALA A 1 107 ? -6.039  -2.212  -18.922 1.00 17.75 ? 108 ALA A CA  1 
ATOM   807  C  C   . ALA A 1 107 ? -5.047  -2.992  -19.846 1.00 21.28 ? 108 ALA A C   1 
ATOM   808  O  O   . ALA A 1 107 ? -4.704  -4.217  -19.467 1.00 28.47 ? 108 ALA A O   1 
ATOM   809  C  CB  . ALA A 1 107 ? -6.532  -3.062  -17.851 1.00 21.07 ? 108 ALA A CB  1 
ATOM   810  N  N   . VAL A 1 108 ? -4.453  -2.240  -20.784 1.00 16.90 ? 109 VAL A N   1 
ATOM   811  C  CA  . VAL A 1 108 ? -3.330  -2.840  -21.643 1.00 17.56 ? 109 VAL A CA  1 
ATOM   812  C  C   . VAL A 1 108 ? -2.000  -2.492  -20.995 1.00 15.22 ? 109 VAL A C   1 
ATOM   813  O  O   . VAL A 1 108 ? -1.629  -1.349  -20.895 1.00 16.00 ? 109 VAL A O   1 
ATOM   814  C  CB  . VAL A 1 108 ? -3.332  -2.204  -23.054 1.00 20.83 ? 109 VAL A CB  1 
ATOM   815  C  CG1 . VAL A 1 108 ? -2.229  -2.791  -23.974 1.00 21.05 ? 109 VAL A CG1 1 
ATOM   816  C  CG2 . VAL A 1 108 ? -4.717  -2.386  -23.771 1.00 23.63 ? 109 VAL A CG2 1 
ATOM   817  N  N   . ASP A 1 109 ? -1.275  -3.495  -20.581 1.00 12.53 ? 110 ASP A N   1 
ATOM   818  C  CA  . ASP A 1 109 ? 0.028   -3.315  -19.869 1.00 11.30 ? 110 ASP A CA  1 
ATOM   819  C  C   . ASP A 1 109 ? -0.100  -2.228  -18.765 1.00 11.25 ? 110 ASP A C   1 
ATOM   820  O  O   . ASP A 1 109 ? 0.645   -1.296  -18.726 1.00 11.83 ? 110 ASP A O   1 
ATOM   821  C  CB  . ASP A 1 109 ? 1.153   -2.941  -20.868 1.00 12.51 ? 110 ASP A CB  1 
ATOM   822  C  CG  . ASP A 1 109 ? 1.391   -4.101  -21.871 1.00 13.47 ? 110 ASP A CG  1 
ATOM   823  O  OD1 . ASP A 1 109 ? 1.587   -5.174  -21.331 1.00 14.56 ? 110 ASP A OD1 1 
ATOM   824  O  OD2 . ASP A 1 109 ? 1.362   -3.860  -23.105 1.00 15.99 ? 110 ASP A OD2 1 
ATOM   825  N  N   . PRO A 1 110 ? -1.063  -2.389  -17.876 1.00 10.34 ? 111 PRO A N   1 
ATOM   826  C  CA  . PRO A 1 110 ? -1.254  -1.348  -16.895 1.00 10.82 ? 111 PRO A CA  1 
ATOM   827  C  C   . PRO A 1 110 ? -0.022  -1.157  -16.004 1.00 10.40 ? 111 PRO A C   1 
ATOM   828  O  O   . PRO A 1 110 ? 0.544   -2.142  -15.570 1.00 12.31 ? 111 PRO A O   1 
ATOM   829  C  CB  . PRO A 1 110 ? -2.426  -1.899  -16.094 1.00 13.27 ? 111 PRO A CB  1 
ATOM   830  C  CG  . PRO A 1 110 ? -2.430  -3.313  -16.370 1.00 14.27 ? 111 PRO A CG  1 
ATOM   831  C  CD  . PRO A 1 110 ? -1.955  -3.485  -17.710 1.00 12.66 ? 111 PRO A CD  1 
ATOM   832  N  N   . LYS A 1 111 ? 0.308   0.099   -15.761 1.00 9.71  ? 112 LYS A N   1 
ATOM   833  C  CA  . LYS A 1 111 ? 1.439   0.377   -14.876 1.00 10.32 ? 112 LYS A CA  1 
ATOM   834  C  C   . LYS A 1 111 ? 1.041   0.192   -13.420 1.00 8.99  ? 112 LYS A C   1 
ATOM   835  O  O   . LYS A 1 111 ? -0.096  0.594   -13.042 1.00 9.31  ? 112 LYS A O   1 
ATOM   836  C  CB  . LYS A 1 111 ? 1.963   1.758   -15.075 1.00 11.00 ? 112 LYS A CB  1 
ATOM   837  C  CG  . LYS A 1 111 ? 2.422   1.984   -16.528 1.00 13.83 ? 112 LYS A CG  1 
ATOM   838  C  CD  . LYS A 1 111 ? 3.038   3.297   -16.716 1.00 16.65 ? 112 LYS A CD  1 
ATOM   839  C  CE  . LYS A 1 111 ? 3.512   3.524   -18.167 1.00 22.16 ? 112 LYS A CE  1 
ATOM   840  N  NZ  . LYS A 1 111 ? 2.361   3.720   -19.089 1.00 26.23 ? 112 LYS A NZ  1 
ATOM   841  N  N   . PRO A 1 112 ? 1.849   -0.335  -12.571 1.00 8.95  ? 113 PRO A N   1 
ATOM   842  C  CA  . PRO A 1 112 ? 1.482   -0.525  -11.170 1.00 8.92  ? 113 PRO A CA  1 
ATOM   843  C  C   . PRO A 1 112 ? 1.242   0.796   -10.459 1.00 8.50  ? 113 PRO A C   1 
ATOM   844  O  O   . PRO A 1 112 ? 1.864   1.816   -10.749 1.00 9.34  ? 113 PRO A O   1 
ATOM   845  C  CB  . PRO A 1 112 ? 2.651   -1.234  -10.551 1.00 10.40 ? 113 PRO A CB  1 
ATOM   846  C  CG  . PRO A 1 112 ? 3.383   -1.897  -11.738 1.00 14.23 ? 113 PRO A CG  1 
ATOM   847  C  CD  . PRO A 1 112 ? 3.151   -1.026  -12.898 1.00 11.08 ? 113 PRO A CD  1 
ATOM   848  N  N   . TYR A 1 113 ? 0.300   0.756   -9.526  1.00 7.83  ? 114 TYR A N   1 
ATOM   849  C  CA  . TYR A 1 113 ? 0.245   1.794   -8.503  1.00 7.46  ? 114 TYR A CA  1 
ATOM   850  C  C   . TYR A 1 113 ? 1.250   1.445   -7.444  1.00 7.57  ? 114 TYR A C   1 
ATOM   851  O  O   . TYR A 1 113 ? 1.733   0.284   -7.320  1.00 8.67  ? 114 TYR A O   1 
ATOM   852  C  CB  . TYR A 1 113 ? -1.177  1.922   -7.993  1.00 8.36  ? 114 TYR A CB  1 
ATOM   853  C  CG  . TYR A 1 113 ? -2.082  2.629   -9.005  1.00 8.00  ? 114 TYR A CG  1 
ATOM   854  C  CD1 . TYR A 1 113 ? -1.771  3.938   -9.383  1.00 7.50  ? 114 TYR A CD1 1 
ATOM   855  C  CD2 . TYR A 1 113 ? -3.201  2.053   -9.518  1.00 8.73  ? 114 TYR A CD2 1 
ATOM   856  C  CE1 . TYR A 1 113 ? -2.581  4.662   -10.302 1.00 7.55  ? 114 TYR A CE1 1 
ATOM   857  C  CE2 . TYR A 1 113 ? -4.028  2.740   -10.440 1.00 7.67  ? 114 TYR A CE2 1 
ATOM   858  C  CZ  . TYR A 1 113 ? -3.680  4.024   -10.820 1.00 7.77  ? 114 TYR A CZ  1 
ATOM   859  O  OH  . TYR A 1 113 ? -4.437  4.745   -11.693 1.00 9.45  ? 114 TYR A OH  1 
ATOM   860  N  N   . GLN A 1 114 ? 1.629   2.448   -6.634  1.00 7.51  ? 115 GLN A N   1 
ATOM   861  C  CA  . GLN A 1 114 ? 2.887   2.456   -5.841  1.00 7.50  ? 115 GLN A CA  1 
ATOM   862  C  C   . GLN A 1 114 ? 2.619   2.833   -4.424  1.00 7.89  ? 115 GLN A C   1 
ATOM   863  O  O   . GLN A 1 114 ? 1.774   3.672   -4.121  1.00 7.78  ? 115 GLN A O   1 
ATOM   864  C  CB  . GLN A 1 114 ? 3.827   3.477   -6.482  1.00 8.12  ? 115 GLN A CB  1 
ATOM   865  C  CG  . GLN A 1 114 ? 4.204   3.117   -7.952  1.00 8.43  ? 115 GLN A CG  1 
ATOM   866  C  CD  . GLN A 1 114 ? 4.553   4.335   -8.733  1.00 8.78  ? 115 GLN A CD  1 
ATOM   867  O  OE1 . GLN A 1 114 ? 3.770   5.306   -8.852  1.00 9.12  ? 115 GLN A OE1 1 
ATOM   868  N  NE2 . GLN A 1 114 ? 5.703   4.366   -9.364  1.00 10.29 ? 115 GLN A NE2 1 
ATOM   869  N  N   . TYR A 1 115 ? 3.342   2.233   -3.509  1.00 7.85  ? 116 TYR A N   1 
ATOM   870  C  CA  . TYR A 1 115 ? 3.169   2.432   -2.105  1.00 8.19  ? 116 TYR A CA  1 
ATOM   871  C  C   . TYR A 1 115 ? 4.479   2.642   -1.383  1.00 7.90  ? 116 TYR A C   1 
ATOM   872  O  O   . TYR A 1 115 ? 5.556   2.256   -1.842  1.00 7.98  ? 116 TYR A O   1 
ATOM   873  C  CB  . TYR A 1 115 ? 2.382   1.263   -1.465  1.00 8.93  ? 116 TYR A CB  1 
ATOM   874  C  CG  . TYR A 1 115 ? 3.164   -0.020  -1.398  1.00 9.41  ? 116 TYR A CG  1 
ATOM   875  C  CD1 . TYR A 1 115 ? 4.152   -0.239  -0.458  1.00 9.18  ? 116 TYR A CD1 1 
ATOM   876  C  CD2 . TYR A 1 115 ? 2.854   -1.066  -2.278  1.00 9.19  ? 116 TYR A CD2 1 
ATOM   877  C  CE1 . TYR A 1 115 ? 4.792   -1.508  -0.423  1.00 9.32  ? 116 TYR A CE1 1 
ATOM   878  C  CE2 . TYR A 1 115 ? 3.533   -2.229  -2.309  1.00 10.64 ? 116 TYR A CE2 1 
ATOM   879  C  CZ  . TYR A 1 115 ? 4.486   -2.450  -1.348  1.00 9.81  ? 116 TYR A CZ  1 
ATOM   880  O  OH  . TYR A 1 115 ? 5.184   -3.675  -1.365  1.00 13.35 ? 116 TYR A OH  1 
ATOM   881  N  N   . ARG A 1 116 ? 4.393   3.334   -0.225  1.00 8.55  ? 117 ARG A N   1 
ATOM   882  C  CA  . ARG A 1 116 ? 5.525   3.644   0.680   1.00 7.76  ? 117 ARG A CA  1 
ATOM   883  C  C   . ARG A 1 116 ? 5.151   3.188   2.065   1.00 8.85  ? 117 ARG A C   1 
ATOM   884  O  O   . ARG A 1 116 ? 4.071   3.556   2.550   1.00 9.31  ? 117 ARG A O   1 
ATOM   885  C  CB  . ARG A 1 116 ? 5.834   5.121   0.609   1.00 8.25  ? 117 ARG A CB  1 
ATOM   886  C  CG  . ARG A 1 116 ? 6.992   5.506   1.531   1.00 9.69  ? 117 ARG A CG  1 
ATOM   887  C  CD  . ARG A 1 116 ? 7.240   7.032   1.484   1.00 9.89  ? 117 ARG A CD  1 
ATOM   888  N  NE  . ARG A 1 116 ? 7.451   7.531   0.145   1.00 10.69 ? 117 ARG A NE  1 
ATOM   889  C  CZ  . ARG A 1 116 ? 8.517   7.360   -0.595  1.00 11.32 ? 117 ARG A CZ  1 
ATOM   890  N  NH1 . ARG A 1 116 ? 9.601   6.800   -0.130  1.00 11.58 ? 117 ARG A NH1 1 
ATOM   891  N  NH2 . ARG A 1 116 ? 8.498   7.894   -1.823  1.00 11.68 ? 117 ARG A NH2 1 
ATOM   892  N  N   . ILE A 1 117 ? 6.023   2.472   2.696   1.00 9.17  ? 118 ILE A N   1 
ATOM   893  C  CA  . ILE A 1 117 ? 5.797   2.028   4.089   1.00 9.59  ? 118 ILE A CA  1 
ATOM   894  C  C   . ILE A 1 117 ? 6.639   2.815   5.010   1.00 9.45  ? 118 ILE A C   1 
ATOM   895  O  O   . ILE A 1 117 ? 7.857   3.076   4.749   1.00 11.42 ? 118 ILE A O   1 
ATOM   896  C  CB  . ILE A 1 117 ? 6.064   0.528   4.229   1.00 11.83 ? 118 ILE A CB  1 
ATOM   897  C  CG1 . ILE A 1 117 ? 4.971   -0.241  3.470   1.00 14.26 ? 118 ILE A CG1 1 
ATOM   898  C  CG2 . ILE A 1 117 ? 6.101   0.121   5.714   1.00 12.57 ? 118 ILE A CG2 1 
ATOM   899  C  CD1 . ILE A 1 117 ? 5.113   -1.728  3.399   1.00 16.67 ? 118 ILE A CD1 1 
ATOM   900  N  N   . ILE A 1 118 ? 6.013   3.365   6.044   1.00 9.02  ? 119 ILE A N   1 
ATOM   901  C  CA  . ILE A 1 118 ? 6.647   4.173   7.073   1.00 9.10  ? 119 ILE A CA  1 
ATOM   902  C  C   . ILE A 1 118 ? 6.725   3.368   8.342   1.00 8.63  ? 119 ILE A C   1 
ATOM   903  O  O   . ILE A 1 118 ? 5.675   2.848   8.865   1.00 8.97  ? 119 ILE A O   1 
ATOM   904  C  CB  . ILE A 1 118 ? 5.952   5.469   7.338   1.00 10.86 ? 119 ILE A CB  1 
ATOM   905  C  CG1 . ILE A 1 118 ? 5.969   6.276   6.033   1.00 13.99 ? 119 ILE A CG1 1 
ATOM   906  C  CG2 . ILE A 1 118 ? 6.601   6.257   8.452   1.00 12.03 ? 119 ILE A CG2 1 
ATOM   907  C  CD1 . ILE A 1 118 ? 5.003   7.400   6.059   1.00 22.52 ? 119 ILE A CD1 1 
ATOM   908  N  N   . ARG A 1 119 ? 7.927   3.240   8.947   1.00 9.19  ? 120 ARG A N   1 
ATOM   909  C  CA  . ARG A 1 119 ? 8.157   2.512   10.167  1.00 9.84  ? 120 ARG A CA  1 
ATOM   910  C  C   . ARG A 1 119 ? 8.833   3.384   11.192  1.00 9.61  ? 120 ARG A C   1 
ATOM   911  O  O   . ARG A 1 119 ? 9.903   3.949   10.903  1.00 10.24 ? 120 ARG A O   1 
ATOM   912  C  CB  . ARG A 1 119 ? 9.121   1.326   9.870   1.00 10.07 ? 120 ARG A CB  1 
ATOM   913  C  CG  . ARG A 1 119 ? 9.483   0.518   11.084  1.00 11.62 ? 120 ARG A CG  1 
ATOM   914  C  CD  . ARG A 1 119 ? 10.587  -0.477  10.738  1.00 13.27 ? 120 ARG A CD  1 
ATOM   915  N  NE  . ARG A 1 119 ? 11.234  -1.046  11.905  1.00 13.75 ? 120 ARG A NE  1 
ATOM   916  C  CZ  . ARG A 1 119 ? 12.471  -1.522  11.944  1.00 14.19 ? 120 ARG A CZ  1 
ATOM   917  N  NH1 . ARG A 1 119 ? 12.893  -1.932  13.104  1.00 15.84 ? 120 ARG A NH1 1 
ATOM   918  N  NH2 . ARG A 1 119 ? 13.200  -1.462  10.820  1.00 15.67 ? 120 ARG A NH2 1 
ATOM   919  N  N   . ALA A 1 120 ? 8.248   3.587   12.353  1.00 9.39  ? 121 ALA A N   1 
ATOM   920  C  CA  . ALA A 1 120 ? 8.944   4.224   13.513  1.00 10.98 ? 121 ALA A CA  1 
ATOM   921  C  C   . ALA A 1 120 ? 9.935   3.187   14.096  1.00 10.77 ? 121 ALA A C   1 
ATOM   922  O  O   . ALA A 1 120 ? 9.531   2.095   14.491  1.00 12.46 ? 121 ALA A O   1 
ATOM   923  C  CB  . ALA A 1 120 ? 7.928   4.621   14.571  1.00 10.63 ? 121 ALA A CB  1 
ATOM   924  N  N   . ILE A 1 121 ? 11.199  3.568   14.088  1.00 10.60 ? 122 ILE A N   1 
ATOM   925  C  CA  . ILE A 1 121 ? 12.266  2.746   14.659  1.00 12.27 ? 122 ILE A CA  1 
ATOM   926  C  C   . ILE A 1 121 ? 12.461  3.170   16.133  1.00 10.36 ? 122 ILE A C   1 
ATOM   927  O  O   . ILE A 1 121 ? 13.071  4.225   16.352  1.00 11.66 ? 122 ILE A O   1 
ATOM   928  C  CB  . ILE A 1 121 ? 13.513  2.825   13.818  1.00 12.80 ? 122 ILE A CB  1 
ATOM   929  C  CG1 . ILE A 1 121 ? 13.172  2.267   12.411  1.00 15.09 ? 122 ILE A CG1 1 
ATOM   930  C  CG2 . ILE A 1 121 ? 14.590  1.921   14.479  1.00 15.83 ? 122 ILE A CG2 1 
ATOM   931  C  CD1 . ILE A 1 121 ? 14.313  2.327   11.435  1.00 18.03 ? 122 ILE A CD1 1 
ATOM   932  N  N   . VAL A 1 122 ? 11.846  2.456   17.003  1.00 10.73 ? 123 VAL A N   1 
ATOM   933  C  CA  . VAL A 1 122 ? 11.805  2.819   18.439  1.00 12.68 ? 123 VAL A CA  1 
ATOM   934  C  C   . VAL A 1 122 ? 11.400  1.606   19.182  1.00 12.82 ? 123 VAL A C   1 
ATOM   935  O  O   . VAL A 1 122 ? 10.689  0.736   18.652  1.00 13.17 ? 123 VAL A O   1 
ATOM   936  C  CB  . VAL A 1 122 ? 10.829  3.995   18.632  1.00 12.33 ? 123 VAL A CB  1 
ATOM   937  C  CG1 . VAL A 1 122 ? 9.377   3.572   18.364  1.00 14.16 ? 123 VAL A CG1 1 
ATOM   938  C  CG2 . VAL A 1 122 ? 10.994  4.576   20.069  1.00 13.91 ? 123 VAL A CG2 1 
ATOM   939  N  N   . GLY A 1 123 ? 11.926  1.419   20.392  1.00 13.85 ? 124 GLY A N   1 
ATOM   940  C  CA  . GLY A 1 123 ? 11.688  0.176   21.086  1.00 14.67 ? 124 GLY A CA  1 
ATOM   941  C  C   . GLY A 1 123 ? 12.143  -1.044  20.297  1.00 13.42 ? 124 GLY A C   1 
ATOM   942  O  O   . GLY A 1 123 ? 13.202  -1.054  19.735  1.00 14.34 ? 124 GLY A O   1 
ATOM   943  N  N   . ASN A 1 124 ? 11.284  -2.011  20.207  1.00 14.90 ? 125 ASN A N   1 
ATOM   944  C  CA  . ASN A 1 124 ? 11.462  -3.130  19.321  1.00 15.16 ? 125 ASN A CA  1 
ATOM   945  C  C   . ASN A 1 124 ? 10.668  -3.077  17.998  1.00 15.64 ? 125 ASN A C   1 
ATOM   946  O  O   . ASN A 1 124 ? 10.623  -4.030  17.238  1.00 17.04 ? 125 ASN A O   1 
ATOM   947  C  CB  . ASN A 1 124 ? 11.105  -4.402  20.067  1.00 19.98 ? 125 ASN A CB  1 
ATOM   948  C  CG  . ASN A 1 124 ? 12.085  -4.666  21.193  1.00 24.50 ? 125 ASN A CG  1 
ATOM   949  O  OD1 . ASN A 1 124 ? 13.296  -4.651  20.999  1.00 27.95 ? 125 ASN A OD1 1 
ATOM   950  N  ND2 . ASN A 1 124 ? 11.535  -4.849  22.321  1.00 29.99 ? 125 ASN A ND2 1 
ATOM   951  N  N   . ASN A 1 125 ? 10.104  -1.922  17.724  1.00 13.58 ? 126 ASN A N   1 
ATOM   952  C  CA  . ASN A 1 125 ? 9.326   -1.756  16.464  1.00 13.74 ? 126 ASN A CA  1 
ATOM   953  C  C   . ASN A 1 125 ? 10.153  -1.663  15.237  1.00 17.76 ? 126 ASN A C   1 
ATOM   954  O  O   . ASN A 1 125 ? 11.296  -1.118  15.363  1.00 18.64 ? 126 ASN A O   1 
ATOM   955  C  CB  . ASN A 1 125 ? 8.524   -0.445  16.516  1.00 12.35 ? 126 ASN A CB  1 
ATOM   956  C  CG  . ASN A 1 125 ? 7.329   -0.563  15.554  1.00 10.25 ? 126 ASN A CG  1 
ATOM   957  O  OD1 . ASN A 1 125 ? 6.478   -1.397  15.756  1.00 11.14 ? 126 ASN A OD1 1 
ATOM   958  N  ND2 . ASN A 1 125 ? 7.320   0.259   14.533  1.00 10.78 ? 126 ASN A ND2 1 
HETATM 959  ZN ZN  . ZN  B 2 .   ? 4.314   -14.850 2.066   0.43 12.23 ? 201 ZN  A ZN  1 
HETATM 960  ZN ZN  . ZN  C 2 .   ? -8.241  -4.972  18.464  0.50 9.44  ? 202 ZN  A ZN  1 
HETATM 961  ZN ZN  . ZN  D 2 .   ? 1.890   -6.647  -22.776 0.42 11.23 ? 203 ZN  A ZN  1 
HETATM 962  O  O   . HOH E 3 .   ? 11.028  8.571   -11.259 1.00 15.56 ? 301 HOH A O   1 
HETATM 963  O  O   . HOH E 3 .   ? -15.464 0.354   -14.970 1.00 33.89 ? 302 HOH A O   1 
HETATM 964  O  O   . HOH E 3 .   ? -8.267  11.827  1.489   1.00 21.73 ? 303 HOH A O   1 
HETATM 965  O  O   . HOH E 3 .   ? -16.424 2.720   -12.506 1.00 22.76 ? 304 HOH A O   1 
HETATM 966  O  O   . HOH E 3 .   ? 16.756  4.189   4.572   1.00 19.25 ? 305 HOH A O   1 
HETATM 967  O  O   . HOH E 3 .   ? 13.238  4.488   25.886  1.00 32.54 ? 306 HOH A O   1 
HETATM 968  O  O   . HOH E 3 .   ? 9.688   9.471   -13.097 1.00 38.59 ? 307 HOH A O   1 
HETATM 969  O  O   . HOH E 3 .   ? -8.985  13.691  0.506   1.00 22.25 ? 308 HOH A O   1 
HETATM 970  O  O   . HOH E 3 .   ? -7.292  12.637  -19.882 1.00 29.38 ? 309 HOH A O   1 
HETATM 971  O  O   . HOH E 3 .   ? 7.272   -4.333  0.069   1.00 20.90 ? 310 HOH A O   1 
HETATM 972  O  O   . HOH E 3 .   ? 2.533   -14.905 1.220   1.00 17.32 ? 311 HOH A O   1 
HETATM 973  O  O   . HOH E 3 .   ? -11.344 -7.504  -18.606 1.00 18.77 ? 312 HOH A O   1 
HETATM 974  O  O   . HOH E 3 .   ? 1.307   -15.216 11.033  1.00 27.76 ? 313 HOH A O   1 
HETATM 975  O  O   . HOH E 3 .   ? -9.760  5.112   0.105   1.00 21.27 ? 314 HOH A O   1 
HETATM 976  O  O   . HOH E 3 .   ? -10.884 4.653   -4.422  1.00 13.76 ? 315 HOH A O   1 
HETATM 977  O  O   . HOH E 3 .   ? -13.889 -1.081  -15.742 1.00 20.33 ? 316 HOH A O   1 
HETATM 978  O  O   . HOH E 3 .   ? -3.795  4.348   -22.342 1.00 25.24 ? 317 HOH A O   1 
HETATM 979  O  O   . HOH E 3 .   ? -9.052  -3.840  -12.937 1.00 13.01 ? 318 HOH A O   1 
HETATM 980  O  O   . HOH E 3 .   ? -2.086  -1.173  -12.128 1.00 9.49  ? 319 HOH A O   1 
HETATM 981  O  O   . HOH E 3 .   ? 5.227   -5.030  -3.663  1.00 21.65 ? 320 HOH A O   1 
HETATM 982  O  O   . HOH E 3 .   ? 9.258   -3.487  -1.483  1.00 21.59 ? 321 HOH A O   1 
HETATM 983  O  O   . HOH E 3 .   ? -9.609  13.793  -7.125  1.00 20.28 ? 322 HOH A O   1 
HETATM 984  O  O   . HOH E 3 .   ? -2.342  9.949   1.772   1.00 10.18 ? 323 HOH A O   1 
HETATM 985  O  O   . HOH E 3 .   ? -14.905 -6.532  -4.212  1.00 23.69 ? 324 HOH A O   1 
HETATM 986  O  O   . HOH E 3 .   ? 3.908   -17.675 13.737  1.00 28.75 ? 325 HOH A O   1 
HETATM 987  O  O   . HOH E 3 .   ? 0.975   -14.002 5.751   1.00 16.06 ? 326 HOH A O   1 
HETATM 988  O  O   . HOH E 3 .   ? -1.449  -15.332 2.861   1.00 26.11 ? 327 HOH A O   1 
HETATM 989  O  O   . HOH E 3 .   ? 13.376  3.917   -1.442  1.00 29.80 ? 328 HOH A O   1 
HETATM 990  O  O   . HOH E 3 .   ? 1.582   -4.457  -16.487 1.00 24.15 ? 329 HOH A O   1 
HETATM 991  O  O   . HOH E 3 .   ? -6.676  -14.165 -2.318  1.00 37.10 ? 330 HOH A O   1 
HETATM 992  O  O   . HOH E 3 .   ? 10.222  -10.543 7.821   1.00 18.16 ? 331 HOH A O   1 
HETATM 993  O  O   . HOH E 3 .   ? -4.970  -11.562 -12.094 1.00 21.58 ? 332 HOH A O   1 
HETATM 994  O  O   . HOH E 3 .   ? -0.881  -12.020 5.890   1.00 22.46 ? 333 HOH A O   1 
HETATM 995  O  O   . HOH E 3 .   ? -7.163  12.284  2.992   1.00 26.03 ? 334 HOH A O   1 
HETATM 996  O  O   . HOH E 3 .   ? -1.972  -12.593 9.044   1.00 16.14 ? 335 HOH A O   1 
HETATM 997  O  O   . HOH E 3 .   ? 15.633  5.124   15.743  1.00 16.05 ? 336 HOH A O   1 
HETATM 998  O  O   . HOH E 3 .   ? 16.937  5.644   11.258  1.00 13.83 ? 337 HOH A O   1 
HETATM 999  O  O   . HOH E 3 .   ? 10.083  1.705   5.456   1.00 19.26 ? 338 HOH A O   1 
HETATM 1000 O  O   . HOH E 3 .   ? -10.072 -10.200 -0.119  1.00 27.89 ? 339 HOH A O   1 
HETATM 1001 O  O   . HOH E 3 .   ? 7.606   1.273   -6.115  1.00 16.43 ? 340 HOH A O   1 
HETATM 1002 O  O   . HOH E 3 .   ? -11.543 0.708   -6.821  1.00 13.91 ? 341 HOH A O   1 
HETATM 1003 O  O   . HOH E 3 .   ? 1.433   -9.314  14.821  1.00 20.76 ? 342 HOH A O   1 
HETATM 1004 O  O   . HOH E 3 .   ? -10.303 -3.375  -0.562  1.00 19.85 ? 343 HOH A O   1 
HETATM 1005 O  O   . HOH E 3 .   ? 9.317   4.915   -7.763  1.00 21.83 ? 344 HOH A O   1 
HETATM 1006 O  O   . HOH E 3 .   ? 12.880  -7.346  18.156  1.00 36.46 ? 345 HOH A O   1 
HETATM 1007 O  O   . HOH E 3 .   ? 6.601   1.583   -10.095 1.00 25.06 ? 346 HOH A O   1 
HETATM 1008 O  O   . HOH E 3 .   ? 15.655  13.168  21.496  1.00 36.85 ? 347 HOH A O   1 
HETATM 1009 O  O   . HOH E 3 .   ? -12.643 3.449   -13.818 1.00 18.30 ? 348 HOH A O   1 
HETATM 1010 O  O   . HOH E 3 .   ? -9.552  -5.787  3.660   1.00 19.69 ? 349 HOH A O   1 
HETATM 1011 O  O   . HOH E 3 .   ? -3.015  -13.099 -0.209  1.00 22.47 ? 350 HOH A O   1 
HETATM 1012 O  O   . HOH E 3 .   ? 4.621   -1.283  20.052  1.00 24.69 ? 351 HOH A O   1 
HETATM 1013 O  O   . HOH E 3 .   ? 6.148   -2.382  18.290  1.00 22.43 ? 352 HOH A O   1 
HETATM 1014 O  O   . HOH E 3 .   ? -0.625  -8.591  -13.383 1.00 13.79 ? 353 HOH A O   1 
HETATM 1015 O  O   . HOH E 3 .   ? -1.478  -9.644  -6.030  1.00 17.92 ? 354 HOH A O   1 
HETATM 1016 O  O   . HOH E 3 .   ? -8.680  -5.775  8.608   1.00 16.98 ? 355 HOH A O   1 
HETATM 1017 O  O   . HOH E 3 .   ? -0.699  6.912   -21.273 1.00 25.55 ? 356 HOH A O   1 
HETATM 1018 O  O   . HOH E 3 .   ? -15.568 4.301   -4.653  1.00 38.51 ? 357 HOH A O   1 
HETATM 1019 O  O   . HOH E 3 .   ? -15.449 4.182   -17.703 1.00 20.84 ? 358 HOH A O   1 
HETATM 1020 O  O   . HOH E 3 .   ? -9.963  -3.530  11.611  1.00 28.87 ? 359 HOH A O   1 
HETATM 1021 O  O   . HOH E 3 .   ? 4.249   2.240   -12.062 1.00 16.58 ? 360 HOH A O   1 
HETATM 1022 O  O   . HOH E 3 .   ? -1.327  2.145   -16.914 1.00 11.69 ? 361 HOH A O   1 
HETATM 1023 O  O   . HOH E 3 .   ? 13.400  0.725   4.005   1.00 26.04 ? 362 HOH A O   1 
HETATM 1024 O  O   . HOH E 3 .   ? -7.763  -8.610  -19.825 1.00 26.39 ? 363 HOH A O   1 
HETATM 1025 O  O   . HOH E 3 .   ? 8.268   -5.935  16.088  1.00 15.12 ? 364 HOH A O   1 
HETATM 1026 O  O   . HOH E 3 .   ? -4.328  -3.149  17.565  1.00 26.91 ? 365 HOH A O   1 
HETATM 1027 O  O   . HOH E 3 .   ? 1.148   5.071   -7.901  1.00 8.32  ? 366 HOH A O   1 
HETATM 1028 O  O   . HOH E 3 .   ? -7.088  -12.627 -16.284 1.00 18.67 ? 367 HOH A O   1 
HETATM 1029 O  O   . HOH E 3 .   ? -1.240  -1.786  -9.571  1.00 9.53  ? 368 HOH A O   1 
HETATM 1030 O  O   . HOH E 3 .   ? -1.612  -7.364  -15.671 1.00 16.54 ? 369 HOH A O   1 
HETATM 1031 O  O   . HOH E 3 .   ? -14.219 -6.659  -8.484  1.00 24.65 ? 370 HOH A O   1 
HETATM 1032 O  O   . HOH E 3 .   ? -7.577  -1.431  5.973   1.00 12.12 ? 371 HOH A O   1 
HETATM 1033 O  O   . HOH E 3 .   ? 8.177   -4.986  2.588   1.00 22.88 ? 372 HOH A O   1 
HETATM 1034 O  O   . HOH E 3 .   ? 13.509  -0.615  16.967  1.00 21.12 ? 373 HOH A O   1 
HETATM 1035 O  O   . HOH E 3 .   ? -14.031 -4.010  -9.455  1.00 17.47 ? 374 HOH A O   1 
HETATM 1036 O  O   . HOH E 3 .   ? 8.464   -11.939 6.041   1.00 19.13 ? 375 HOH A O   1 
HETATM 1037 O  O   . HOH E 3 .   ? 8.148   -15.815 12.227  1.00 28.64 ? 376 HOH A O   1 
HETATM 1038 O  O   . HOH E 3 .   ? 12.598  -0.688  8.216   1.00 25.71 ? 377 HOH A O   1 
HETATM 1039 O  O   . HOH E 3 .   ? -14.585 7.775   -20.079 1.00 20.93 ? 378 HOH A O   1 
HETATM 1040 O  O   . HOH E 3 .   ? 3.991   -7.926  -2.260  1.00 18.70 ? 379 HOH A O   1 
HETATM 1041 O  O   . HOH E 3 .   ? 10.017  -8.913  15.448  1.00 18.97 ? 380 HOH A O   1 
HETATM 1042 O  O   . HOH E 3 .   ? 2.702   0.213   -19.841 1.00 29.16 ? 381 HOH A O   1 
HETATM 1043 O  O   . HOH E 3 .   ? -11.184 10.356  -8.730  1.00 14.69 ? 382 HOH A O   1 
HETATM 1044 O  O   . HOH E 3 .   ? -4.390  -11.759 6.659   1.00 22.38 ? 383 HOH A O   1 
HETATM 1045 O  O   . HOH E 3 .   ? -1.184  -8.709  11.646  1.00 15.43 ? 384 HOH A O   1 
HETATM 1046 O  O   . HOH E 3 .   ? 19.678  1.143   21.625  1.00 33.03 ? 385 HOH A O   1 
HETATM 1047 O  O   . HOH E 3 .   ? -2.984  -7.885  13.553  1.00 19.89 ? 386 HOH A O   1 
HETATM 1048 O  O   . HOH E 3 .   ? -0.682  10.517  -19.774 1.00 15.64 ? 387 HOH A O   1 
HETATM 1049 O  O   . HOH E 3 .   ? -10.568 3.253   -22.701 1.00 25.58 ? 388 HOH A O   1 
HETATM 1050 O  O   . HOH E 3 .   ? -8.855  10.619  -20.594 1.00 34.54 ? 389 HOH A O   1 
HETATM 1051 O  O   . HOH E 3 .   ? 3.251   9.892   -0.742  1.00 10.52 ? 390 HOH A O   1 
HETATM 1052 O  O   . HOH E 3 .   ? -10.435 7.954   -21.616 1.00 38.03 ? 391 HOH A O   1 
HETATM 1053 O  O   . HOH E 3 .   ? -0.108  4.461   -17.724 1.00 14.67 ? 392 HOH A O   1 
HETATM 1054 O  O   . HOH E 3 .   ? -1.803  -6.212  -21.092 1.00 26.62 ? 393 HOH A O   1 
HETATM 1055 O  O   . HOH E 3 .   ? -4.366  -10.620 11.126  1.00 16.00 ? 394 HOH A O   1 
HETATM 1056 O  O   . HOH E 3 .   ? 1.663   -1.271  -24.173 1.00 25.70 ? 395 HOH A O   1 
HETATM 1057 O  O   . HOH E 3 .   ? -10.928 -4.673  14.896  1.00 27.97 ? 396 HOH A O   1 
HETATM 1058 O  O   . HOH E 3 .   ? 4.304   -12.010 -1.041  1.00 17.10 ? 397 HOH A O   1 
HETATM 1059 O  O   . HOH E 3 .   ? -3.816  8.140   12.164  1.00 13.65 ? 398 HOH A O   1 
HETATM 1060 O  O   . HOH E 3 .   ? -12.269 0.921   0.894   1.00 24.13 ? 399 HOH A O   1 
HETATM 1061 O  O   . HOH E 3 .   ? 4.572   -6.025  -7.250  1.00 19.43 ? 400 HOH A O   1 
HETATM 1062 O  O   . HOH E 3 .   ? -7.275  6.136   6.062   1.00 20.44 ? 401 HOH A O   1 
HETATM 1063 O  O   . HOH E 3 .   ? 8.602   -1.820  21.087  1.00 29.71 ? 402 HOH A O   1 
HETATM 1064 O  O   . HOH E 3 .   ? -3.523  -9.424  -10.823 1.00 19.89 ? 403 HOH A O   1 
HETATM 1065 O  O   . HOH E 3 .   ? 15.984  7.667   9.688   1.00 16.79 ? 404 HOH A O   1 
HETATM 1066 O  O   . HOH E 3 .   ? 2.771   -12.616 17.167  1.00 37.06 ? 405 HOH A O   1 
HETATM 1067 O  O   . HOH E 3 .   ? -12.405 15.819  -13.108 1.00 38.63 ? 406 HOH A O   1 
HETATM 1068 O  O   . HOH E 3 .   ? -9.505  -2.454  7.629   1.00 18.10 ? 407 HOH A O   1 
HETATM 1069 O  O   . HOH E 3 .   ? -8.302  -1.296  15.017  1.00 14.17 ? 408 HOH A O   1 
HETATM 1070 O  O   . HOH E 3 .   ? 6.679   -13.525 15.483  1.00 25.19 ? 409 HOH A O   1 
HETATM 1071 O  O   . HOH E 3 .   ? -11.034 -1.315  -22.398 1.00 22.17 ? 410 HOH A O   1 
HETATM 1072 O  O   . HOH E 3 .   ? -2.793  13.576  -16.736 1.00 28.77 ? 411 HOH A O   1 
HETATM 1073 O  O   . HOH E 3 .   ? -3.164  -4.254  12.153  1.00 14.70 ? 412 HOH A O   1 
HETATM 1074 O  O   . HOH E 3 .   ? -9.988  -6.340  12.730  1.00 19.40 ? 413 HOH A O   1 
HETATM 1075 O  O   . HOH E 3 .   ? -2.944  0.783   -19.486 1.00 19.46 ? 414 HOH A O   1 
HETATM 1076 O  O   . HOH E 3 .   ? -17.388 0.071   -16.014 1.00 17.21 ? 415 HOH A O   1 
HETATM 1077 O  O   . HOH E 3 .   ? 9.393   -13.470 2.055   1.00 43.02 ? 416 HOH A O   1 
HETATM 1078 O  O   . HOH E 3 .   ? -3.124  -13.154 -4.568  1.00 27.70 ? 417 HOH A O   1 
HETATM 1079 O  O   . HOH E 3 .   ? 12.404  6.478   -0.742  1.00 29.48 ? 418 HOH A O   1 
HETATM 1080 O  O   . HOH E 3 .   ? 8.210   -9.651  17.693  1.00 30.15 ? 419 HOH A O   1 
HETATM 1081 O  O   . HOH E 3 .   ? 5.553   4.275   -13.190 1.00 19.15 ? 420 HOH A O   1 
HETATM 1082 O  O   . HOH E 3 .   ? 7.419   -3.946  -5.762  1.00 23.31 ? 421 HOH A O   1 
HETATM 1083 O  O   . HOH E 3 .   ? -15.660 1.885   -9.006  1.00 32.88 ? 422 HOH A O   1 
HETATM 1084 O  O   . HOH E 3 .   ? -9.744  6.093   -6.470  1.00 12.71 ? 423 HOH A O   1 
HETATM 1085 O  O   . HOH E 3 .   ? -3.833  -2.195  -8.783  1.00 13.42 ? 424 HOH A O   1 
HETATM 1086 O  O   . HOH E 3 .   ? -7.604  8.216   -23.230 1.00 36.14 ? 425 HOH A O   1 
HETATM 1087 O  O   . HOH E 3 .   ? -0.596  7.858   -13.021 1.00 10.01 ? 426 HOH A O   1 
HETATM 1088 O  O   . HOH E 3 .   ? -6.303  -12.300 4.647   1.00 27.97 ? 427 HOH A O   1 
HETATM 1089 O  O   . HOH E 3 .   ? 13.407  10.040  10.760  1.00 15.69 ? 428 HOH A O   1 
HETATM 1090 O  O   . HOH E 3 .   ? 0.050   1.239   12.954  1.00 14.53 ? 429 HOH A O   1 
HETATM 1091 O  O   . HOH E 3 .   ? -5.640  -12.629 -5.339  1.00 21.64 ? 430 HOH A O   1 
HETATM 1092 O  O   . HOH E 3 .   ? 0.197   -13.141 13.431  1.00 23.47 ? 431 HOH A O   1 
HETATM 1093 O  O   . HOH E 3 .   ? 15.052  -3.686  14.054  1.00 32.34 ? 432 HOH A O   1 
HETATM 1094 O  O   . HOH E 3 .   ? 10.192  -3.723  8.731   1.00 17.27 ? 433 HOH A O   1 
HETATM 1095 O  O   . HOH E 3 .   ? -15.260 6.679   -8.538  1.00 38.39 ? 434 HOH A O   1 
HETATM 1096 O  O   . HOH E 3 .   ? 0.660   -12.003 -2.767  1.00 15.53 ? 435 HOH A O   1 
HETATM 1097 O  O   . HOH E 3 .   ? 16.062  1.431   4.322   1.00 25.36 ? 436 HOH A O   1 
HETATM 1098 O  O   . HOH E 3 .   ? -10.722 0.406   7.800   1.00 21.91 ? 437 HOH A O   1 
HETATM 1099 O  O   . HOH E 3 .   ? -11.262 0.148   5.374   1.00 26.95 ? 438 HOH A O   1 
HETATM 1100 O  O   . HOH E 3 .   ? 11.961  -0.594  -1.018  1.00 22.96 ? 439 HOH A O   1 
HETATM 1101 O  O   . HOH E 3 .   ? 9.328   -0.435  -9.815  1.00 33.77 ? 440 HOH A O   1 
HETATM 1102 O  O   . HOH E 3 .   ? -13.375 -7.194  -16.235 1.00 14.12 ? 441 HOH A O   1 
HETATM 1103 O  O   . HOH E 3 .   ? -12.102 -10.544 -9.341  1.00 18.17 ? 442 HOH A O   1 
HETATM 1104 O  O   . HOH E 3 .   ? -10.166 -8.513  7.712   1.00 40.28 ? 443 HOH A O   1 
HETATM 1105 O  O   . HOH E 3 .   ? 18.765  3.763   21.312  1.00 25.14 ? 444 HOH A O   1 
HETATM 1106 O  O   . HOH E 3 .   ? 5.386   5.757   -15.548 1.00 16.32 ? 445 HOH A O   1 
HETATM 1107 O  O   . HOH E 3 .   ? 15.176  7.819   25.802  1.00 31.06 ? 446 HOH A O   1 
HETATM 1108 O  O   . HOH E 3 .   ? 6.358   -4.519  -10.478 1.00 29.91 ? 447 HOH A O   1 
HETATM 1109 O  O   . HOH E 3 .   ? -8.313  -2.158  -22.465 1.00 24.62 ? 448 HOH A O   1 
HETATM 1110 O  O   . HOH E 3 .   ? 10.374  -4.678  3.979   1.00 30.17 ? 449 HOH A O   1 
HETATM 1111 O  O   . HOH E 3 .   ? -14.277 -9.163  -10.988 1.00 32.23 ? 450 HOH A O   1 
HETATM 1112 O  O   . HOH E 3 .   ? -3.326  -14.136 4.695   1.00 38.99 ? 451 HOH A O   1 
HETATM 1113 O  O   . HOH E 3 .   ? 12.647  -7.130  8.056   1.00 42.26 ? 452 HOH A O   1 
HETATM 1114 O  O   . HOH E 3 .   ? 6.383   -7.281  -0.444  1.00 19.28 ? 453 HOH A O   1 
HETATM 1115 O  O   . HOH E 3 .   ? 3.293   -4.534  -18.875 1.00 28.03 ? 454 HOH A O   1 
HETATM 1116 O  O   . HOH E 3 .   ? 9.999   -7.940  0.508   1.00 42.31 ? 455 HOH A O   1 
HETATM 1117 O  O   . HOH E 3 .   ? -10.572 -4.415  6.076   1.00 24.87 ? 456 HOH A O   1 
HETATM 1118 O  O   . HOH E 3 .   ? -9.163  7.001   2.466   1.00 39.22 ? 457 HOH A O   1 
HETATM 1119 O  O   . HOH E 3 .   ? -11.974 10.668  -15.322 1.00 23.25 ? 458 HOH A O   1 
HETATM 1120 O  O   . HOH E 3 .   ? 11.697  -1.221  -4.008  1.00 39.09 ? 459 HOH A O   1 
HETATM 1121 O  O   . HOH E 3 .   ? 8.881   5.184   -10.481 1.00 35.50 ? 460 HOH A O   1 
HETATM 1122 O  O   . HOH E 3 .   ? -0.769  1.448   -19.540 1.00 35.00 ? 461 HOH A O   1 
HETATM 1123 O  O   . HOH E 3 .   ? 10.632  5.860   -11.751 1.00 51.88 ? 462 HOH A O   1 
HETATM 1124 O  O   . HOH E 3 .   ? 21.321  6.294   18.573  1.00 35.78 ? 463 HOH A O   1 
HETATM 1125 O  O   . HOH E 3 .   ? 10.661  -2.769  6.064   1.00 35.53 ? 464 HOH A O   1 
HETATM 1126 O  O   . HOH E 3 .   ? 10.139  -0.781  6.933   1.00 30.99 ? 465 HOH A O   1 
HETATM 1127 O  O   . HOH E 3 .   ? -6.178  -11.787 9.126   1.00 39.11 ? 466 HOH A O   1 
HETATM 1128 O  O   . HOH E 3 .   ? -6.669  -12.295 -9.773  1.00 29.91 ? 467 HOH A O   1 
HETATM 1129 O  O   . HOH E 3 .   ? 16.170  4.116   8.952   1.00 21.26 ? 468 HOH A O   1 
HETATM 1130 O  O   . HOH E 3 .   ? 18.722  8.987   16.403  1.00 41.01 ? 469 HOH A O   1 
HETATM 1131 O  O   . HOH E 3 .   ? 6.785   8.256   -14.620 1.00 26.45 ? 470 HOH A O   1 
HETATM 1132 O  O   . HOH E 3 .   ? -2.704  -3.253  14.987  1.00 27.88 ? 471 HOH A O   1 
HETATM 1133 O  O   . HOH E 3 .   ? -9.188  -12.355 1.255   1.00 35.24 ? 472 HOH A O   1 
HETATM 1134 O  O   . HOH E 3 .   ? -8.995  7.884   0.257   1.00 46.08 ? 473 HOH A O   1 
HETATM 1135 O  O   . HOH E 3 .   ? -8.028  5.913   8.770   1.00 24.67 ? 474 HOH A O   1 
HETATM 1136 O  O   . HOH E 3 .   ? 10.172  -13.232 9.004   1.00 45.83 ? 475 HOH A O   1 
HETATM 1137 O  O   . HOH E 3 .   ? 13.610  -9.260  16.067  1.00 53.33 ? 476 HOH A O   1 
HETATM 1138 O  O   . HOH E 3 .   ? -2.522  7.727   -23.266 1.00 39.97 ? 477 HOH A O   1 
HETATM 1139 O  O   . HOH E 3 .   ? 5.088   -14.080 17.063  1.00 50.66 ? 478 HOH A O   1 
HETATM 1140 O  O   . HOH E 3 .   ? 9.060   6.777   -13.806 1.00 54.73 ? 479 HOH A O   1 
HETATM 1141 O  O   . HOH E 3 .   ? 16.855  -0.398  5.651   1.00 38.87 ? 480 HOH A O   1 
HETATM 1142 O  O   . HOH E 3 .   ? 12.904  -4.700  9.216   1.00 29.66 ? 481 HOH A O   1 
HETATM 1143 O  O   . HOH E 3 .   ? -1.646  -0.886  13.789  1.00 27.58 ? 482 HOH A O   1 
HETATM 1144 O  O   . HOH E 3 .   ? -8.404  9.706   3.135   1.00 35.21 ? 483 HOH A O   1 
HETATM 1145 O  O   . HOH E 3 .   ? 12.767  -10.084 6.440   1.00 44.36 ? 484 HOH A O   1 
HETATM 1146 O  O   . HOH E 3 .   ? -9.922  -11.339 -3.153  1.00 34.34 ? 485 HOH A O   1 
HETATM 1147 O  O   . HOH E 3 .   ? 13.785  -1.561  5.787   1.00 42.34 ? 486 HOH A O   1 
HETATM 1148 O  O   . HOH E 3 .   ? -10.236 -9.501  5.702   1.00 43.20 ? 487 HOH A O   1 
HETATM 1149 O  O   . HOH E 3 .   ? -13.513 5.601   -4.002  1.00 30.75 ? 488 HOH A O   1 
HETATM 1150 O  O   . HOH E 3 .   ? -1.491  -13.624 -2.510  1.00 24.45 ? 489 HOH A O   1 
HETATM 1151 O  O   . HOH E 3 .   ? 3.588   -9.681  -4.514  1.00 30.52 ? 490 HOH A O   1 
HETATM 1152 O  O   . HOH E 3 .   ? 18.133  4.261   16.332  1.00 27.12 ? 491 HOH A O   1 
HETATM 1153 O  O   . HOH E 3 .   ? 7.008   -5.003  18.384  1.00 35.95 ? 492 HOH A O   1 
HETATM 1154 O  O   . HOH E 3 .   ? -8.512  -12.504 5.984   1.00 40.27 ? 493 HOH A O   1 
HETATM 1155 O  O   . HOH E 3 .   ? -2.767  -13.684 7.002   1.00 10.44 ? 494 HOH A O   1 
HETATM 1156 O  O   . HOH E 3 .   ? -14.191 0.256   -7.104  1.00 22.34 ? 495 HOH A O   1 
HETATM 1157 O  O   . HOH E 3 .   ? -8.370  -13.295 -3.375  1.00 46.00 ? 496 HOH A O   1 
HETATM 1158 O  O   . HOH E 3 .   ? -14.606 0.393   -4.623  1.00 40.82 ? 497 HOH A O   1 
HETATM 1159 O  O   . HOH E 3 .   ? -0.168  -16.212 6.987   1.00 38.34 ? 498 HOH A O   1 
HETATM 1160 O  O   . HOH E 3 .   ? -11.906 -6.952  2.602   1.00 36.42 ? 499 HOH A O   1 
HETATM 1161 O  O   . HOH E 3 .   ? 12.553  11.766  24.670  1.00 45.57 ? 500 HOH A O   1 
HETATM 1162 O  O   . HOH E 3 .   ? -12.584 -5.151  -0.176  1.00 27.89 ? 501 HOH A O   1 
HETATM 1163 O  O   . HOH E 3 .   ? 3.936   -5.588  -9.989  1.00 20.55 ? 502 HOH A O   1 
HETATM 1164 O  O   . HOH E 3 .   ? -10.704 -5.280  10.274  1.00 28.30 ? 503 HOH A O   1 
HETATM 1165 O  O   . HOH E 3 .   ? 8.125   -5.372  -3.599  1.00 38.59 ? 504 HOH A O   1 
HETATM 1166 O  O   . HOH E 3 .   ? 22.502  6.191   20.893  1.00 37.82 ? 505 HOH A O   1 
HETATM 1167 O  O   . HOH E 3 .   ? 9.845   -0.263  -6.261  1.00 31.82 ? 506 HOH A O   1 
HETATM 1168 O  O   . HOH E 3 .   ? -7.420  8.761   5.135   1.00 32.16 ? 507 HOH A O   1 
HETATM 1169 O  O   . HOH E 3 .   ? 9.376   -12.539 15.627  1.00 43.96 ? 508 HOH A O   1 
HETATM 1170 O  O   . HOH E 3 .   ? 15.822  -1.687  15.994  1.00 31.21 ? 509 HOH A O   1 
HETATM 1171 O  O   . HOH E 3 .   ? -5.029  5.402   -24.568 1.00 41.62 ? 510 HOH A O   1 
HETATM 1172 O  O   . HOH E 3 .   ? 0.179   -6.361  -17.501 1.00 22.36 ? 511 HOH A O   1 
HETATM 1173 O  O   . HOH E 3 .   ? -13.104 0.800   3.338   1.00 33.22 ? 512 HOH A O   1 
HETATM 1174 O  O   . HOH E 3 .   ? -10.735 -6.677  8.734   1.00 31.13 ? 513 HOH A O   1 
HETATM 1175 O  O   . HOH E 3 .   ? -12.790 -7.377  -20.595 1.00 39.24 ? 514 HOH A O   1 
HETATM 1176 O  O   . HOH E 3 .   ? -0.629  -10.716 15.437  1.00 35.84 ? 515 HOH A O   1 
HETATM 1177 O  O   . HOH E 3 .   ? -13.125 8.125   -5.657  1.00 38.72 ? 516 HOH A O   1 
HETATM 1178 O  O   . HOH E 3 .   ? -12.379 -2.533  5.188   1.00 39.60 ? 517 HOH A O   1 
HETATM 1179 O  O   . HOH E 3 .   ? -12.106 -1.342  -1.003  1.00 28.04 ? 518 HOH A O   1 
HETATM 1180 O  O   . HOH E 3 .   ? -13.975 2.917   -0.466  1.00 34.12 ? 519 HOH A O   1 
HETATM 1181 O  O   . HOH E 3 .   ? -12.038 -0.383  10.021  1.00 30.44 ? 520 HOH A O   1 
HETATM 1182 O  O   . HOH E 3 .   ? 3.780   2.790   -23.017 1.00 42.16 ? 521 HOH A O   1 
HETATM 1183 O  O   . HOH E 3 .   ? -10.640 -2.202  13.781  1.00 19.51 ? 522 HOH A O   1 
HETATM 1184 O  O   . HOH E 3 .   ? -3.976  -14.190 -12.625 1.00 22.67 ? 523 HOH A O   1 
HETATM 1185 O  O   . HOH E 3 .   ? 5.717   -17.292 15.699  1.00 46.98 ? 524 HOH A O   1 
HETATM 1186 O  O   . HOH E 3 .   ? -13.378 7.156   -9.992  1.00 26.11 ? 525 HOH A O   1 
HETATM 1187 O  O   . HOH E 3 .   ? -10.742 5.028   8.582   1.00 37.80 ? 526 HOH A O   1 
HETATM 1188 O  O   . HOH E 3 .   ? -2.053  -13.678 11.643  1.00 29.66 ? 527 HOH A O   1 
HETATM 1189 O  O   . HOH E 3 .   ? 5.912   -11.212 -3.147  1.00 29.95 ? 528 HOH A O   1 
HETATM 1190 O  O   . HOH E 3 .   ? -13.925 5.082   -12.013 1.00 27.97 ? 529 HOH A O   1 
HETATM 1191 O  O   . HOH E 3 .   ? 10.721  -13.347 5.121   1.00 36.92 ? 530 HOH A O   1 
HETATM 1192 O  O   . HOH E 3 .   ? 1.006   -10.873 -5.186  1.00 18.51 ? 531 HOH A O   1 
HETATM 1193 O  O   . HOH E 3 .   ? 10.275  -14.621 11.177  1.00 29.78 ? 532 HOH A O   1 
HETATM 1194 O  O   . HOH E 3 .   ? 12.037  6.395   -4.050  1.00 50.03 ? 533 HOH A O   1 
HETATM 1195 O  O   . HOH E 3 .   ? 2.207   0.693   -22.389 1.00 25.90 ? 534 HOH A O   1 
HETATM 1196 O  O   . HOH E 3 .   ? 4.880   -8.596  -6.542  1.00 25.26 ? 535 HOH A O   1 
HETATM 1197 O  O   . HOH E 3 .   ? -2.553  -10.394 -8.437  1.00 18.47 ? 536 HOH A O   1 
HETATM 1198 O  O   . HOH E 3 .   ? -11.496 7.764   -7.860  1.00 15.59 ? 537 HOH A O   1 
HETATM 1199 O  O   . HOH E 3 .   ? -15.360 -2.003  -8.287  1.00 27.04 ? 538 HOH A O   1 
HETATM 1200 O  O   . HOH E 3 .   ? 14.233  13.483  23.609  1.00 41.08 ? 539 HOH A O   1 
HETATM 1201 O  O   . HOH E 3 .   ? -12.686 9.388   -20.879 1.00 37.24 ? 540 HOH A O   1 
HETATM 1202 O  O   . HOH E 3 .   ? -4.591  -12.298 -7.891  1.00 24.23 ? 541 HOH A O   1 
HETATM 1203 O  O   . HOH E 3 .   ? 3.024   -5.809  -14.554 1.00 30.59 ? 542 HOH A O   1 
HETATM 1204 O  O   . HOH E 3 .   ? -3.531  -11.619 13.394  1.00 32.01 ? 543 HOH A O   1 
HETATM 1205 O  O   . HOH E 3 .   ? -10.563 -10.448 10.654  1.00 41.42 ? 544 HOH A O   1 
HETATM 1206 O  O   . HOH E 3 .   ? -13.187 10.097  -10.575 1.00 26.26 ? 545 HOH A O   1 
HETATM 1207 O  O   . HOH E 3 .   ? 16.431  11.698  12.979  1.00 34.61 ? 546 HOH A O   1 
HETATM 1208 O  O   . HOH E 3 .   ? 11.912  3.728   -7.587  1.00 35.63 ? 547 HOH A O   1 
HETATM 1209 O  O   . HOH E 3 .   ? 16.170  10.174  10.684  1.00 22.83 ? 548 HOH A O   1 
HETATM 1210 O  O   . HOH E 3 .   ? -0.849  -11.344 -12.751 0.50 19.22 ? 549 HOH A O   1 
HETATM 1211 O  O   . HOH E 3 .   ? -14.084 -1.071  -2.874  1.00 37.77 ? 550 HOH A O   1 
HETATM 1212 O  O   . HOH E 3 .   ? -8.418  -14.452 0.035   1.00 46.48 ? 551 HOH A O   1 
HETATM 1213 O  O   . HOH E 3 .   ? -13.725 10.057  -13.779 1.00 31.66 ? 552 HOH A O   1 
HETATM 1214 O  O   . HOH E 3 .   ? -9.182  -6.515  -20.808 1.00 45.65 ? 553 HOH A O   1 
HETATM 1215 O  O   . HOH E 3 .   ? -13.991 -6.907  -1.479  1.00 32.19 ? 554 HOH A O   1 
HETATM 1216 O  O   . HOH E 3 .   ? -3.456  -9.719  15.496  1.00 46.02 ? 555 HOH A O   1 
HETATM 1217 O  O   . HOH E 3 .   ? 2.750   -13.788 -2.422  0.50 17.55 ? 556 HOH A O   1 
HETATM 1218 O  O   . HOH E 3 .   ? 6.596   5.328   -17.936 1.00 27.07 ? 557 HOH A O   1 
HETATM 1219 O  O   . HOH E 3 .   ? 19.398  4.292   18.766  1.00 27.77 ? 558 HOH A O   1 
HETATM 1220 O  O   . HOH E 3 .   ? 18.364  10.846  14.785  1.00 60.27 ? 559 HOH A O   1 
HETATM 1221 O  O   . HOH E 3 .   ? -12.266 11.613  -17.680 1.00 29.69 ? 560 HOH A O   1 
HETATM 1222 O  O   . HOH E 3 .   ? -13.028 -9.415  -0.589  1.00 40.46 ? 561 HOH A O   1 
HETATM 1223 O  O   . HOH E 3 .   ? 20.494  5.223   22.954  1.00 38.65 ? 562 HOH A O   1 
HETATM 1224 O  O   . HOH E 3 .   ? -10.779 -8.854  12.398  1.00 31.51 ? 563 HOH A O   1 
HETATM 1225 O  O   . HOH E 3 .   ? 10.832  -13.571 14.110  1.00 44.01 ? 564 HOH A O   1 
HETATM 1226 O  O   . HOH E 3 .   ? 20.625  0.518   18.768  1.00 37.61 ? 565 HOH A O   1 
HETATM 1227 O  O   . HOH E 3 .   ? -4.192  -14.342 8.050   1.00 35.85 ? 566 HOH A O   1 
HETATM 1228 O  O   . HOH E 3 .   ? 3.673   -7.971  -11.279 1.00 22.83 ? 567 HOH A O   1 
HETATM 1229 O  O   . HOH E 3 .   ? 12.501  4.510   -11.157 1.00 56.07 ? 568 HOH A O   1 
HETATM 1230 O  O   . HOH E 3 .   ? -15.781 -3.565  -3.483  1.00 36.17 ? 569 HOH A O   1 
HETATM 1231 O  O   . HOH E 3 .   ? -1.148  -12.043 -10.113 1.00 28.92 ? 570 HOH A O   1 
HETATM 1232 O  O   . HOH E 3 .   ? 0.308   -13.291 -6.969  1.00 34.34 ? 571 HOH A O   1 
HETATM 1233 O  O   . HOH E 3 .   ? -17.026 -2.853  -6.325  1.00 35.75 ? 572 HOH A O   1 
HETATM 1234 O  O   . HOH E 3 .   ? 3.440   -10.195 -10.146 1.00 29.21 ? 573 HOH A O   1 
HETATM 1235 O  O   . HOH E 3 .   ? -16.434 -7.269  -0.554  1.00 44.86 ? 574 HOH A O   1 
HETATM 1236 O  O   . HOH E 3 .   ? 6.131   -8.336  -12.486 1.00 34.66 ? 575 HOH A O   1 
# 
